data_8OT8
#
_entry.id   8OT8
#
_cell.length_a   56.442
_cell.length_b   109.911
_cell.length_c   296.709
_cell.angle_alpha   90.00
_cell.angle_beta   90.00
_cell.angle_gamma   90.00
#
_symmetry.space_group_name_H-M   'P 21 21 21'
#
loop_
_entity.id
_entity.type
_entity.pdbx_description
1 polymer 'FAD-binding protein'
2 non-polymer 'FLAVIN-ADENINE DINUCLEOTIDE'
3 non-polymer D-XYLULOSE
4 water water
#
_entity_poly.entity_id   1
_entity_poly.type   'polypeptide(L)'
_entity_poly.pdbx_seq_one_letter_code
;MTMRSTNWAGNVVYRASELHRPASLDELRRVVARSPKVRVLGSGHSFNEITDTEGALVSLEALPPEVEIDRATGTARVAA
GLRYGELSARLHAAGYALPNLASLPHICVAGACATGTHGSGDGIGGLAGSVTAVELVTADGDLVTLSRDADPDRFPGAVV
SLGALGAVVTMTLRLEPAFQVRQRVYENLPAEALDDHFDEIMASGYSVSLFTDWRGDRIRQVWVKERVGDPAAGGEEREP
VVAALGATPADGPRHPVPGMPAANCTEQLGVPGPWHERLPHFRLGFTPSSGDELQAEYLLPRRHAVAAFHALAGIADRIA
PVLHISEIRTVAADDLWLSPFHGRNTVAFHFTWKPDEAAVREVLSLMEEVLAPFEPRPHWGKLFAIPPKVLRSRYDRIGD
FRALARELDPSGKFANAFVAHHVLDDE
;
_entity_poly.pdbx_strand_id   A,B,C,D
#
# COMPACT_ATOMS: atom_id res chain seq x y z
N SER A 5 -15.51 11.49 -13.52
CA SER A 5 -14.88 10.39 -14.35
C SER A 5 -14.92 9.04 -13.61
N THR A 6 -14.48 8.97 -12.35
CA THR A 6 -14.31 7.69 -11.60
C THR A 6 -14.76 7.80 -10.13
N ASN A 7 -14.83 6.64 -9.47
CA ASN A 7 -15.02 6.48 -8.00
C ASN A 7 -13.69 6.83 -7.32
N TRP A 8 -13.76 7.29 -6.07
CA TRP A 8 -12.60 7.67 -5.22
C TRP A 8 -11.39 6.74 -5.43
N ALA A 9 -11.59 5.43 -5.45
CA ALA A 9 -10.51 4.42 -5.59
C ALA A 9 -9.99 4.38 -7.02
N GLY A 10 -10.88 4.53 -8.00
CA GLY A 10 -10.52 4.62 -9.43
C GLY A 10 -10.62 3.29 -10.16
N ASN A 11 -11.36 2.33 -9.59
CA ASN A 11 -11.55 0.98 -10.18
C ASN A 11 -12.84 0.96 -11.02
N VAL A 12 -13.77 1.89 -10.73
CA VAL A 12 -15.08 2.06 -11.43
C VAL A 12 -14.99 3.30 -12.32
N VAL A 13 -14.78 3.14 -13.63
CA VAL A 13 -14.84 4.25 -14.61
C VAL A 13 -16.32 4.40 -15.01
N TYR A 14 -16.96 5.49 -14.59
CA TYR A 14 -18.41 5.75 -14.81
C TYR A 14 -18.65 5.79 -16.32
N ARG A 15 -19.72 5.15 -16.79
CA ARG A 15 -20.04 4.97 -18.24
C ARG A 15 -21.19 5.93 -18.59
N ALA A 16 -21.38 6.96 -17.75
CA ALA A 16 -22.40 8.02 -17.90
C ALA A 16 -22.08 8.85 -19.15
N SER A 17 -23.12 9.44 -19.76
CA SER A 17 -23.02 10.37 -20.91
C SER A 17 -22.67 11.76 -20.39
N GLU A 18 -23.30 12.17 -19.28
CA GLU A 18 -23.25 13.56 -18.73
C GLU A 18 -23.12 13.55 -17.21
N LEU A 19 -22.43 14.56 -16.67
CA LEU A 19 -22.35 14.81 -15.21
C LEU A 19 -23.00 16.18 -14.94
N HIS A 20 -24.19 16.21 -14.38
CA HIS A 20 -24.88 17.49 -14.06
C HIS A 20 -24.51 17.91 -12.65
N ARG A 21 -24.29 19.22 -12.47
CA ARG A 21 -24.02 19.88 -11.17
C ARG A 21 -25.04 21.00 -11.01
N PRO A 22 -26.33 20.69 -10.82
CA PRO A 22 -27.34 21.71 -10.50
C PRO A 22 -26.95 22.64 -9.34
N ALA A 23 -27.22 23.93 -9.52
CA ALA A 23 -26.82 25.04 -8.62
C ALA A 23 -28.00 25.48 -7.73
N SER A 24 -29.14 24.79 -7.84
CA SER A 24 -30.39 25.13 -7.12
C SER A 24 -31.33 23.93 -7.12
N LEU A 25 -32.28 23.95 -6.19
CA LEU A 25 -33.34 22.92 -6.12
C LEU A 25 -34.04 22.88 -7.49
N ASP A 26 -34.46 24.07 -7.96
CA ASP A 26 -35.16 24.25 -9.28
C ASP A 26 -34.31 23.64 -10.40
N GLU A 27 -33.00 23.89 -10.42
CA GLU A 27 -32.10 23.43 -11.51
C GLU A 27 -31.97 21.90 -11.48
N LEU A 28 -32.01 21.29 -10.28
CA LEU A 28 -31.97 19.80 -10.10
C LEU A 28 -33.29 19.23 -10.64
N ARG A 29 -34.41 19.73 -10.12
CA ARG A 29 -35.77 19.24 -10.47
C ARG A 29 -35.90 19.18 -12.00
N ARG A 30 -35.27 20.13 -12.69
CA ARG A 30 -35.25 20.19 -14.17
C ARG A 30 -34.42 19.02 -14.71
N VAL A 31 -33.23 18.76 -14.14
CA VAL A 31 -32.26 17.77 -14.68
C VAL A 31 -32.86 16.37 -14.50
N VAL A 32 -33.49 16.11 -13.35
CA VAL A 32 -34.07 14.79 -12.99
C VAL A 32 -35.20 14.52 -13.99
N ALA A 33 -36.15 15.46 -14.03
CA ALA A 33 -37.36 15.44 -14.88
C ALA A 33 -37.00 15.17 -16.35
N ARG A 34 -35.95 15.77 -16.90
CA ARG A 34 -35.74 15.72 -18.36
C ARG A 34 -34.86 14.51 -18.69
N SER A 35 -34.22 13.89 -17.70
CA SER A 35 -33.27 12.77 -17.91
C SER A 35 -34.00 11.44 -17.79
N PRO A 36 -33.94 10.53 -18.79
CA PRO A 36 -34.61 9.24 -18.67
C PRO A 36 -33.96 8.32 -17.60
N LYS A 37 -32.62 8.39 -17.46
CA LYS A 37 -31.79 7.55 -16.54
C LYS A 37 -30.93 8.46 -15.62
N VAL A 38 -31.18 8.43 -14.33
CA VAL A 38 -30.44 9.23 -13.31
C VAL A 38 -29.85 8.28 -12.26
N ARG A 39 -28.59 8.49 -11.88
CA ARG A 39 -28.01 8.05 -10.59
C ARG A 39 -27.29 9.25 -9.93
N VAL A 40 -27.82 9.73 -8.80
CA VAL A 40 -27.16 10.73 -7.91
C VAL A 40 -25.72 10.33 -7.62
N LEU A 41 -24.78 11.27 -7.74
CA LEU A 41 -23.36 11.06 -7.37
C LEU A 41 -23.11 11.87 -6.10
N GLY A 42 -22.81 11.19 -5.00
CA GLY A 42 -22.23 11.82 -3.80
C GLY A 42 -20.71 11.80 -3.88
N SER A 43 -20.09 11.25 -2.83
CA SER A 43 -18.64 11.32 -2.50
C SER A 43 -17.77 10.36 -3.34
N GLY A 44 -18.35 9.33 -3.96
CA GLY A 44 -17.59 8.37 -4.79
C GLY A 44 -16.78 7.41 -3.94
N HIS A 45 -17.14 7.30 -2.66
CA HIS A 45 -16.52 6.35 -1.69
C HIS A 45 -17.27 5.00 -1.71
N SER A 46 -17.67 4.53 -2.89
CA SER A 46 -18.15 3.15 -3.15
C SER A 46 -17.13 2.49 -4.10
N PHE A 47 -17.04 1.15 -4.14
CA PHE A 47 -16.03 0.37 -4.92
C PHE A 47 -16.66 -0.52 -6.00
N ASN A 48 -17.98 -0.70 -5.92
CA ASN A 48 -18.86 -1.41 -6.89
C ASN A 48 -19.51 -0.40 -7.87
N GLU A 49 -20.35 -0.91 -8.77
CA GLU A 49 -21.02 -0.14 -9.85
C GLU A 49 -22.39 0.39 -9.38
N ILE A 50 -22.61 0.54 -8.07
CA ILE A 50 -23.89 1.06 -7.50
C ILE A 50 -24.19 2.45 -8.08
N THR A 51 -23.16 3.28 -8.26
CA THR A 51 -23.29 4.69 -8.66
C THR A 51 -23.18 4.75 -10.19
N ASP A 52 -22.83 3.66 -10.88
CA ASP A 52 -22.65 3.64 -12.35
C ASP A 52 -24.01 3.84 -13.05
N THR A 53 -23.98 4.29 -14.31
CA THR A 53 -25.16 4.57 -15.15
C THR A 53 -24.68 4.98 -16.54
N GLU A 54 -25.43 4.66 -17.58
CA GLU A 54 -25.11 5.00 -18.98
C GLU A 54 -25.73 6.36 -19.31
N GLY A 55 -26.63 6.85 -18.44
CA GLY A 55 -27.30 8.15 -18.57
C GLY A 55 -26.64 9.23 -17.73
N ALA A 56 -27.38 9.79 -16.80
CA ALA A 56 -27.08 11.08 -16.18
C ALA A 56 -26.54 10.86 -14.77
N LEU A 57 -25.26 11.16 -14.55
CA LEU A 57 -24.73 11.40 -13.19
C LEU A 57 -25.18 12.79 -12.71
N VAL A 58 -25.76 12.89 -11.52
CA VAL A 58 -26.21 14.19 -10.95
C VAL A 58 -25.61 14.41 -9.56
N SER A 59 -24.65 15.35 -9.41
CA SER A 59 -24.11 15.78 -8.09
C SER A 59 -25.09 16.73 -7.42
N LEU A 60 -25.11 16.77 -6.09
CA LEU A 60 -25.89 17.80 -5.32
C LEU A 60 -24.96 18.62 -4.45
N GLU A 61 -23.65 18.57 -4.74
CA GLU A 61 -22.57 19.31 -4.03
C GLU A 61 -22.76 20.83 -4.21
N ALA A 62 -23.38 21.27 -5.32
CA ALA A 62 -23.51 22.68 -5.77
C ALA A 62 -24.84 23.32 -5.35
N LEU A 63 -25.72 22.62 -4.65
CA LEU A 63 -26.92 23.24 -4.05
C LEU A 63 -26.47 24.03 -2.83
N PRO A 64 -27.36 24.86 -2.22
CA PRO A 64 -27.07 25.52 -0.95
C PRO A 64 -26.62 24.51 0.10
N PRO A 65 -25.48 24.73 0.80
CA PRO A 65 -25.07 23.87 1.89
C PRO A 65 -25.86 24.26 3.16
N GLU A 66 -27.20 24.17 3.10
CA GLU A 66 -28.09 24.45 4.25
C GLU A 66 -27.66 23.55 5.41
N VAL A 67 -27.62 24.07 6.64
CA VAL A 67 -27.62 23.27 7.90
C VAL A 67 -28.47 24.02 8.92
N GLU A 68 -29.78 23.98 8.81
CA GLU A 68 -30.69 24.75 9.69
C GLU A 68 -30.93 23.92 10.96
N ILE A 69 -30.50 24.39 12.12
CA ILE A 69 -30.70 23.68 13.42
C ILE A 69 -31.95 24.26 14.07
N ASP A 70 -32.92 23.41 14.41
CA ASP A 70 -34.17 23.81 15.13
C ASP A 70 -33.96 23.50 16.60
N ARG A 71 -33.66 24.51 17.41
CA ARG A 71 -33.29 24.35 18.85
C ARG A 71 -34.42 23.66 19.64
N ALA A 72 -35.69 23.92 19.31
CA ALA A 72 -36.88 23.40 20.03
C ALA A 72 -36.99 21.86 19.90
N THR A 73 -36.81 21.31 18.69
CA THR A 73 -36.92 19.84 18.41
C THR A 73 -35.54 19.17 18.47
N GLY A 74 -34.46 19.92 18.68
CA GLY A 74 -33.08 19.37 18.70
C GLY A 74 -32.80 18.54 17.46
N THR A 75 -33.10 19.06 16.27
CA THR A 75 -32.92 18.40 14.96
C THR A 75 -32.33 19.38 13.94
N ALA A 76 -31.43 18.90 13.08
CA ALA A 76 -30.82 19.67 11.97
C ALA A 76 -31.41 19.20 10.64
N ARG A 77 -31.72 20.16 9.76
CA ARG A 77 -32.16 19.97 8.37
C ARG A 77 -30.94 20.27 7.50
N VAL A 78 -30.41 19.31 6.72
CA VAL A 78 -29.05 19.44 6.09
C VAL A 78 -29.03 18.91 4.65
N ALA A 79 -28.21 19.53 3.80
CA ALA A 79 -28.10 19.21 2.37
C ALA A 79 -27.45 17.84 2.18
N ALA A 80 -28.12 16.97 1.46
CA ALA A 80 -27.66 15.62 1.04
C ALA A 80 -26.31 15.62 0.31
N GLY A 81 -25.85 16.73 -0.26
CA GLY A 81 -24.58 16.75 -1.00
C GLY A 81 -23.40 17.01 -0.08
N LEU A 82 -23.72 17.64 1.06
CA LEU A 82 -22.88 17.93 2.24
C LEU A 82 -22.19 16.66 2.75
N ARG A 83 -20.94 16.78 3.18
CA ARG A 83 -20.14 15.65 3.69
C ARG A 83 -20.08 15.72 5.22
N TYR A 84 -19.69 14.61 5.86
CA TYR A 84 -19.82 14.43 7.33
C TYR A 84 -18.83 15.36 8.04
N GLY A 85 -17.67 15.62 7.42
CA GLY A 85 -16.67 16.61 7.87
C GLY A 85 -17.29 17.97 8.13
N GLU A 86 -17.68 18.65 7.06
CA GLU A 86 -18.39 19.95 7.13
C GLU A 86 -19.55 19.83 8.13
N LEU A 87 -20.45 18.88 7.92
CA LEU A 87 -21.74 18.82 8.66
C LEU A 87 -21.42 18.90 10.15
N SER A 88 -20.37 18.17 10.53
CA SER A 88 -19.95 17.91 11.92
C SER A 88 -19.39 19.22 12.52
N ALA A 89 -18.44 19.84 11.82
CA ALA A 89 -17.82 21.14 12.18
C ALA A 89 -18.94 22.13 12.54
N ARG A 90 -19.94 22.26 11.67
CA ARG A 90 -21.06 23.23 11.79
C ARG A 90 -21.98 22.86 12.96
N LEU A 91 -22.36 21.58 13.04
CA LEU A 91 -23.15 21.03 14.16
C LEU A 91 -22.41 21.26 15.49
N HIS A 92 -21.09 21.02 15.50
CA HIS A 92 -20.24 21.09 16.74
C HIS A 92 -20.17 22.53 17.24
N ALA A 93 -19.85 23.47 16.34
CA ALA A 93 -19.77 24.92 16.59
C ALA A 93 -21.05 25.38 17.30
N ALA A 94 -22.20 24.93 16.80
CA ALA A 94 -23.52 25.31 17.32
C ALA A 94 -23.79 24.54 18.61
N GLY A 95 -22.89 23.62 18.97
CA GLY A 95 -22.87 22.91 20.27
C GLY A 95 -23.68 21.63 20.24
N TYR A 96 -23.80 21.03 19.04
CA TYR A 96 -24.59 19.81 18.74
C TYR A 96 -23.66 18.73 18.19
N ALA A 97 -24.04 17.46 18.34
CA ALA A 97 -23.27 16.32 17.77
C ALA A 97 -24.23 15.25 17.25
N LEU A 98 -23.68 14.34 16.45
CA LEU A 98 -24.30 13.04 16.07
C LEU A 98 -23.71 11.91 16.92
N PRO A 99 -24.44 10.79 17.14
CA PRO A 99 -23.95 9.68 17.96
C PRO A 99 -22.73 8.93 17.39
N ASN A 100 -22.56 8.90 16.07
CA ASN A 100 -21.41 8.20 15.46
C ASN A 100 -21.16 8.76 14.08
N LEU A 101 -19.98 8.44 13.54
CA LEU A 101 -19.48 8.82 12.19
C LEU A 101 -18.69 7.67 11.61
N ALA A 102 -18.51 7.63 10.30
CA ALA A 102 -17.71 6.57 9.62
C ALA A 102 -16.22 6.83 9.86
N SER A 103 -15.35 6.05 9.21
CA SER A 103 -13.89 6.07 9.49
C SER A 103 -13.30 7.41 9.05
N LEU A 104 -13.64 7.93 7.85
CA LEU A 104 -13.29 9.35 7.51
C LEU A 104 -14.53 10.19 7.31
N PRO A 105 -14.42 11.52 7.56
CA PRO A 105 -15.56 12.45 7.50
C PRO A 105 -15.91 12.94 6.09
N HIS A 106 -14.96 12.84 5.15
CA HIS A 106 -15.08 13.35 3.76
C HIS A 106 -15.92 12.39 2.92
N ILE A 107 -17.09 12.03 3.46
CA ILE A 107 -18.08 11.07 2.89
C ILE A 107 -19.45 11.73 2.99
N CYS A 108 -20.10 11.77 1.82
CA CYS A 108 -21.36 12.46 1.47
C CYS A 108 -22.53 11.91 2.31
N VAL A 109 -23.28 12.76 3.03
CA VAL A 109 -24.23 12.30 4.08
C VAL A 109 -25.27 11.37 3.45
N ALA A 110 -25.81 11.71 2.27
CA ALA A 110 -26.79 10.84 1.59
C ALA A 110 -26.09 9.57 1.11
N GLY A 111 -24.84 9.68 0.64
CA GLY A 111 -24.08 8.55 0.06
C GLY A 111 -23.80 7.47 1.09
N ALA A 112 -23.30 7.90 2.26
CA ALA A 112 -23.21 7.14 3.52
C ALA A 112 -24.54 6.47 3.85
N CYS A 113 -25.64 7.22 4.07
CA CYS A 113 -26.92 6.67 4.61
C CYS A 113 -27.60 5.72 3.61
N ALA A 114 -27.34 5.90 2.31
CA ALA A 114 -27.87 5.08 1.20
C ALA A 114 -27.50 3.61 1.36
N THR A 115 -26.25 3.33 1.73
CA THR A 115 -25.62 1.98 1.67
C THR A 115 -25.51 1.34 3.05
N GLY A 116 -26.04 2.00 4.08
CA GLY A 116 -25.90 1.56 5.49
C GLY A 116 -24.47 1.72 5.98
N THR A 117 -23.89 2.92 5.86
CA THR A 117 -22.55 3.27 6.41
C THR A 117 -22.70 3.35 7.93
N HIS A 118 -21.64 2.99 8.67
CA HIS A 118 -21.68 2.75 10.15
C HIS A 118 -20.30 3.04 10.76
N GLY A 119 -20.28 3.22 12.08
CA GLY A 119 -19.05 3.25 12.89
C GLY A 119 -18.93 1.95 13.67
N SER A 120 -18.52 2.02 14.93
CA SER A 120 -18.62 0.89 15.88
C SER A 120 -19.27 1.37 17.17
N GLY A 121 -19.66 0.43 18.02
CA GLY A 121 -20.41 0.68 19.27
C GLY A 121 -21.56 -0.29 19.41
N ASP A 122 -21.73 -0.84 20.61
CA ASP A 122 -22.78 -1.85 20.93
C ASP A 122 -24.16 -1.19 20.89
N GLY A 123 -24.29 0.03 21.42
CA GLY A 123 -25.58 0.72 21.60
C GLY A 123 -25.77 1.85 20.60
N ILE A 124 -25.19 1.70 19.41
CA ILE A 124 -25.16 2.74 18.34
C ILE A 124 -25.47 2.10 16.98
N GLY A 125 -26.38 2.72 16.25
CA GLY A 125 -26.83 2.29 14.91
C GLY A 125 -25.82 2.58 13.80
N GLY A 126 -26.19 2.16 12.59
CA GLY A 126 -25.69 2.74 11.34
C GLY A 126 -26.06 4.20 11.32
N LEU A 127 -25.44 5.00 10.46
CA LEU A 127 -25.55 6.47 10.54
C LEU A 127 -26.99 6.86 10.15
N ALA A 128 -27.59 6.14 9.19
CA ALA A 128 -28.96 6.37 8.67
C ALA A 128 -30.00 6.36 9.82
N GLY A 129 -29.70 5.73 10.93
CA GLY A 129 -30.59 5.66 12.10
C GLY A 129 -30.86 7.02 12.72
N SER A 130 -29.98 8.00 12.48
CA SER A 130 -30.11 9.37 13.05
C SER A 130 -31.10 10.20 12.21
N VAL A 131 -31.39 9.76 10.99
CA VAL A 131 -32.31 10.41 10.01
C VAL A 131 -33.76 10.24 10.47
N THR A 132 -34.55 11.33 10.53
CA THR A 132 -35.98 11.34 10.98
C THR A 132 -36.92 11.78 9.84
N ALA A 133 -36.39 12.25 8.71
CA ALA A 133 -37.18 12.57 7.49
C ALA A 133 -36.26 12.79 6.30
N VAL A 134 -36.74 12.50 5.11
CA VAL A 134 -36.07 12.93 3.85
C VAL A 134 -37.01 13.81 3.04
N GLU A 135 -36.46 14.76 2.27
CA GLU A 135 -37.11 15.39 1.11
C GLU A 135 -36.31 14.98 -0.14
N LEU A 136 -36.98 14.46 -1.15
CA LEU A 136 -36.31 14.00 -2.39
C LEU A 136 -37.13 14.42 -3.60
N VAL A 137 -36.42 14.72 -4.66
CA VAL A 137 -36.92 14.94 -6.04
C VAL A 137 -37.23 13.56 -6.62
N THR A 138 -38.51 13.29 -6.90
CA THR A 138 -38.97 12.02 -7.53
C THR A 138 -38.49 11.99 -8.98
N ALA A 139 -38.71 10.90 -9.70
CA ALA A 139 -38.37 10.76 -11.14
C ALA A 139 -39.14 11.81 -11.95
N ASP A 140 -40.29 12.23 -11.44
CA ASP A 140 -41.17 13.24 -12.05
C ASP A 140 -40.49 14.62 -11.99
N GLY A 141 -40.08 15.04 -10.80
CA GLY A 141 -39.30 16.26 -10.58
C GLY A 141 -39.79 17.01 -9.37
N ASP A 142 -40.82 16.52 -8.68
CA ASP A 142 -41.40 17.23 -7.50
C ASP A 142 -40.77 16.73 -6.20
N LEU A 143 -40.84 17.58 -5.17
CA LEU A 143 -40.43 17.29 -3.77
C LEU A 143 -41.50 16.44 -3.09
N VAL A 144 -41.09 15.24 -2.65
CA VAL A 144 -41.81 14.41 -1.64
C VAL A 144 -41.03 14.49 -0.34
N THR A 145 -41.75 14.58 0.78
CA THR A 145 -41.25 14.40 2.16
C THR A 145 -41.83 13.10 2.73
N LEU A 146 -40.92 12.20 3.14
CA LEU A 146 -41.19 10.99 4.00
C LEU A 146 -40.49 11.20 5.35
N SER A 147 -41.22 11.11 6.46
CA SER A 147 -40.67 11.23 7.84
C SER A 147 -41.17 10.06 8.70
N ARG A 148 -40.37 9.59 9.67
CA ARG A 148 -40.86 8.60 10.67
C ARG A 148 -42.25 9.04 11.15
N ASP A 149 -42.35 10.21 11.81
CA ASP A 149 -43.57 10.67 12.52
C ASP A 149 -44.81 10.65 11.62
N ALA A 150 -44.68 11.06 10.36
CA ALA A 150 -45.80 11.23 9.40
C ALA A 150 -46.07 9.92 8.66
N ASP A 151 -45.02 9.26 8.18
CA ASP A 151 -45.10 8.08 7.28
C ASP A 151 -44.47 6.84 7.92
N PRO A 152 -45.03 6.36 9.07
CA PRO A 152 -44.44 5.24 9.79
C PRO A 152 -44.21 4.08 8.82
N ASP A 153 -45.21 3.82 7.97
CA ASP A 153 -45.28 2.59 7.15
C ASP A 153 -44.25 2.67 6.02
N ARG A 154 -43.83 3.87 5.59
CA ARG A 154 -42.99 4.01 4.37
C ARG A 154 -41.59 4.55 4.68
N PHE A 155 -41.42 5.30 5.77
CA PHE A 155 -40.15 6.00 6.06
C PHE A 155 -39.00 5.00 6.12
N PRO A 156 -39.15 3.88 6.86
CA PRO A 156 -38.06 2.92 7.08
C PRO A 156 -37.40 2.30 5.84
N GLY A 157 -38.06 2.40 4.68
CA GLY A 157 -37.47 1.94 3.40
C GLY A 157 -36.95 3.10 2.60
N ALA A 158 -37.14 4.32 3.10
CA ALA A 158 -36.75 5.57 2.41
C ALA A 158 -35.24 5.82 2.56
N VAL A 159 -34.70 5.68 3.78
CA VAL A 159 -33.34 6.15 4.12
C VAL A 159 -32.29 5.24 3.48
N VAL A 160 -32.22 3.94 3.80
CA VAL A 160 -31.12 3.11 3.22
C VAL A 160 -31.59 2.54 1.89
N SER A 161 -31.57 3.40 0.86
CA SER A 161 -32.45 3.38 -0.33
C SER A 161 -31.67 3.06 -1.62
N LEU A 162 -30.36 2.94 -1.56
CA LEU A 162 -29.48 2.72 -2.73
C LEU A 162 -29.72 3.82 -3.76
N GLY A 163 -30.30 4.94 -3.33
CA GLY A 163 -30.58 6.11 -4.19
C GLY A 163 -31.36 5.71 -5.42
N ALA A 164 -32.45 4.98 -5.18
CA ALA A 164 -33.35 4.34 -6.18
C ALA A 164 -34.79 4.81 -5.94
N LEU A 165 -35.00 5.67 -4.92
CA LEU A 165 -36.27 6.39 -4.69
C LEU A 165 -36.24 7.81 -5.30
N GLY A 166 -35.11 8.25 -5.85
CA GLY A 166 -34.92 9.63 -6.29
C GLY A 166 -33.74 10.32 -5.59
N ALA A 167 -33.50 11.59 -5.94
CA ALA A 167 -32.42 12.43 -5.38
C ALA A 167 -32.90 13.09 -4.09
N VAL A 168 -32.27 12.72 -2.98
CA VAL A 168 -32.54 13.32 -1.64
C VAL A 168 -31.90 14.70 -1.67
N VAL A 169 -32.63 15.76 -1.29
CA VAL A 169 -32.03 17.12 -1.24
C VAL A 169 -31.73 17.47 0.21
N THR A 170 -32.64 17.24 1.16
CA THR A 170 -32.43 17.63 2.58
C THR A 170 -32.85 16.49 3.51
N MET A 171 -31.92 16.02 4.36
CA MET A 171 -32.18 14.99 5.40
C MET A 171 -32.28 15.68 6.76
N THR A 172 -33.33 15.38 7.51
CA THR A 172 -33.48 15.80 8.92
C THR A 172 -32.72 14.78 9.80
N LEU A 173 -31.84 15.26 10.70
CA LEU A 173 -31.08 14.42 11.66
C LEU A 173 -31.53 14.74 13.10
N ARG A 174 -31.72 13.72 13.93
CA ARG A 174 -31.83 13.91 15.40
C ARG A 174 -30.42 14.15 15.89
N LEU A 175 -30.24 15.25 16.64
CA LEU A 175 -28.96 15.71 17.22
C LEU A 175 -28.90 15.31 18.70
N GLU A 176 -27.67 15.22 19.23
CA GLU A 176 -27.36 15.14 20.66
C GLU A 176 -26.55 16.38 21.03
N PRO A 177 -26.41 16.68 22.35
CA PRO A 177 -25.46 17.70 22.78
C PRO A 177 -24.05 17.27 22.35
N ALA A 178 -23.26 18.20 21.84
CA ALA A 178 -21.81 18.04 21.56
C ALA A 178 -21.15 17.38 22.78
N PHE A 179 -20.17 16.52 22.50
CA PHE A 179 -19.48 15.69 23.52
C PHE A 179 -18.00 15.50 23.15
N GLN A 180 -17.21 15.26 24.20
CA GLN A 180 -15.75 15.02 24.14
C GLN A 180 -15.53 13.51 24.13
N VAL A 181 -14.50 13.06 23.42
CA VAL A 181 -14.16 11.63 23.18
C VAL A 181 -12.65 11.49 23.33
N ARG A 182 -12.19 10.48 24.09
CA ARG A 182 -10.76 10.08 24.16
C ARG A 182 -10.59 8.73 23.45
N GLN A 183 -9.42 8.50 22.88
CA GLN A 183 -9.15 7.31 22.03
C GLN A 183 -7.73 6.80 22.34
N ARG A 184 -7.58 5.49 22.67
CA ARG A 184 -6.28 4.81 22.88
C ARG A 184 -6.15 3.64 21.89
N VAL A 185 -4.93 3.41 21.38
CA VAL A 185 -4.57 2.26 20.51
C VAL A 185 -3.74 1.25 21.34
N TYR A 186 -4.24 0.02 21.50
CA TYR A 186 -3.51 -1.13 22.10
C TYR A 186 -3.02 -2.07 20.98
N GLU A 187 -1.80 -2.61 21.15
CA GLU A 187 -1.08 -3.40 20.11
C GLU A 187 -0.91 -4.87 20.54
N ASN A 188 -1.05 -5.80 19.60
CA ASN A 188 -0.75 -7.26 19.74
C ASN A 188 -1.58 -7.85 20.89
N LEU A 189 -2.89 -7.65 20.88
CA LEU A 189 -3.83 -8.53 21.61
C LEU A 189 -3.75 -9.92 20.99
N PRO A 190 -3.69 -11.00 21.80
CA PRO A 190 -3.74 -12.38 21.29
C PRO A 190 -5.12 -12.72 20.70
N ALA A 191 -5.14 -13.32 19.51
CA ALA A 191 -6.38 -13.68 18.79
C ALA A 191 -7.30 -14.49 19.73
N GLU A 192 -6.77 -15.46 20.46
CA GLU A 192 -7.57 -16.38 21.32
C GLU A 192 -8.37 -15.60 22.38
N ALA A 193 -7.97 -14.37 22.70
CA ALA A 193 -8.63 -13.54 23.73
C ALA A 193 -10.10 -13.35 23.36
N LEU A 194 -10.41 -13.31 22.05
CA LEU A 194 -11.78 -13.09 21.50
C LEU A 194 -12.69 -14.26 21.88
N ASP A 195 -12.16 -15.48 21.91
CA ASP A 195 -12.94 -16.74 22.09
C ASP A 195 -13.83 -16.62 23.34
N ASP A 196 -13.27 -16.10 24.44
CA ASP A 196 -13.96 -15.98 25.75
C ASP A 196 -14.26 -14.52 26.11
N HIS A 197 -13.68 -13.53 25.42
CA HIS A 197 -13.71 -12.10 25.87
C HIS A 197 -14.13 -11.12 24.75
N PHE A 198 -14.64 -11.61 23.60
CA PHE A 198 -15.13 -10.74 22.50
C PHE A 198 -16.13 -9.69 23.03
N ASP A 199 -17.21 -10.11 23.69
CA ASP A 199 -18.29 -9.18 24.16
C ASP A 199 -17.73 -8.13 25.12
N GLU A 200 -16.77 -8.49 25.99
CA GLU A 200 -16.22 -7.59 27.06
C GLU A 200 -15.36 -6.49 26.41
N ILE A 201 -14.55 -6.86 25.41
CA ILE A 201 -13.61 -5.97 24.65
C ILE A 201 -14.38 -4.90 23.87
N MET A 202 -15.34 -5.30 23.03
CA MET A 202 -16.15 -4.42 22.13
C MET A 202 -17.07 -3.53 22.98
N ALA A 203 -17.35 -3.92 24.23
CA ALA A 203 -18.16 -3.12 25.18
C ALA A 203 -17.27 -2.24 26.06
N SER A 204 -15.94 -2.41 26.00
CA SER A 204 -14.95 -1.70 26.85
C SER A 204 -14.82 -0.23 26.43
N GLY A 205 -15.52 0.18 25.35
CA GLY A 205 -15.56 1.57 24.84
C GLY A 205 -16.80 1.89 24.03
N TYR A 206 -17.20 3.16 23.99
CA TYR A 206 -18.34 3.71 23.20
C TYR A 206 -18.28 3.09 21.80
N SER A 207 -17.09 3.04 21.23
CA SER A 207 -16.82 2.51 19.87
C SER A 207 -15.46 1.81 19.91
N VAL A 208 -15.42 0.52 19.58
CA VAL A 208 -14.15 -0.26 19.55
C VAL A 208 -13.93 -0.88 18.17
N SER A 209 -12.76 -0.65 17.59
CA SER A 209 -12.30 -1.34 16.36
C SER A 209 -11.20 -2.35 16.72
N LEU A 210 -11.27 -3.57 16.18
CA LEU A 210 -10.11 -4.50 16.15
C LEU A 210 -9.51 -4.40 14.74
N PHE A 211 -8.19 -4.20 14.64
CA PHE A 211 -7.47 -4.30 13.34
C PHE A 211 -6.52 -5.50 13.38
N THR A 212 -6.59 -6.39 12.38
CA THR A 212 -5.72 -7.59 12.24
C THR A 212 -5.27 -7.69 10.79
N ASP A 213 -4.01 -8.03 10.51
CA ASP A 213 -3.52 -8.23 9.12
C ASP A 213 -3.78 -9.68 8.67
N TRP A 214 -4.56 -10.43 9.48
CA TRP A 214 -4.89 -11.87 9.28
C TRP A 214 -3.60 -12.66 9.02
N ARG A 215 -2.46 -12.15 9.48
CA ARG A 215 -1.16 -12.89 9.57
C ARG A 215 -1.00 -13.38 11.01
N GLY A 216 -0.59 -14.62 11.21
CA GLY A 216 -0.36 -15.18 12.55
C GLY A 216 -1.58 -15.08 13.44
N ASP A 217 -1.36 -14.91 14.76
CA ASP A 217 -2.31 -15.23 15.87
C ASP A 217 -2.60 -13.98 16.70
N ARG A 218 -2.33 -12.80 16.14
CA ARG A 218 -2.36 -11.51 16.87
C ARG A 218 -3.31 -10.52 16.16
N ILE A 219 -4.13 -9.82 16.94
CA ILE A 219 -4.88 -8.60 16.53
C ILE A 219 -3.87 -7.41 16.56
N ARG A 220 -3.30 -7.06 15.40
CA ARG A 220 -2.27 -6.00 15.23
C ARG A 220 -2.61 -4.74 16.05
N GLN A 221 -3.85 -4.23 16.02
CA GLN A 221 -4.21 -3.01 16.78
C GLN A 221 -5.61 -3.13 17.39
N VAL A 222 -5.84 -2.43 18.50
CA VAL A 222 -7.22 -2.26 19.04
C VAL A 222 -7.44 -0.82 19.48
N TRP A 223 -8.36 -0.12 18.80
CA TRP A 223 -8.74 1.30 19.02
C TRP A 223 -9.94 1.35 19.96
N VAL A 224 -9.78 1.93 21.15
CA VAL A 224 -10.84 1.93 22.20
C VAL A 224 -11.27 3.38 22.46
N LYS A 225 -12.40 3.79 21.88
CA LYS A 225 -12.93 5.19 21.91
C LYS A 225 -13.99 5.29 23.01
N GLU A 226 -13.74 6.13 24.00
CA GLU A 226 -14.63 6.34 25.17
C GLU A 226 -15.16 7.78 25.15
N ARG A 227 -16.47 7.92 25.35
CA ARG A 227 -17.12 9.19 25.79
C ARG A 227 -16.43 9.60 27.09
N VAL A 228 -16.16 10.89 27.30
CA VAL A 228 -15.59 11.43 28.57
C VAL A 228 -16.65 11.33 29.70
N GLU A 239 -9.69 -0.33 35.06
CA GLU A 239 -8.59 -0.70 34.12
C GLU A 239 -9.17 -0.91 32.72
N PRO A 240 -8.38 -0.59 31.67
CA PRO A 240 -8.67 -1.05 30.31
C PRO A 240 -8.61 -2.59 30.17
N VAL A 241 -9.75 -3.17 29.78
CA VAL A 241 -9.96 -4.64 29.62
C VAL A 241 -8.93 -5.23 28.63
N VAL A 242 -8.68 -4.63 27.48
CA VAL A 242 -7.83 -5.28 26.42
C VAL A 242 -6.36 -5.32 26.86
N ALA A 243 -5.96 -4.49 27.83
CA ALA A 243 -4.60 -4.43 28.41
C ALA A 243 -4.39 -5.66 29.30
N ALA A 244 -5.36 -5.88 30.19
CA ALA A 244 -5.51 -7.08 31.05
C ALA A 244 -5.29 -8.34 30.20
N LEU A 245 -5.78 -8.35 28.96
CA LEU A 245 -5.83 -9.56 28.09
C LEU A 245 -4.61 -9.65 27.17
N GLY A 246 -3.57 -8.83 27.41
CA GLY A 246 -2.22 -9.03 26.88
C GLY A 246 -1.76 -7.92 25.96
N ALA A 247 -2.69 -7.08 25.50
CA ALA A 247 -2.39 -5.98 24.55
C ALA A 247 -1.63 -4.89 25.30
N THR A 248 -0.53 -4.42 24.69
CA THR A 248 0.31 -3.30 25.18
C THR A 248 -0.20 -1.98 24.59
N PRO A 249 -0.40 -0.91 25.39
CA PRO A 249 -0.64 0.43 24.82
C PRO A 249 0.49 0.82 23.83
N ALA A 250 0.14 1.51 22.74
CA ALA A 250 1.11 2.01 21.74
C ALA A 250 1.81 3.25 22.33
N ASP A 251 3.10 3.42 22.07
CA ASP A 251 3.90 4.50 22.72
C ASP A 251 3.62 5.82 22.00
N GLY A 252 3.15 5.79 20.74
CA GLY A 252 2.95 6.98 19.88
C GLY A 252 1.71 6.94 18.98
N PRO A 253 1.53 7.93 18.06
CA PRO A 253 0.46 7.90 17.08
C PRO A 253 0.56 6.72 16.11
N ARG A 254 -0.57 6.11 15.74
CA ARG A 254 -0.60 4.87 14.91
C ARG A 254 -1.63 4.95 13.77
N HIS A 255 -1.34 4.24 12.67
CA HIS A 255 -2.23 4.05 11.50
C HIS A 255 -2.64 2.59 11.40
N PRO A 256 -3.96 2.28 11.28
CA PRO A 256 -4.41 0.89 11.13
C PRO A 256 -3.64 0.04 10.13
N VAL A 257 -3.18 0.63 9.04
CA VAL A 257 -2.49 -0.14 7.97
C VAL A 257 -0.98 -0.03 8.16
N PRO A 258 -0.25 -1.15 8.00
CA PRO A 258 1.21 -1.12 7.97
C PRO A 258 1.77 -0.23 6.85
N GLY A 259 2.66 0.72 7.20
CA GLY A 259 3.38 1.57 6.24
C GLY A 259 2.69 2.90 5.97
N MET A 260 1.38 3.00 6.21
CA MET A 260 0.59 4.26 6.03
C MET A 260 0.83 5.19 7.22
N PRO A 261 1.00 6.51 6.99
CA PRO A 261 1.38 7.44 8.07
C PRO A 261 0.32 7.75 9.13
N ALA A 262 0.69 7.65 10.41
CA ALA A 262 -0.14 8.02 11.58
C ALA A 262 -0.66 9.44 11.44
N ALA A 263 0.05 10.33 10.73
CA ALA A 263 -0.37 11.74 10.56
C ALA A 263 -1.87 11.81 10.23
N ASN A 264 -2.26 11.13 9.13
CA ASN A 264 -3.63 11.09 8.56
C ASN A 264 -4.68 10.92 9.65
N CYS A 265 -4.39 10.17 10.71
CA CYS A 265 -5.42 9.63 11.64
C CYS A 265 -5.75 10.63 12.74
N THR A 266 -6.91 10.44 13.36
CA THR A 266 -7.41 11.22 14.51
C THR A 266 -6.38 11.04 15.63
N GLU A 267 -6.21 12.10 16.44
CA GLU A 267 -5.31 12.12 17.60
C GLU A 267 -5.77 11.06 18.61
N GLN A 268 -4.81 10.20 19.00
CA GLN A 268 -4.96 9.05 19.93
C GLN A 268 -4.28 9.40 21.26
N LEU A 269 -3.66 8.42 21.93
CA LEU A 269 -2.89 8.61 23.18
C LEU A 269 -3.79 9.27 24.24
N GLY A 270 -5.08 8.89 24.30
CA GLY A 270 -5.97 9.14 25.45
C GLY A 270 -6.37 10.59 25.59
N VAL A 271 -5.99 11.42 24.60
CA VAL A 271 -6.19 12.90 24.59
C VAL A 271 -7.65 13.18 24.27
N PRO A 272 -8.45 13.71 25.23
CA PRO A 272 -9.84 14.04 24.93
C PRO A 272 -9.87 15.09 23.80
N GLY A 273 -10.84 14.96 22.91
CA GLY A 273 -11.12 15.95 21.85
C GLY A 273 -12.59 15.87 21.43
N PRO A 274 -13.08 16.83 20.62
CA PRO A 274 -14.49 16.86 20.24
C PRO A 274 -14.83 15.57 19.48
N TRP A 275 -16.00 15.00 19.78
CA TRP A 275 -16.58 13.80 19.13
C TRP A 275 -16.14 13.68 17.66
N HIS A 276 -16.22 14.75 16.86
CA HIS A 276 -16.10 14.65 15.38
C HIS A 276 -14.63 14.52 14.91
N GLU A 277 -13.67 14.85 15.79
CA GLU A 277 -12.20 14.71 15.53
C GLU A 277 -11.68 13.46 16.28
N ARG A 278 -12.55 12.55 16.70
CA ARG A 278 -12.17 11.35 17.51
C ARG A 278 -12.84 10.08 16.96
N LEU A 279 -14.16 10.09 16.78
CA LEU A 279 -14.94 8.90 16.33
C LEU A 279 -14.47 8.45 14.95
N PRO A 280 -14.17 9.32 13.97
CA PRO A 280 -13.53 8.82 12.76
C PRO A 280 -12.08 8.41 13.07
N HIS A 281 -11.49 7.62 12.17
CA HIS A 281 -10.07 7.21 12.23
C HIS A 281 -9.20 8.29 11.59
N PHE A 282 -9.77 9.13 10.72
CA PHE A 282 -9.01 10.14 9.94
C PHE A 282 -9.44 11.57 10.32
N ARG A 283 -8.44 12.46 10.42
CA ARG A 283 -8.60 13.83 10.97
C ARG A 283 -9.29 14.70 9.91
N LEU A 284 -10.02 15.74 10.36
CA LEU A 284 -10.77 16.66 9.46
C LEU A 284 -9.85 17.06 8.29
N GLY A 285 -8.57 17.26 8.54
CA GLY A 285 -7.64 17.82 7.54
C GLY A 285 -7.29 16.85 6.43
N PHE A 286 -7.54 15.55 6.56
CA PHE A 286 -6.78 14.55 5.76
C PHE A 286 -7.08 14.76 4.26
N THR A 287 -8.33 14.62 3.82
CA THR A 287 -8.82 15.07 2.49
C THR A 287 -8.13 14.39 1.31
N PRO A 288 -8.06 13.03 1.24
CA PRO A 288 -7.43 12.33 0.12
C PRO A 288 -8.28 12.48 -1.14
N SER A 289 -7.73 13.11 -2.18
CA SER A 289 -8.41 13.36 -3.48
C SER A 289 -8.73 12.02 -4.16
N SER A 290 -8.04 10.95 -3.78
CA SER A 290 -8.11 9.62 -4.42
C SER A 290 -7.59 8.56 -3.41
N GLY A 291 -7.88 7.29 -3.68
CA GLY A 291 -7.51 6.10 -2.88
C GLY A 291 -6.77 5.07 -3.71
N ASP A 292 -6.06 4.17 -3.04
CA ASP A 292 -5.28 3.08 -3.70
C ASP A 292 -5.59 1.76 -2.98
N GLU A 293 -6.87 1.39 -2.95
CA GLU A 293 -7.38 0.27 -2.14
C GLU A 293 -8.70 -0.19 -2.77
N LEU A 294 -9.17 -1.41 -2.44
CA LEU A 294 -10.58 -1.87 -2.62
C LEU A 294 -11.15 -2.13 -1.21
N GLN A 295 -12.41 -2.52 -1.10
CA GLN A 295 -13.07 -2.72 0.23
C GLN A 295 -14.24 -3.68 0.08
N ALA A 296 -14.37 -4.59 1.04
CA ALA A 296 -15.55 -5.46 1.24
C ALA A 296 -15.79 -5.55 2.74
N GLU A 297 -17.06 -5.56 3.15
CA GLU A 297 -17.43 -5.68 4.58
C GLU A 297 -18.68 -6.56 4.64
N TYR A 298 -18.62 -7.60 5.47
CA TYR A 298 -19.75 -8.53 5.73
C TYR A 298 -20.22 -8.28 7.16
N LEU A 299 -21.54 -8.20 7.32
CA LEU A 299 -22.22 -7.85 8.59
C LEU A 299 -23.07 -9.05 9.03
N LEU A 300 -22.69 -9.65 10.16
CA LEU A 300 -23.25 -10.92 10.67
C LEU A 300 -24.09 -10.60 11.91
N PRO A 301 -25.00 -11.51 12.33
CA PRO A 301 -25.63 -11.36 13.62
C PRO A 301 -24.49 -11.40 14.65
N ARG A 302 -24.65 -10.74 15.79
CA ARG A 302 -23.54 -10.55 16.77
C ARG A 302 -23.14 -11.91 17.37
N ARG A 303 -24.09 -12.84 17.49
CA ARG A 303 -23.86 -14.18 18.07
C ARG A 303 -22.74 -14.88 17.29
N HIS A 304 -22.63 -14.70 15.97
CA HIS A 304 -21.68 -15.44 15.09
C HIS A 304 -20.28 -14.81 15.04
N ALA A 305 -19.96 -13.88 15.94
CA ALA A 305 -18.67 -13.16 15.91
C ALA A 305 -17.52 -14.17 15.95
N VAL A 306 -17.44 -14.95 17.02
CA VAL A 306 -16.33 -15.91 17.29
C VAL A 306 -16.32 -17.02 16.22
N ALA A 307 -17.43 -17.70 16.04
CA ALA A 307 -17.56 -18.72 14.98
C ALA A 307 -16.97 -18.14 13.69
N ALA A 308 -17.41 -16.94 13.32
CA ALA A 308 -17.05 -16.31 12.03
C ALA A 308 -15.55 -15.99 12.08
N PHE A 309 -15.07 -15.41 13.18
CA PHE A 309 -13.64 -15.12 13.35
C PHE A 309 -12.86 -16.39 12.97
N HIS A 310 -13.20 -17.51 13.61
CA HIS A 310 -12.52 -18.82 13.40
C HIS A 310 -12.66 -19.22 11.94
N ALA A 311 -13.87 -19.18 11.37
CA ALA A 311 -14.09 -19.54 9.95
C ALA A 311 -13.05 -18.79 9.11
N LEU A 312 -12.79 -17.51 9.42
CA LEU A 312 -11.93 -16.63 8.60
C LEU A 312 -10.45 -16.93 8.88
N ALA A 313 -10.15 -17.21 10.17
CA ALA A 313 -8.86 -17.75 10.64
C ALA A 313 -8.48 -18.95 9.77
N GLY A 314 -9.46 -19.76 9.39
CA GLY A 314 -9.26 -20.92 8.50
C GLY A 314 -8.83 -20.58 7.07
N ILE A 315 -9.08 -19.37 6.56
CA ILE A 315 -8.62 -18.98 5.18
C ILE A 315 -7.72 -17.74 5.22
N ALA A 316 -7.10 -17.43 6.37
CA ALA A 316 -6.17 -16.30 6.54
C ALA A 316 -5.01 -16.37 5.53
N ASP A 317 -4.71 -17.55 5.00
CA ASP A 317 -3.55 -17.77 4.10
C ASP A 317 -3.88 -17.18 2.72
N ARG A 318 -5.17 -17.00 2.42
CA ARG A 318 -5.69 -16.41 1.15
C ARG A 318 -5.99 -14.91 1.32
N ILE A 319 -6.48 -14.51 2.49
CA ILE A 319 -6.79 -13.11 2.87
C ILE A 319 -5.49 -12.29 2.91
N ALA A 320 -4.61 -12.58 3.88
CA ALA A 320 -3.45 -11.74 4.27
C ALA A 320 -2.64 -11.25 3.06
N PRO A 321 -2.34 -12.09 2.04
CA PRO A 321 -1.50 -11.68 0.91
C PRO A 321 -1.93 -10.39 0.20
N VAL A 322 -3.24 -10.19 0.04
CA VAL A 322 -3.83 -9.05 -0.73
C VAL A 322 -4.54 -8.08 0.21
N LEU A 323 -4.42 -8.23 1.53
CA LEU A 323 -5.05 -7.30 2.52
C LEU A 323 -4.09 -6.16 2.88
N HIS A 324 -4.63 -4.96 3.13
CA HIS A 324 -3.95 -3.86 3.86
C HIS A 324 -4.25 -4.09 5.35
N ILE A 325 -5.52 -4.00 5.73
CA ILE A 325 -5.98 -4.30 7.11
C ILE A 325 -7.43 -4.72 7.04
N SER A 326 -7.83 -5.60 7.95
CA SER A 326 -9.24 -5.97 8.23
C SER A 326 -9.68 -5.32 9.55
N GLU A 327 -10.93 -4.89 9.63
CA GLU A 327 -11.43 -4.16 10.82
C GLU A 327 -12.66 -4.88 11.33
N ILE A 328 -12.75 -5.05 12.65
CA ILE A 328 -13.91 -5.75 13.25
C ILE A 328 -14.65 -4.77 14.18
N ARG A 329 -15.94 -4.58 13.92
CA ARG A 329 -16.76 -3.60 14.68
C ARG A 329 -18.06 -4.25 15.12
N THR A 330 -18.76 -3.59 16.04
CA THR A 330 -20.17 -3.91 16.44
C THR A 330 -21.10 -2.72 16.13
N VAL A 331 -22.35 -3.02 15.77
CA VAL A 331 -23.41 -2.05 15.37
C VAL A 331 -24.76 -2.55 15.90
N ALA A 332 -25.50 -1.73 16.63
CA ALA A 332 -26.86 -2.07 17.12
C ALA A 332 -27.82 -2.24 15.94
N ALA A 333 -28.93 -2.95 16.19
CA ALA A 333 -30.00 -3.27 15.23
C ALA A 333 -30.79 -2.01 14.93
N ASP A 334 -31.20 -1.82 13.68
CA ASP A 334 -32.22 -0.81 13.28
C ASP A 334 -33.41 -1.55 12.66
N ASP A 335 -34.44 -0.79 12.22
CA ASP A 335 -35.67 -1.28 11.54
C ASP A 335 -35.68 -0.82 10.07
N LEU A 336 -34.51 -0.59 9.48
CA LEU A 336 -34.42 0.04 8.14
C LEU A 336 -34.26 -1.07 7.10
N TRP A 337 -35.24 -1.18 6.20
CA TRP A 337 -35.52 -2.39 5.37
C TRP A 337 -34.27 -2.92 4.65
N LEU A 338 -33.48 -2.11 3.95
CA LEU A 338 -32.23 -2.63 3.34
C LEU A 338 -30.97 -2.22 4.13
N SER A 339 -31.11 -1.73 5.37
CA SER A 339 -29.99 -1.60 6.34
C SER A 339 -29.40 -2.97 6.62
N PRO A 340 -28.08 -3.19 6.43
CA PRO A 340 -27.42 -4.39 6.91
C PRO A 340 -27.73 -4.72 8.39
N PHE A 341 -28.16 -3.75 9.19
CA PHE A 341 -28.43 -3.94 10.65
C PHE A 341 -29.92 -4.14 10.89
N HIS A 342 -30.65 -4.59 9.87
CA HIS A 342 -32.12 -4.72 9.92
C HIS A 342 -32.49 -5.84 10.91
N GLY A 343 -33.14 -5.42 12.01
CA GLY A 343 -33.64 -6.27 13.11
C GLY A 343 -32.62 -7.27 13.64
N ARG A 344 -31.31 -6.95 13.66
CA ARG A 344 -30.26 -7.80 14.30
C ARG A 344 -29.01 -6.99 14.69
N ASN A 345 -28.77 -6.81 15.99
CA ASN A 345 -27.44 -6.38 16.52
C ASN A 345 -26.38 -7.12 15.71
N THR A 346 -25.24 -6.49 15.42
CA THR A 346 -24.37 -6.94 14.31
C THR A 346 -22.90 -6.91 14.74
N VAL A 347 -22.11 -7.71 14.05
CA VAL A 347 -20.63 -7.75 14.09
C VAL A 347 -20.20 -7.43 12.67
N ALA A 348 -19.21 -6.56 12.51
CA ALA A 348 -18.82 -6.04 11.19
C ALA A 348 -17.46 -6.63 10.85
N PHE A 349 -17.36 -7.39 9.77
CA PHE A 349 -16.06 -7.94 9.27
C PHE A 349 -15.70 -7.16 8.00
N HIS A 350 -14.96 -6.07 8.17
CA HIS A 350 -14.48 -5.18 7.08
C HIS A 350 -13.10 -5.60 6.58
N PHE A 351 -12.83 -5.44 5.27
CA PHE A 351 -11.52 -5.72 4.61
C PHE A 351 -11.11 -4.59 3.64
N THR A 352 -10.22 -3.70 4.08
CA THR A 352 -9.46 -2.80 3.18
C THR A 352 -8.46 -3.66 2.42
N TRP A 353 -8.69 -3.91 1.14
CA TRP A 353 -7.76 -4.70 0.28
C TRP A 353 -6.70 -3.80 -0.38
N LYS A 354 -5.62 -4.39 -0.89
CA LYS A 354 -4.73 -3.78 -1.92
C LYS A 354 -5.48 -3.75 -3.25
N PRO A 355 -5.13 -2.84 -4.17
CA PRO A 355 -5.92 -2.62 -5.38
C PRO A 355 -5.58 -3.61 -6.51
N ASP A 356 -5.92 -4.89 -6.32
CA ASP A 356 -5.89 -5.96 -7.35
C ASP A 356 -7.27 -6.65 -7.38
N GLU A 357 -8.20 -6.11 -8.17
CA GLU A 357 -9.63 -6.53 -8.19
C GLU A 357 -9.72 -8.04 -8.46
N ALA A 358 -9.02 -8.54 -9.50
CA ALA A 358 -9.05 -9.96 -9.92
C ALA A 358 -8.77 -10.86 -8.71
N ALA A 359 -7.67 -10.60 -8.01
CA ALA A 359 -7.20 -11.38 -6.85
C ALA A 359 -8.18 -11.24 -5.67
N VAL A 360 -8.71 -10.04 -5.42
CA VAL A 360 -9.69 -9.82 -4.31
C VAL A 360 -11.00 -10.52 -4.67
N ARG A 361 -11.38 -10.60 -5.95
CA ARG A 361 -12.69 -11.19 -6.35
C ARG A 361 -12.68 -12.69 -6.00
N GLU A 362 -11.62 -13.41 -6.36
CA GLU A 362 -11.42 -14.83 -5.95
C GLU A 362 -11.61 -14.92 -4.43
N VAL A 363 -10.79 -14.22 -3.65
CA VAL A 363 -10.79 -14.24 -2.15
C VAL A 363 -12.18 -13.90 -1.57
N LEU A 364 -13.07 -13.23 -2.31
CA LEU A 364 -14.39 -12.80 -1.76
C LEU A 364 -15.42 -13.92 -1.93
N SER A 365 -15.40 -14.60 -3.08
CA SER A 365 -16.26 -15.79 -3.33
C SER A 365 -16.00 -16.79 -2.20
N LEU A 366 -14.72 -17.07 -1.94
CA LEU A 366 -14.26 -18.00 -0.88
C LEU A 366 -14.81 -17.53 0.47
N MET A 367 -14.49 -16.29 0.85
CA MET A 367 -14.92 -15.67 2.13
C MET A 367 -16.42 -15.86 2.33
N GLU A 368 -17.16 -15.71 1.23
CA GLU A 368 -18.65 -15.70 1.23
C GLU A 368 -19.13 -17.12 1.46
N GLU A 369 -18.35 -18.11 1.03
CA GLU A 369 -18.67 -19.54 1.29
C GLU A 369 -18.53 -19.81 2.79
N VAL A 370 -17.40 -19.42 3.41
CA VAL A 370 -17.04 -19.78 4.82
C VAL A 370 -17.91 -19.00 5.81
N LEU A 371 -18.48 -17.87 5.42
CA LEU A 371 -19.38 -17.07 6.29
C LEU A 371 -20.86 -17.41 6.04
N ALA A 372 -21.16 -18.05 4.91
CA ALA A 372 -22.55 -18.29 4.44
C ALA A 372 -23.42 -18.81 5.58
N PRO A 373 -22.94 -19.73 6.44
CA PRO A 373 -23.77 -20.21 7.54
C PRO A 373 -24.25 -19.10 8.50
N PHE A 374 -23.55 -17.96 8.52
CA PHE A 374 -23.82 -16.86 9.49
C PHE A 374 -24.78 -15.83 8.86
N GLU A 375 -25.38 -16.13 7.69
CA GLU A 375 -26.39 -15.27 7.01
C GLU A 375 -25.85 -13.84 6.86
N PRO A 376 -24.67 -13.68 6.21
CA PRO A 376 -24.00 -12.38 6.16
C PRO A 376 -24.59 -11.45 5.08
N ARG A 377 -24.83 -10.17 5.42
CA ARG A 377 -25.29 -9.11 4.46
C ARG A 377 -24.06 -8.32 4.02
N PRO A 378 -23.82 -8.08 2.71
CA PRO A 378 -22.63 -7.35 2.28
C PRO A 378 -22.88 -5.86 2.50
N HIS A 379 -21.83 -5.07 2.74
CA HIS A 379 -21.94 -3.58 2.75
C HIS A 379 -22.24 -3.11 1.33
N TRP A 380 -23.38 -2.43 1.17
CA TRP A 380 -23.98 -2.06 -0.13
C TRP A 380 -22.99 -1.25 -0.97
N GLY A 381 -22.14 -0.44 -0.32
CA GLY A 381 -21.13 0.40 -1.01
C GLY A 381 -19.81 -0.33 -1.30
N LYS A 382 -19.54 -1.43 -0.61
CA LYS A 382 -18.26 -2.18 -0.72
C LYS A 382 -18.47 -3.44 -1.56
N LEU A 383 -17.37 -4.03 -2.05
CA LEU A 383 -17.37 -5.15 -3.03
C LEU A 383 -18.04 -6.40 -2.43
N PHE A 384 -18.68 -7.19 -3.30
CA PHE A 384 -19.21 -8.54 -2.99
C PHE A 384 -19.63 -9.25 -4.28
N ALA A 385 -19.79 -10.59 -4.18
CA ALA A 385 -20.17 -11.56 -5.26
C ALA A 385 -21.38 -12.44 -4.86
N ILE A 386 -22.05 -12.15 -3.74
CA ILE A 386 -23.24 -12.90 -3.23
C ILE A 386 -24.37 -12.72 -4.23
N PRO A 387 -24.81 -13.76 -4.99
CA PRO A 387 -25.83 -13.57 -6.01
C PRO A 387 -27.16 -13.15 -5.39
N PRO A 388 -28.04 -12.55 -6.22
CA PRO A 388 -29.26 -11.89 -5.75
C PRO A 388 -30.19 -12.78 -4.93
N LYS A 389 -30.46 -13.99 -5.43
CA LYS A 389 -31.42 -14.95 -4.85
C LYS A 389 -31.13 -15.11 -3.34
N VAL A 390 -29.85 -15.33 -3.03
CA VAL A 390 -29.33 -15.59 -1.66
C VAL A 390 -29.42 -14.29 -0.87
N LEU A 391 -28.86 -13.23 -1.45
CA LEU A 391 -28.80 -11.88 -0.84
C LEU A 391 -30.21 -11.43 -0.44
N ARG A 392 -31.21 -11.64 -1.29
CA ARG A 392 -32.60 -11.10 -1.10
C ARG A 392 -33.28 -11.88 0.03
N SER A 393 -32.98 -13.18 0.12
CA SER A 393 -33.52 -14.08 1.16
C SER A 393 -33.02 -13.63 2.53
N ARG A 394 -31.93 -12.85 2.58
CA ARG A 394 -31.29 -12.44 3.85
C ARG A 394 -31.85 -11.09 4.32
N TYR A 395 -32.78 -10.48 3.59
CA TYR A 395 -33.48 -9.24 4.03
C TYR A 395 -34.99 -9.48 4.01
N ASP A 396 -35.65 -9.51 5.18
CA ASP A 396 -37.13 -9.72 5.27
C ASP A 396 -37.83 -8.74 4.33
N ARG A 397 -37.63 -7.44 4.56
CA ARG A 397 -38.50 -6.36 4.03
C ARG A 397 -38.07 -5.95 2.61
N ILE A 398 -37.42 -6.84 1.85
CA ILE A 398 -36.97 -6.55 0.45
C ILE A 398 -38.18 -6.41 -0.46
N GLY A 399 -39.27 -7.15 -0.20
CA GLY A 399 -40.55 -7.04 -0.93
C GLY A 399 -41.22 -5.70 -0.68
N ASP A 400 -41.23 -5.22 0.57
CA ASP A 400 -41.77 -3.88 0.93
C ASP A 400 -40.94 -2.73 0.32
N PHE A 401 -39.63 -2.85 0.20
CA PHE A 401 -38.78 -1.80 -0.44
C PHE A 401 -39.05 -1.80 -1.96
N ARG A 402 -39.21 -2.96 -2.60
CA ARG A 402 -39.44 -3.02 -4.07
C ARG A 402 -40.81 -2.40 -4.39
N ALA A 403 -41.76 -2.49 -3.44
CA ALA A 403 -43.11 -1.89 -3.52
C ALA A 403 -43.00 -0.36 -3.56
N LEU A 404 -42.12 0.20 -2.71
CA LEU A 404 -41.86 1.64 -2.51
C LEU A 404 -41.11 2.21 -3.72
N ALA A 405 -40.13 1.50 -4.26
CA ALA A 405 -39.36 1.93 -5.46
C ALA A 405 -40.26 2.01 -6.68
N ARG A 406 -41.22 1.11 -6.83
CA ARG A 406 -42.15 1.13 -7.99
C ARG A 406 -43.23 2.20 -7.75
N GLU A 407 -43.67 2.41 -6.51
CA GLU A 407 -44.58 3.53 -6.11
C GLU A 407 -43.92 4.87 -6.46
N LEU A 408 -42.68 5.13 -6.01
CA LEU A 408 -41.98 6.44 -6.12
C LEU A 408 -41.20 6.56 -7.43
N ASP A 409 -40.95 5.46 -8.15
CA ASP A 409 -40.15 5.56 -9.39
C ASP A 409 -40.60 4.53 -10.42
N PRO A 410 -41.88 4.50 -10.81
CA PRO A 410 -42.40 3.51 -11.74
C PRO A 410 -41.56 3.25 -13.00
N SER A 411 -40.96 4.26 -13.62
CA SER A 411 -40.18 4.04 -14.87
C SER A 411 -38.83 3.40 -14.52
N GLY A 412 -38.46 3.47 -13.24
CA GLY A 412 -37.16 3.02 -12.70
C GLY A 412 -36.05 3.94 -13.17
N LYS A 413 -36.28 5.24 -13.09
CA LYS A 413 -35.29 6.27 -13.51
C LYS A 413 -34.00 6.09 -12.70
N PHE A 414 -34.16 5.85 -11.39
CA PHE A 414 -33.09 5.80 -10.36
C PHE A 414 -32.59 4.37 -10.15
N ALA A 415 -32.96 3.46 -11.06
CA ALA A 415 -32.57 2.03 -11.04
C ALA A 415 -31.58 1.75 -12.18
N ASN A 416 -30.28 1.79 -11.90
CA ASN A 416 -29.20 1.37 -12.82
C ASN A 416 -29.11 -0.17 -12.79
N ALA A 417 -28.19 -0.78 -13.55
CA ALA A 417 -28.03 -2.26 -13.62
C ALA A 417 -27.93 -2.85 -12.20
N PHE A 418 -27.06 -2.28 -11.36
CA PHE A 418 -26.76 -2.74 -9.98
C PHE A 418 -28.05 -2.85 -9.18
N VAL A 419 -28.91 -1.83 -9.15
CA VAL A 419 -30.11 -1.87 -8.26
C VAL A 419 -31.11 -2.86 -8.86
N ALA A 420 -31.14 -2.98 -10.19
CA ALA A 420 -31.96 -3.96 -10.93
C ALA A 420 -31.55 -5.38 -10.52
N HIS A 421 -30.32 -5.76 -10.89
CA HIS A 421 -29.66 -7.06 -10.59
C HIS A 421 -29.84 -7.47 -9.11
N HIS A 422 -29.60 -6.58 -8.15
CA HIS A 422 -29.47 -6.95 -6.71
C HIS A 422 -30.83 -6.86 -6.01
N VAL A 423 -31.71 -5.95 -6.40
CA VAL A 423 -32.89 -5.65 -5.51
C VAL A 423 -34.22 -5.62 -6.29
N LEU A 424 -34.27 -5.10 -7.52
CA LEU A 424 -35.55 -4.72 -8.16
C LEU A 424 -36.04 -5.77 -9.16
N ASP A 425 -35.19 -6.17 -10.12
CA ASP A 425 -35.51 -7.18 -11.16
C ASP A 425 -36.08 -8.46 -10.55
N ASP A 426 -36.94 -9.16 -11.30
CA ASP A 426 -37.39 -10.55 -11.05
C ASP A 426 -36.76 -11.43 -12.14
N SER B 5 1.30 12.67 -9.53
CA SER B 5 1.32 12.52 -11.04
C SER B 5 1.15 13.88 -11.76
N THR B 6 0.15 14.70 -11.38
CA THR B 6 -0.16 15.98 -12.06
C THR B 6 -0.48 17.10 -11.07
N ASN B 7 -0.48 18.34 -11.57
CA ASN B 7 -0.93 19.54 -10.81
C ASN B 7 -2.45 19.46 -10.66
N TRP B 8 -3.05 20.38 -9.91
CA TRP B 8 -4.51 20.41 -9.59
C TRP B 8 -5.32 20.79 -10.84
N ALA B 9 -4.72 21.57 -11.73
CA ALA B 9 -5.31 21.95 -13.03
C ALA B 9 -5.21 20.78 -14.00
N GLY B 10 -4.17 19.96 -13.85
CA GLY B 10 -3.89 18.81 -14.72
C GLY B 10 -3.25 19.17 -16.05
N ASN B 11 -2.68 20.37 -16.20
CA ASN B 11 -2.01 20.76 -17.47
C ASN B 11 -0.52 20.36 -17.38
N VAL B 12 -0.04 20.22 -16.15
CA VAL B 12 1.37 19.82 -15.83
C VAL B 12 1.36 18.36 -15.35
N VAL B 13 1.87 17.45 -16.17
CA VAL B 13 2.19 16.05 -15.76
C VAL B 13 3.62 16.07 -15.26
N TYR B 14 3.81 15.84 -13.96
CA TYR B 14 5.14 15.83 -13.33
C TYR B 14 5.94 14.71 -14.01
N ARG B 15 7.13 14.99 -14.52
CA ARG B 15 8.00 13.97 -15.16
C ARG B 15 9.01 13.42 -14.15
N ALA B 16 8.64 13.40 -12.84
CA ALA B 16 9.43 12.86 -11.70
C ALA B 16 9.59 11.34 -11.83
N SER B 17 10.66 10.75 -11.28
CA SER B 17 10.87 9.28 -11.21
C SER B 17 10.14 8.70 -9.99
N GLU B 18 10.17 9.39 -8.86
CA GLU B 18 9.68 8.88 -7.55
C GLU B 18 8.78 9.94 -6.90
N LEU B 19 7.72 9.54 -6.20
CA LEU B 19 6.91 10.44 -5.34
C LEU B 19 7.00 9.97 -3.88
N HIS B 20 7.90 10.56 -3.09
CA HIS B 20 8.11 10.21 -1.66
C HIS B 20 7.04 10.91 -0.81
N ARG B 21 6.51 10.23 0.20
CA ARG B 21 5.59 10.79 1.22
C ARG B 21 6.11 10.40 2.60
N PRO B 22 7.30 10.87 3.00
CA PRO B 22 7.87 10.57 4.31
C PRO B 22 6.91 10.88 5.47
N ALA B 23 6.87 9.99 6.46
CA ALA B 23 5.91 10.03 7.59
C ALA B 23 6.57 10.66 8.83
N SER B 24 7.84 11.04 8.73
CA SER B 24 8.65 11.57 9.85
C SER B 24 9.72 12.50 9.30
N LEU B 25 10.15 13.46 10.13
CA LEU B 25 11.31 14.34 9.80
C LEU B 25 12.47 13.46 9.33
N ASP B 26 12.79 12.41 10.12
CA ASP B 26 13.94 11.50 9.86
C ASP B 26 13.80 10.93 8.45
N GLU B 27 12.59 10.52 8.10
CA GLU B 27 12.36 9.86 6.79
C GLU B 27 12.56 10.92 5.70
N LEU B 28 12.12 12.16 5.96
CA LEU B 28 12.29 13.29 5.01
C LEU B 28 13.79 13.50 4.78
N ARG B 29 14.52 13.66 5.88
CA ARG B 29 15.97 14.00 5.94
C ARG B 29 16.74 12.95 5.13
N ARG B 30 16.29 11.70 5.19
CA ARG B 30 16.90 10.57 4.44
C ARG B 30 16.61 10.73 2.95
N VAL B 31 15.37 11.05 2.59
CA VAL B 31 14.92 11.15 1.17
C VAL B 31 15.66 12.30 0.51
N VAL B 32 15.67 13.46 1.18
CA VAL B 32 16.34 14.67 0.66
C VAL B 32 17.80 14.32 0.39
N ALA B 33 18.50 13.94 1.47
CA ALA B 33 19.94 13.62 1.49
C ALA B 33 20.30 12.73 0.30
N ARG B 34 19.60 11.61 0.11
CA ARG B 34 20.02 10.52 -0.81
C ARG B 34 19.68 10.91 -2.26
N SER B 35 18.61 11.69 -2.50
CA SER B 35 18.13 12.13 -3.84
C SER B 35 19.04 13.22 -4.41
N PRO B 36 19.69 13.04 -5.58
CA PRO B 36 20.53 14.09 -6.15
C PRO B 36 19.73 15.30 -6.65
N LYS B 37 18.42 15.11 -6.91
CA LYS B 37 17.48 16.15 -7.43
C LYS B 37 16.13 16.06 -6.70
N VAL B 38 15.75 17.15 -6.03
CA VAL B 38 14.48 17.27 -5.25
C VAL B 38 13.71 18.51 -5.70
N ARG B 39 12.38 18.38 -5.75
CA ARG B 39 11.45 19.54 -5.64
C ARG B 39 10.37 19.14 -4.62
N VAL B 40 10.13 19.96 -3.60
CA VAL B 40 9.01 19.65 -2.66
C VAL B 40 7.71 19.70 -3.47
N LEU B 41 6.68 18.94 -3.06
CA LEU B 41 5.29 19.01 -3.61
C LEU B 41 4.34 19.35 -2.47
N GLY B 42 3.67 20.48 -2.55
CA GLY B 42 2.59 20.88 -1.61
C GLY B 42 1.25 20.53 -2.23
N SER B 43 0.39 21.54 -2.39
CA SER B 43 -1.06 21.43 -2.75
C SER B 43 -1.26 21.22 -4.25
N GLY B 44 -0.26 21.48 -5.09
CA GLY B 44 -0.35 21.34 -6.57
C GLY B 44 -1.13 22.47 -7.27
N HIS B 45 -1.42 23.59 -6.57
CA HIS B 45 -2.21 24.77 -7.06
C HIS B 45 -1.32 25.76 -7.84
N SER B 46 -0.22 25.30 -8.41
CA SER B 46 0.56 25.98 -9.48
C SER B 46 0.07 25.53 -10.85
N PHE B 47 0.44 26.27 -11.89
CA PHE B 47 0.03 26.00 -13.28
C PHE B 47 1.24 25.98 -14.22
N ASN B 48 2.45 26.27 -13.74
CA ASN B 48 3.67 26.26 -14.59
C ASN B 48 4.51 25.05 -14.18
N GLU B 49 5.74 24.97 -14.70
CA GLU B 49 6.65 23.82 -14.44
C GLU B 49 7.56 24.12 -13.22
N ILE B 50 7.06 24.91 -12.26
CA ILE B 50 7.77 25.28 -10.98
C ILE B 50 8.03 24.03 -10.11
N THR B 51 7.03 23.15 -9.95
CA THR B 51 7.07 21.98 -9.04
C THR B 51 7.55 20.74 -9.82
N ASP B 52 7.67 20.82 -11.15
CA ASP B 52 8.11 19.69 -12.00
C ASP B 52 9.58 19.35 -11.72
N THR B 53 9.98 18.10 -11.91
CA THR B 53 11.38 17.60 -11.75
C THR B 53 11.54 16.21 -12.41
N GLU B 54 12.73 15.88 -12.90
CA GLU B 54 13.06 14.51 -13.37
C GLU B 54 13.48 13.61 -12.19
N GLY B 55 13.85 14.21 -11.05
CA GLY B 55 14.30 13.51 -9.83
C GLY B 55 13.14 13.24 -8.88
N ALA B 56 13.20 13.73 -7.64
CA ALA B 56 12.42 13.16 -6.53
C ALA B 56 11.37 14.12 -6.02
N LEU B 57 10.11 13.93 -6.42
CA LEU B 57 8.96 14.67 -5.85
C LEU B 57 8.82 14.27 -4.37
N VAL B 58 8.62 15.21 -3.45
CA VAL B 58 8.60 14.94 -1.98
C VAL B 58 7.44 15.70 -1.35
N SER B 59 6.38 15.03 -0.91
CA SER B 59 5.28 15.67 -0.12
C SER B 59 5.72 15.80 1.34
N LEU B 60 5.14 16.72 2.09
CA LEU B 60 5.24 16.75 3.59
C LEU B 60 3.84 16.63 4.20
N GLU B 61 2.87 16.09 3.44
CA GLU B 61 1.47 15.98 3.93
C GLU B 61 1.46 14.92 5.03
N ALA B 62 2.47 14.01 5.01
CA ALA B 62 2.54 12.77 5.81
C ALA B 62 3.23 12.99 7.16
N LEU B 63 3.92 14.12 7.37
CA LEU B 63 4.58 14.48 8.66
C LEU B 63 3.54 14.93 9.68
N PRO B 64 3.89 14.90 10.99
CA PRO B 64 2.95 15.28 12.05
C PRO B 64 2.37 16.65 11.73
N PRO B 65 1.03 16.80 11.84
CA PRO B 65 0.37 18.08 11.58
C PRO B 65 0.38 19.03 12.80
N GLU B 66 1.58 19.47 13.19
CA GLU B 66 1.81 20.45 14.29
C GLU B 66 1.07 21.76 13.97
N VAL B 67 0.25 22.20 14.91
CA VAL B 67 -0.06 23.64 15.08
C VAL B 67 0.17 23.91 16.56
N GLU B 68 1.40 24.27 16.90
CA GLU B 68 1.84 24.61 18.29
C GLU B 68 1.72 26.13 18.46
N ILE B 69 0.68 26.57 19.16
CA ILE B 69 0.41 28.01 19.43
C ILE B 69 1.15 28.35 20.71
N ASP B 70 1.99 29.39 20.70
CA ASP B 70 2.72 29.91 21.89
C ASP B 70 2.02 31.20 22.37
N ARG B 71 1.12 31.10 23.35
CA ARG B 71 0.27 32.22 23.88
C ARG B 71 1.15 33.43 24.22
N ALA B 72 2.31 33.24 24.86
CA ALA B 72 3.20 34.33 25.32
C ALA B 72 3.61 35.26 24.16
N THR B 73 4.21 34.69 23.11
CA THR B 73 4.74 35.45 21.95
C THR B 73 3.63 35.66 20.91
N GLY B 74 2.45 35.04 21.09
CA GLY B 74 1.33 35.10 20.13
C GLY B 74 1.77 34.70 18.72
N THR B 75 2.43 33.54 18.60
CA THR B 75 2.90 32.98 17.31
C THR B 75 2.48 31.51 17.21
N ALA B 76 2.55 30.95 16.01
CA ALA B 76 2.14 29.57 15.74
C ALA B 76 3.24 28.90 14.95
N ARG B 77 3.68 27.76 15.46
CA ARG B 77 4.62 26.84 14.80
C ARG B 77 3.72 25.90 14.00
N VAL B 78 3.93 25.78 12.68
CA VAL B 78 2.96 25.03 11.82
C VAL B 78 3.72 24.22 10.78
N ALA B 79 3.23 23.02 10.51
CA ALA B 79 3.85 22.07 9.59
C ALA B 79 3.63 22.58 8.17
N ALA B 80 4.67 22.50 7.35
CA ALA B 80 4.74 23.05 5.97
C ALA B 80 3.85 22.27 5.01
N GLY B 81 3.41 21.07 5.37
CA GLY B 81 2.47 20.28 4.52
C GLY B 81 1.03 20.70 4.75
N LEU B 82 0.78 21.32 5.91
CA LEU B 82 -0.54 21.80 6.34
C LEU B 82 -1.09 22.77 5.29
N ARG B 83 -2.41 22.93 5.25
CA ARG B 83 -3.14 23.82 4.30
C ARG B 83 -3.90 24.84 5.13
N TYR B 84 -4.25 25.98 4.52
CA TYR B 84 -4.76 27.19 5.23
C TYR B 84 -6.12 26.90 5.87
N GLY B 85 -6.96 26.10 5.22
CA GLY B 85 -8.25 25.62 5.74
C GLY B 85 -8.11 24.98 7.12
N GLU B 86 -7.18 24.03 7.26
CA GLU B 86 -6.95 23.26 8.51
C GLU B 86 -6.31 24.20 9.54
N LEU B 87 -5.20 24.84 9.14
CA LEU B 87 -4.47 25.81 9.99
C LEU B 87 -5.45 26.82 10.57
N SER B 88 -6.22 27.47 9.70
CA SER B 88 -7.18 28.54 10.07
C SER B 88 -8.17 28.02 11.13
N ALA B 89 -8.85 26.92 10.82
CA ALA B 89 -9.84 26.29 11.71
C ALA B 89 -9.23 26.12 13.10
N ARG B 90 -8.03 25.53 13.13
CA ARG B 90 -7.29 25.24 14.40
C ARG B 90 -6.94 26.57 15.09
N LEU B 91 -6.39 27.54 14.36
CA LEU B 91 -6.03 28.87 14.91
C LEU B 91 -7.30 29.48 15.49
N HIS B 92 -8.40 29.45 14.74
CA HIS B 92 -9.68 30.09 15.16
C HIS B 92 -10.17 29.47 16.47
N ALA B 93 -10.11 28.14 16.56
CA ALA B 93 -10.60 27.35 17.70
C ALA B 93 -9.93 27.86 18.99
N ALA B 94 -8.60 28.07 18.93
CA ALA B 94 -7.74 28.56 20.03
C ALA B 94 -7.90 30.07 20.20
N GLY B 95 -8.63 30.74 19.29
CA GLY B 95 -9.08 32.14 19.42
C GLY B 95 -8.18 33.12 18.70
N TYR B 96 -7.43 32.65 17.70
CA TYR B 96 -6.40 33.40 16.93
C TYR B 96 -6.79 33.49 15.45
N ALA B 97 -6.19 34.44 14.72
CA ALA B 97 -6.40 34.60 13.26
C ALA B 97 -5.07 34.89 12.56
N LEU B 98 -5.07 34.83 11.24
CA LEU B 98 -4.08 35.49 10.36
C LEU B 98 -4.69 36.75 9.75
N PRO B 99 -3.88 37.72 9.28
CA PRO B 99 -4.40 38.93 8.64
C PRO B 99 -5.18 38.70 7.33
N ASN B 100 -4.78 37.69 6.54
CA ASN B 100 -5.36 37.37 5.22
C ASN B 100 -5.18 35.88 4.91
N LEU B 101 -5.92 35.40 3.90
CA LEU B 101 -5.84 34.05 3.27
C LEU B 101 -6.02 34.25 1.76
N ALA B 102 -5.66 33.26 0.94
CA ALA B 102 -5.92 33.30 -0.52
C ALA B 102 -7.41 33.03 -0.78
N SER B 103 -7.80 32.92 -2.05
CA SER B 103 -9.21 32.75 -2.49
C SER B 103 -9.86 31.47 -1.94
N LEU B 104 -9.18 30.29 -2.00
CA LEU B 104 -9.63 29.01 -1.34
C LEU B 104 -8.63 28.51 -0.29
N PRO B 105 -9.16 27.97 0.82
CA PRO B 105 -8.31 27.60 1.96
C PRO B 105 -7.38 26.41 1.69
N HIS B 106 -7.78 25.47 0.84
CA HIS B 106 -7.12 24.15 0.67
C HIS B 106 -5.89 24.30 -0.23
N ILE B 107 -5.06 25.29 0.12
CA ILE B 107 -3.70 25.52 -0.44
C ILE B 107 -2.69 25.36 0.71
N CYS B 108 -1.57 24.73 0.38
CA CYS B 108 -0.47 24.36 1.30
C CYS B 108 0.28 25.63 1.70
N VAL B 109 0.50 25.82 3.01
CA VAL B 109 1.07 27.08 3.59
C VAL B 109 2.49 27.33 3.04
N ALA B 110 3.36 26.35 3.00
CA ALA B 110 4.73 26.48 2.45
C ALA B 110 4.72 26.78 0.95
N GLY B 111 3.78 26.21 0.18
CA GLY B 111 3.76 26.38 -1.29
C GLY B 111 3.14 27.72 -1.66
N ALA B 112 2.22 28.22 -0.82
CA ALA B 112 1.56 29.53 -0.97
C ALA B 112 2.62 30.62 -0.84
N CYS B 113 3.32 30.60 0.30
CA CYS B 113 4.37 31.57 0.64
C CYS B 113 5.53 31.45 -0.34
N ALA B 114 5.74 30.31 -0.99
CA ALA B 114 6.95 30.08 -1.80
C ALA B 114 6.82 30.83 -3.12
N THR B 115 5.61 31.24 -3.50
CA THR B 115 5.32 31.86 -4.83
C THR B 115 4.86 33.32 -4.73
N GLY B 116 4.37 33.74 -3.55
CA GLY B 116 3.95 35.12 -3.23
C GLY B 116 2.44 35.20 -3.15
N THR B 117 1.78 34.10 -2.87
CA THR B 117 0.31 34.04 -2.68
C THR B 117 -0.12 35.20 -1.78
N HIS B 118 -1.31 35.77 -2.05
CA HIS B 118 -1.85 37.03 -1.47
C HIS B 118 -3.40 37.04 -1.44
N GLY B 119 -4.00 37.87 -0.60
CA GLY B 119 -5.44 38.20 -0.63
C GLY B 119 -5.63 39.53 -1.34
N SER B 120 -6.60 40.32 -0.91
CA SER B 120 -6.74 41.78 -1.19
C SER B 120 -6.79 42.54 0.15
N GLY B 121 -6.59 43.86 0.11
CA GLY B 121 -6.44 44.72 1.29
C GLY B 121 -5.32 45.73 1.08
N ASP B 122 -5.62 47.01 1.36
CA ASP B 122 -4.67 48.15 1.23
C ASP B 122 -3.49 47.93 2.19
N GLY B 123 -3.78 47.90 3.49
CA GLY B 123 -2.80 47.65 4.57
C GLY B 123 -2.70 46.18 4.92
N ILE B 124 -2.48 45.32 3.91
CA ILE B 124 -2.29 43.86 4.09
C ILE B 124 -1.34 43.35 3.00
N GLY B 125 -0.33 42.59 3.40
CA GLY B 125 0.71 42.09 2.48
C GLY B 125 0.40 40.67 2.09
N GLY B 126 1.10 40.16 1.06
CA GLY B 126 1.18 38.72 0.71
C GLY B 126 1.25 37.86 1.97
N LEU B 127 0.88 36.57 1.89
CA LEU B 127 0.67 35.74 3.11
C LEU B 127 2.02 35.48 3.79
N ALA B 128 3.08 35.33 2.96
CA ALA B 128 4.50 35.15 3.35
C ALA B 128 4.92 36.17 4.41
N GLY B 129 4.28 37.33 4.48
CA GLY B 129 4.62 38.41 5.42
C GLY B 129 4.36 38.03 6.86
N SER B 130 3.42 37.12 7.12
CA SER B 130 3.11 36.69 8.51
C SER B 130 4.14 35.65 9.02
N VAL B 131 5.07 35.23 8.16
CA VAL B 131 6.16 34.23 8.45
C VAL B 131 7.32 34.96 9.14
N THR B 132 7.71 34.51 10.35
CA THR B 132 8.83 35.07 11.19
C THR B 132 10.03 34.11 11.23
N ALA B 133 9.82 32.80 11.00
CA ALA B 133 10.90 31.78 10.90
C ALA B 133 10.53 30.58 10.03
N VAL B 134 11.53 29.98 9.37
CA VAL B 134 11.41 28.66 8.70
C VAL B 134 12.53 27.74 9.20
N GLU B 135 12.17 26.53 9.66
CA GLU B 135 13.08 25.37 9.74
C GLU B 135 12.97 24.59 8.43
N LEU B 136 14.10 24.30 7.78
CA LEU B 136 14.11 23.49 6.54
C LEU B 136 15.18 22.40 6.60
N VAL B 137 14.98 21.37 5.79
CA VAL B 137 16.00 20.30 5.55
C VAL B 137 16.84 20.81 4.39
N THR B 138 18.15 20.93 4.58
CA THR B 138 19.09 21.34 3.50
C THR B 138 19.26 20.19 2.50
N ALA B 139 19.86 20.45 1.34
CA ALA B 139 20.26 19.42 0.35
C ALA B 139 21.17 18.38 1.00
N ASP B 140 21.82 18.73 2.11
CA ASP B 140 22.72 17.85 2.89
C ASP B 140 21.90 16.87 3.74
N GLY B 141 20.78 17.31 4.30
CA GLY B 141 19.86 16.46 5.08
C GLY B 141 19.69 16.95 6.50
N ASP B 142 20.47 17.96 6.92
CA ASP B 142 20.42 18.52 8.29
C ASP B 142 19.43 19.68 8.34
N LEU B 143 18.94 20.00 9.55
CA LEU B 143 18.08 21.18 9.78
C LEU B 143 18.89 22.47 9.73
N VAL B 144 18.31 23.52 9.15
CA VAL B 144 18.71 24.95 9.33
C VAL B 144 17.46 25.73 9.72
N THR B 145 17.57 26.64 10.68
CA THR B 145 16.55 27.66 11.02
C THR B 145 17.04 29.00 10.45
N LEU B 146 16.15 29.75 9.80
CA LEU B 146 16.31 31.19 9.46
C LEU B 146 15.11 31.94 10.07
N SER B 147 15.35 32.92 10.93
CA SER B 147 14.27 33.72 11.58
C SER B 147 14.53 35.21 11.31
N ARG B 148 13.49 36.05 11.39
CA ARG B 148 13.70 37.51 11.22
C ARG B 148 14.65 37.98 12.33
N ASP B 149 14.40 37.63 13.59
CA ASP B 149 15.20 38.14 14.75
C ASP B 149 16.66 37.67 14.65
N ALA B 150 16.90 36.41 14.35
CA ALA B 150 18.26 35.80 14.34
C ALA B 150 19.05 36.11 13.07
N ASP B 151 18.38 36.35 11.92
CA ASP B 151 19.05 36.39 10.58
C ASP B 151 18.45 37.50 9.73
N PRO B 152 18.46 38.77 10.22
CA PRO B 152 17.78 39.87 9.55
C PRO B 152 18.29 40.04 8.12
N ASP B 153 19.60 39.83 7.90
CA ASP B 153 20.23 39.98 6.57
C ASP B 153 19.63 38.97 5.58
N ARG B 154 19.37 37.72 5.98
CA ARG B 154 19.10 36.59 5.05
C ARG B 154 17.64 36.11 5.09
N PHE B 155 16.92 36.26 6.20
CA PHE B 155 15.54 35.76 6.40
C PHE B 155 14.59 36.26 5.29
N PRO B 156 14.64 37.54 4.87
CA PRO B 156 13.76 38.05 3.82
C PRO B 156 13.83 37.34 2.45
N GLY B 157 14.91 36.62 2.16
CA GLY B 157 15.05 35.84 0.91
C GLY B 157 14.57 34.41 1.04
N ALA B 158 14.28 33.94 2.27
CA ALA B 158 14.12 32.50 2.62
C ALA B 158 12.66 32.04 2.52
N VAL B 159 11.69 32.91 2.85
CA VAL B 159 10.23 32.59 2.84
C VAL B 159 9.80 32.47 1.37
N VAL B 160 9.73 33.56 0.62
CA VAL B 160 9.28 33.52 -0.80
C VAL B 160 10.43 33.00 -1.67
N SER B 161 10.63 31.69 -1.65
CA SER B 161 11.91 31.03 -2.01
C SER B 161 11.79 30.17 -3.29
N LEU B 162 10.57 29.94 -3.80
CA LEU B 162 10.33 28.97 -4.91
C LEU B 162 10.79 27.57 -4.52
N GLY B 163 10.92 27.29 -3.21
CA GLY B 163 11.42 26.01 -2.64
C GLY B 163 12.77 25.62 -3.22
N ALA B 164 13.68 26.59 -3.36
CA ALA B 164 15.01 26.39 -4.02
C ALA B 164 16.13 26.46 -2.98
N LEU B 165 15.76 26.55 -1.70
CA LEU B 165 16.67 26.57 -0.52
C LEU B 165 16.66 25.21 0.19
N GLY B 166 15.70 24.35 -0.14
CA GLY B 166 15.45 23.08 0.58
C GLY B 166 14.04 22.98 1.11
N ALA B 167 13.71 21.84 1.72
CA ALA B 167 12.34 21.48 2.13
C ALA B 167 12.00 22.06 3.52
N VAL B 168 11.17 23.10 3.57
CA VAL B 168 10.67 23.74 4.83
C VAL B 168 9.80 22.73 5.56
N VAL B 169 10.09 22.40 6.82
CA VAL B 169 9.24 21.44 7.59
C VAL B 169 8.30 22.20 8.51
N THR B 170 8.76 23.30 9.12
CA THR B 170 7.92 24.11 10.02
C THR B 170 8.10 25.59 9.68
N MET B 171 7.04 26.37 9.91
CA MET B 171 7.01 27.83 9.62
C MET B 171 6.39 28.52 10.82
N THR B 172 7.09 29.51 11.40
CA THR B 172 6.56 30.29 12.54
C THR B 172 5.74 31.44 11.96
N LEU B 173 4.50 31.63 12.46
CA LEU B 173 3.54 32.65 11.95
C LEU B 173 3.14 33.60 13.09
N ARG B 174 3.34 34.91 12.91
CA ARG B 174 2.83 35.93 13.86
C ARG B 174 1.31 35.90 13.73
N LEU B 175 0.61 35.80 14.86
CA LEU B 175 -0.87 35.71 14.90
C LEU B 175 -1.45 37.05 15.33
N GLU B 176 -2.76 37.22 15.15
CA GLU B 176 -3.63 38.28 15.73
C GLU B 176 -4.72 37.60 16.54
N PRO B 177 -5.51 38.32 17.35
CA PRO B 177 -6.77 37.79 17.87
C PRO B 177 -7.69 37.38 16.72
N ALA B 178 -8.37 36.24 16.85
CA ALA B 178 -9.48 35.84 15.95
C ALA B 178 -10.44 37.04 15.84
N PHE B 179 -10.95 37.29 14.63
CA PHE B 179 -11.90 38.39 14.33
C PHE B 179 -13.04 37.88 13.42
N GLN B 180 -14.17 38.59 13.51
CA GLN B 180 -15.35 38.46 12.62
C GLN B 180 -15.17 39.37 11.39
N VAL B 181 -15.70 38.95 10.25
CA VAL B 181 -15.67 39.67 8.95
C VAL B 181 -17.07 39.55 8.32
N ARG B 182 -17.65 40.67 7.85
CA ARG B 182 -18.86 40.66 6.99
C ARG B 182 -18.43 40.97 5.55
N GLN B 183 -19.25 40.53 4.59
CA GLN B 183 -18.89 40.54 3.16
C GLN B 183 -20.16 40.92 2.37
N ARG B 184 -20.04 41.86 1.42
CA ARG B 184 -21.14 42.28 0.51
C ARG B 184 -20.62 42.26 -0.94
N VAL B 185 -21.38 41.60 -1.82
CA VAL B 185 -21.15 41.66 -3.29
C VAL B 185 -22.04 42.78 -3.85
N TYR B 186 -21.48 43.57 -4.77
CA TYR B 186 -22.12 44.61 -5.62
C TYR B 186 -21.91 44.29 -7.10
N GLU B 187 -22.89 44.64 -7.95
CA GLU B 187 -22.98 44.16 -9.35
C GLU B 187 -23.03 45.33 -10.35
N ASN B 188 -22.29 45.18 -11.44
CA ASN B 188 -22.29 46.11 -12.61
C ASN B 188 -21.95 47.53 -12.12
N LEU B 189 -20.71 47.69 -11.66
CA LEU B 189 -20.08 49.03 -11.50
C LEU B 189 -19.69 49.49 -12.89
N PRO B 190 -19.87 50.79 -13.21
CA PRO B 190 -19.34 51.34 -14.47
C PRO B 190 -17.81 51.32 -14.46
N ALA B 191 -17.19 50.80 -15.52
CA ALA B 191 -15.72 50.73 -15.71
C ALA B 191 -15.07 52.12 -15.53
N GLU B 192 -15.73 53.21 -15.98
CA GLU B 192 -15.17 54.58 -15.93
C GLU B 192 -15.05 55.01 -14.46
N ALA B 193 -15.85 54.44 -13.54
CA ALA B 193 -15.93 54.89 -12.13
C ALA B 193 -14.56 54.69 -11.47
N LEU B 194 -13.79 53.72 -11.97
CA LEU B 194 -12.40 53.43 -11.56
C LEU B 194 -11.53 54.66 -11.82
N ASP B 195 -11.66 55.27 -13.01
CA ASP B 195 -10.75 56.34 -13.53
C ASP B 195 -10.48 57.39 -12.46
N ASP B 196 -11.46 57.76 -11.63
CA ASP B 196 -11.33 58.82 -10.60
C ASP B 196 -11.55 58.29 -9.18
N HIS B 197 -11.98 57.03 -9.01
CA HIS B 197 -12.41 56.51 -7.67
C HIS B 197 -11.77 55.14 -7.33
N PHE B 198 -10.82 54.64 -8.12
CA PHE B 198 -10.16 53.32 -7.90
C PHE B 198 -9.72 53.18 -6.44
N ASP B 199 -9.01 54.18 -5.90
CA ASP B 199 -8.39 54.09 -4.55
C ASP B 199 -9.47 54.14 -3.49
N GLU B 200 -10.54 54.90 -3.74
CA GLU B 200 -11.68 55.14 -2.83
C GLU B 200 -12.46 53.83 -2.67
N ILE B 201 -12.57 53.08 -3.77
CA ILE B 201 -13.22 51.74 -3.91
C ILE B 201 -12.41 50.72 -3.09
N MET B 202 -11.16 50.47 -3.52
CA MET B 202 -10.28 49.40 -3.00
C MET B 202 -10.08 49.59 -1.49
N ALA B 203 -10.40 50.78 -0.98
CA ALA B 203 -10.21 51.13 0.44
C ALA B 203 -11.54 51.06 1.17
N SER B 204 -12.63 50.77 0.45
CA SER B 204 -14.03 50.82 0.96
C SER B 204 -14.29 49.64 1.92
N GLY B 205 -13.35 48.70 2.03
CA GLY B 205 -13.35 47.64 3.07
C GLY B 205 -11.96 47.06 3.29
N TYR B 206 -11.80 46.26 4.35
CA TYR B 206 -10.56 45.57 4.77
C TYR B 206 -9.90 44.87 3.57
N SER B 207 -10.69 44.10 2.80
CA SER B 207 -10.28 43.39 1.55
C SER B 207 -11.38 43.62 0.51
N VAL B 208 -10.97 43.90 -0.72
CA VAL B 208 -11.91 44.29 -1.82
C VAL B 208 -11.42 43.63 -3.13
N SER B 209 -12.34 42.98 -3.83
CA SER B 209 -12.06 42.32 -5.13
C SER B 209 -12.94 42.92 -6.22
N LEU B 210 -12.34 43.23 -7.37
CA LEU B 210 -13.05 43.60 -8.61
C LEU B 210 -13.01 42.39 -9.54
N PHE B 211 -14.19 41.88 -9.92
CA PHE B 211 -14.35 40.81 -10.93
C PHE B 211 -15.03 41.38 -12.18
N THR B 212 -14.33 41.31 -13.31
CA THR B 212 -14.79 41.72 -14.66
C THR B 212 -14.58 40.54 -15.59
N ASP B 213 -15.40 40.39 -16.63
CA ASP B 213 -15.28 39.34 -17.68
C ASP B 213 -14.50 39.89 -18.87
N TRP B 214 -14.10 41.17 -18.80
CA TRP B 214 -13.48 41.97 -19.90
C TRP B 214 -14.35 41.84 -21.16
N ARG B 215 -15.67 41.93 -20.95
CA ARG B 215 -16.71 42.12 -21.99
C ARG B 215 -17.38 43.48 -21.74
N GLY B 216 -17.25 44.43 -22.66
CA GLY B 216 -17.94 45.74 -22.52
C GLY B 216 -17.47 46.53 -21.31
N ASP B 217 -18.36 47.37 -20.76
CA ASP B 217 -18.03 48.64 -20.05
C ASP B 217 -18.40 48.55 -18.56
N ARG B 218 -18.56 47.33 -18.04
CA ARG B 218 -19.02 47.11 -16.65
C ARG B 218 -18.03 46.23 -15.87
N ILE B 219 -18.03 46.37 -14.55
CA ILE B 219 -17.34 45.45 -13.59
C ILE B 219 -18.41 44.50 -13.05
N ARG B 220 -18.45 43.27 -13.59
CA ARG B 220 -19.48 42.25 -13.27
C ARG B 220 -19.77 42.23 -11.76
N GLN B 221 -18.73 42.08 -10.94
CA GLN B 221 -18.90 42.01 -9.46
C GLN B 221 -17.78 42.75 -8.71
N VAL B 222 -18.15 43.25 -7.54
CA VAL B 222 -17.24 43.90 -6.56
C VAL B 222 -17.56 43.32 -5.18
N TRP B 223 -16.55 42.72 -4.54
CA TRP B 223 -16.69 42.02 -3.22
C TRP B 223 -16.05 42.91 -2.16
N VAL B 224 -16.82 43.38 -1.20
CA VAL B 224 -16.29 44.33 -0.19
C VAL B 224 -16.45 43.72 1.20
N LYS B 225 -15.34 43.12 1.66
CA LYS B 225 -15.18 42.42 2.95
C LYS B 225 -14.68 43.42 4.00
N GLU B 226 -15.35 43.49 5.14
CA GLU B 226 -15.05 44.46 6.22
C GLU B 226 -14.82 43.70 7.54
N ARG B 227 -13.73 43.99 8.23
CA ARG B 227 -13.57 43.69 9.68
C ARG B 227 -14.79 44.31 10.40
N VAL B 228 -15.41 43.62 11.35
CA VAL B 228 -16.67 44.07 12.02
C VAL B 228 -16.35 45.27 12.94
N PRO B 240 -21.89 53.24 1.63
CA PRO B 240 -21.10 52.32 0.82
C PRO B 240 -20.64 52.90 -0.54
N VAL B 241 -19.38 53.35 -0.57
CA VAL B 241 -18.65 53.85 -1.77
C VAL B 241 -19.31 53.31 -3.05
N VAL B 242 -19.18 52.00 -3.34
CA VAL B 242 -19.38 51.43 -4.71
C VAL B 242 -20.87 51.43 -5.05
N ALA B 243 -21.76 51.47 -4.06
CA ALA B 243 -23.23 51.64 -4.23
C ALA B 243 -23.49 52.98 -4.92
N ALA B 244 -23.06 54.06 -4.25
CA ALA B 244 -23.11 55.47 -4.72
C ALA B 244 -22.58 55.55 -6.17
N LEU B 245 -21.58 54.77 -6.58
CA LEU B 245 -20.94 54.90 -7.92
C LEU B 245 -21.65 54.05 -9.00
N GLY B 246 -22.83 53.50 -8.69
CA GLY B 246 -23.71 52.96 -9.74
C GLY B 246 -23.73 51.43 -9.83
N ALA B 247 -23.14 50.74 -8.85
CA ALA B 247 -23.27 49.28 -8.66
C ALA B 247 -24.45 48.98 -7.73
N THR B 248 -25.15 47.87 -7.99
CA THR B 248 -26.37 47.46 -7.24
C THR B 248 -26.05 46.27 -6.34
N PRO B 249 -26.58 46.27 -5.09
CA PRO B 249 -26.43 45.12 -4.21
C PRO B 249 -26.98 43.88 -4.92
N ALA B 250 -26.30 42.74 -4.81
CA ALA B 250 -26.86 41.42 -5.16
C ALA B 250 -27.88 41.05 -4.07
N ASP B 251 -28.98 40.40 -4.46
CA ASP B 251 -30.18 40.12 -3.59
C ASP B 251 -30.05 38.71 -2.95
N GLY B 252 -29.23 37.82 -3.55
CA GLY B 252 -28.87 36.49 -3.00
C GLY B 252 -27.39 36.14 -3.20
N PRO B 253 -26.97 34.96 -2.73
CA PRO B 253 -25.60 34.47 -2.94
C PRO B 253 -25.09 34.50 -4.38
N ARG B 254 -23.78 34.69 -4.60
CA ARG B 254 -23.20 34.88 -5.95
C ARG B 254 -21.80 34.31 -6.00
N HIS B 255 -21.36 33.90 -7.19
CA HIS B 255 -20.01 33.36 -7.48
C HIS B 255 -19.30 34.27 -8.48
N PRO B 256 -18.00 34.60 -8.27
CA PRO B 256 -17.21 35.38 -9.23
C PRO B 256 -17.32 35.02 -10.72
N VAL B 257 -17.41 33.74 -11.09
CA VAL B 257 -17.45 33.31 -12.51
C VAL B 257 -18.91 33.09 -12.91
N PRO B 258 -19.29 33.46 -14.16
CA PRO B 258 -20.61 33.17 -14.71
C PRO B 258 -20.82 31.66 -14.96
N GLY B 259 -21.90 31.10 -14.41
CA GLY B 259 -22.27 29.68 -14.53
C GLY B 259 -22.04 28.91 -13.24
N MET B 260 -20.90 29.16 -12.58
CA MET B 260 -20.46 28.42 -11.37
C MET B 260 -21.41 28.71 -10.21
N PRO B 261 -21.61 27.73 -9.32
CA PRO B 261 -22.59 27.88 -8.25
C PRO B 261 -22.14 28.71 -7.05
N ALA B 262 -22.93 29.70 -6.68
CA ALA B 262 -22.81 30.47 -5.42
C ALA B 262 -22.52 29.58 -4.21
N ALA B 263 -23.02 28.34 -4.18
CA ALA B 263 -22.87 27.42 -3.01
C ALA B 263 -21.40 27.26 -2.65
N ASN B 264 -20.52 26.99 -3.63
CA ASN B 264 -19.04 26.90 -3.37
C ASN B 264 -18.53 28.01 -2.43
N CYS B 265 -19.11 29.22 -2.48
CA CYS B 265 -18.49 30.50 -2.06
C CYS B 265 -18.80 30.83 -0.59
N THR B 266 -17.95 31.66 0.03
CA THR B 266 -18.06 32.08 1.45
C THR B 266 -19.35 32.89 1.61
N GLU B 267 -19.99 32.82 2.79
CA GLU B 267 -21.35 33.37 3.02
C GLU B 267 -21.29 34.90 2.83
N GLN B 268 -22.26 35.46 2.10
CA GLN B 268 -22.28 36.89 1.68
C GLN B 268 -23.43 37.61 2.41
N LEU B 269 -23.97 38.68 1.79
CA LEU B 269 -25.18 39.42 2.26
C LEU B 269 -24.89 40.02 3.64
N GLY B 270 -23.63 40.41 3.87
CA GLY B 270 -23.18 41.18 5.04
C GLY B 270 -23.36 40.42 6.33
N VAL B 271 -23.56 39.10 6.25
CA VAL B 271 -23.79 38.28 7.47
C VAL B 271 -22.42 38.10 8.10
N PRO B 272 -22.20 38.58 9.35
CA PRO B 272 -20.89 38.46 9.97
C PRO B 272 -20.58 36.97 10.16
N GLY B 273 -19.32 36.59 9.92
CA GLY B 273 -18.79 35.27 10.28
C GLY B 273 -17.32 35.29 10.66
N PRO B 274 -16.75 34.17 11.13
CA PRO B 274 -15.32 34.08 11.34
C PRO B 274 -14.47 34.37 10.10
N TRP B 275 -13.37 35.08 10.32
CA TRP B 275 -12.36 35.55 9.34
C TRP B 275 -12.01 34.48 8.29
N HIS B 276 -11.77 33.25 8.71
CA HIS B 276 -11.29 32.16 7.80
C HIS B 276 -12.47 31.63 6.96
N GLU B 277 -13.70 32.03 7.30
CA GLU B 277 -14.94 31.67 6.58
C GLU B 277 -15.47 32.90 5.85
N ARG B 278 -14.61 33.86 5.46
CA ARG B 278 -15.05 35.15 4.83
C ARG B 278 -13.98 35.68 3.87
N LEU B 279 -12.74 35.80 4.32
CA LEU B 279 -11.62 36.40 3.54
C LEU B 279 -11.30 35.59 2.29
N PRO B 280 -11.47 34.25 2.26
CA PRO B 280 -11.46 33.53 0.98
C PRO B 280 -12.85 33.60 0.34
N HIS B 281 -12.91 33.35 -0.97
CA HIS B 281 -14.16 33.36 -1.76
C HIS B 281 -14.92 32.04 -1.54
N PHE B 282 -14.20 30.97 -1.18
CA PHE B 282 -14.69 29.56 -1.19
C PHE B 282 -14.73 29.03 0.24
N ARG B 283 -15.86 28.47 0.66
CA ARG B 283 -16.12 28.00 2.05
C ARG B 283 -15.28 26.74 2.31
N LEU B 284 -15.02 26.48 3.59
CA LEU B 284 -14.12 25.40 4.08
C LEU B 284 -14.54 24.09 3.40
N GLY B 285 -15.85 23.84 3.28
CA GLY B 285 -16.40 22.58 2.78
C GLY B 285 -16.10 22.34 1.30
N PHE B 286 -16.03 23.39 0.49
CA PHE B 286 -15.72 23.23 -0.95
C PHE B 286 -14.29 22.68 -1.00
N THR B 287 -14.10 21.53 -1.64
CA THR B 287 -12.83 20.74 -1.67
C THR B 287 -12.63 20.16 -3.07
N PRO B 288 -12.44 20.99 -4.09
CA PRO B 288 -12.21 20.47 -5.44
C PRO B 288 -10.93 19.63 -5.46
N SER B 289 -11.03 18.37 -5.87
CA SER B 289 -9.89 17.41 -6.00
C SER B 289 -9.08 17.71 -7.25
N SER B 290 -9.72 18.39 -8.21
CA SER B 290 -9.15 18.79 -9.52
C SER B 290 -9.79 20.12 -9.95
N GLY B 291 -9.18 20.78 -10.93
CA GLY B 291 -9.68 22.05 -11.50
C GLY B 291 -9.73 21.99 -13.02
N ASP B 292 -10.57 22.87 -13.60
CA ASP B 292 -10.80 22.95 -15.06
C ASP B 292 -10.45 24.36 -15.55
N GLU B 293 -9.28 24.88 -15.16
CA GLU B 293 -8.87 26.29 -15.37
C GLU B 293 -7.34 26.38 -15.54
N LEU B 294 -6.84 27.42 -16.18
CA LEU B 294 -5.43 27.89 -16.01
C LEU B 294 -5.45 29.18 -15.19
N GLN B 295 -4.27 29.75 -14.93
CA GLN B 295 -4.13 31.04 -14.20
C GLN B 295 -2.84 31.76 -14.60
N ALA B 296 -2.93 33.11 -14.61
CA ALA B 296 -1.81 34.08 -14.64
C ALA B 296 -2.27 35.32 -13.87
N GLU B 297 -1.37 35.93 -13.12
CA GLU B 297 -1.67 37.20 -12.41
C GLU B 297 -0.44 38.07 -12.53
N TYR B 298 -0.63 39.31 -13.00
CA TYR B 298 0.42 40.35 -13.05
C TYR B 298 0.21 41.35 -11.90
N LEU B 299 1.34 41.71 -11.29
CA LEU B 299 1.42 42.56 -10.08
C LEU B 299 2.27 43.79 -10.40
N LEU B 300 1.63 44.96 -10.27
CA LEU B 300 2.04 46.27 -10.85
C LEU B 300 2.08 47.28 -9.70
N PRO B 301 2.91 48.33 -9.76
CA PRO B 301 2.91 49.39 -8.76
C PRO B 301 1.52 50.05 -8.72
N ARG B 302 0.96 50.37 -7.56
CA ARG B 302 -0.49 50.70 -7.45
C ARG B 302 -0.84 51.90 -8.35
N ARG B 303 0.09 52.83 -8.58
CA ARG B 303 -0.13 54.10 -9.33
C ARG B 303 -0.55 53.77 -10.78
N HIS B 304 -0.08 52.66 -11.35
CA HIS B 304 -0.42 52.24 -12.74
C HIS B 304 -1.75 51.47 -12.82
N ALA B 305 -2.57 51.46 -11.76
CA ALA B 305 -3.91 50.80 -11.76
C ALA B 305 -4.69 51.19 -13.02
N VAL B 306 -5.17 52.44 -13.05
CA VAL B 306 -6.04 53.01 -14.12
C VAL B 306 -5.30 52.88 -15.47
N ALA B 307 -4.11 53.44 -15.59
CA ALA B 307 -3.24 53.29 -16.80
C ALA B 307 -3.30 51.84 -17.33
N ALA B 308 -3.08 50.85 -16.45
CA ALA B 308 -3.06 49.41 -16.81
C ALA B 308 -4.48 48.95 -17.11
N PHE B 309 -5.44 49.28 -16.24
CA PHE B 309 -6.87 48.96 -16.50
C PHE B 309 -7.21 49.27 -17.97
N HIS B 310 -6.91 50.48 -18.45
CA HIS B 310 -7.14 50.91 -19.85
C HIS B 310 -6.29 50.02 -20.78
N ALA B 311 -4.98 49.92 -20.58
CA ALA B 311 -4.04 49.21 -21.49
C ALA B 311 -4.58 47.80 -21.83
N LEU B 312 -5.27 47.17 -20.87
CA LEU B 312 -5.91 45.83 -21.02
C LEU B 312 -7.19 46.01 -21.83
N ALA B 313 -8.10 46.87 -21.34
CA ALA B 313 -9.36 47.23 -22.04
C ALA B 313 -9.09 47.33 -23.55
N GLY B 314 -7.89 47.75 -23.94
CA GLY B 314 -7.44 47.83 -25.33
C GLY B 314 -7.27 46.48 -26.00
N ILE B 315 -7.17 45.38 -25.23
CA ILE B 315 -7.05 44.01 -25.78
C ILE B 315 -8.08 43.07 -25.11
N ALA B 316 -9.14 43.63 -24.52
CA ALA B 316 -10.30 42.93 -23.90
C ALA B 316 -10.97 41.97 -24.90
N ASP B 317 -10.79 42.21 -26.20
CA ASP B 317 -11.36 41.39 -27.31
C ASP B 317 -10.59 40.06 -27.41
N ARG B 318 -9.34 39.99 -26.96
CA ARG B 318 -8.51 38.74 -27.01
C ARG B 318 -8.54 37.99 -25.66
N ILE B 319 -8.75 38.71 -24.55
CA ILE B 319 -8.97 38.19 -23.17
C ILE B 319 -10.32 37.46 -23.12
N ALA B 320 -11.45 38.17 -23.00
CA ALA B 320 -12.79 37.61 -22.71
C ALA B 320 -13.05 36.27 -23.41
N PRO B 321 -12.68 36.06 -24.70
CA PRO B 321 -12.88 34.76 -25.37
C PRO B 321 -12.47 33.53 -24.53
N VAL B 322 -11.24 33.50 -24.05
CA VAL B 322 -10.67 32.34 -23.28
C VAL B 322 -10.66 32.63 -21.77
N LEU B 323 -11.57 33.45 -21.23
CA LEU B 323 -11.51 33.86 -19.79
C LEU B 323 -12.77 33.42 -19.04
N HIS B 324 -12.60 32.99 -17.79
CA HIS B 324 -13.72 32.71 -16.88
C HIS B 324 -14.05 34.02 -16.20
N ILE B 325 -13.10 34.55 -15.45
CA ILE B 325 -13.22 35.86 -14.73
C ILE B 325 -11.79 36.39 -14.53
N SER B 326 -11.64 37.72 -14.52
CA SER B 326 -10.42 38.44 -14.08
C SER B 326 -10.70 39.17 -12.76
N GLU B 327 -9.73 39.08 -11.85
CA GLU B 327 -9.82 39.61 -10.47
C GLU B 327 -8.77 40.71 -10.29
N ILE B 328 -9.22 41.87 -9.81
CA ILE B 328 -8.34 43.02 -9.47
C ILE B 328 -8.37 43.26 -7.96
N ARG B 329 -7.16 43.30 -7.39
CA ARG B 329 -6.91 43.42 -5.93
C ARG B 329 -5.69 44.31 -5.67
N THR B 330 -5.63 44.80 -4.41
CA THR B 330 -4.50 45.56 -3.81
C THR B 330 -3.75 44.70 -2.78
N VAL B 331 -2.44 44.89 -2.69
CA VAL B 331 -1.51 44.22 -1.76
C VAL B 331 -0.49 45.26 -1.31
N ALA B 332 -0.31 45.42 0.02
CA ALA B 332 0.72 46.29 0.64
C ALA B 332 2.12 45.79 0.24
N ALA B 333 3.14 46.64 0.37
CA ALA B 333 4.56 46.28 0.10
C ALA B 333 5.11 45.41 1.25
N ASP B 334 6.04 44.52 0.91
CA ASP B 334 6.86 43.76 1.89
C ASP B 334 8.33 43.99 1.54
N ASP B 335 9.25 43.34 2.28
CA ASP B 335 10.71 43.46 2.06
C ASP B 335 11.31 42.11 1.66
N LEU B 336 10.50 41.21 1.09
CA LEU B 336 10.91 39.82 0.78
C LEU B 336 11.37 39.75 -0.67
N TRP B 337 12.60 39.34 -0.89
CA TRP B 337 13.39 39.59 -2.12
C TRP B 337 12.63 39.18 -3.38
N LEU B 338 12.00 38.01 -3.40
CA LEU B 338 11.31 37.51 -4.61
C LEU B 338 9.80 37.64 -4.47
N SER B 339 9.31 38.25 -3.40
CA SER B 339 7.87 38.65 -3.32
C SER B 339 7.60 39.55 -4.52
N PRO B 340 6.49 39.34 -5.25
CA PRO B 340 6.05 40.34 -6.23
C PRO B 340 5.72 41.73 -5.65
N PHE B 341 5.55 41.82 -4.33
CA PHE B 341 5.22 43.08 -3.58
C PHE B 341 6.46 43.62 -2.87
N HIS B 342 7.66 43.19 -3.30
CA HIS B 342 8.96 43.61 -2.73
C HIS B 342 9.10 45.12 -2.90
N GLY B 343 9.02 45.86 -1.79
CA GLY B 343 9.05 47.34 -1.73
C GLY B 343 8.30 48.00 -2.88
N ARG B 344 7.00 47.71 -3.02
CA ARG B 344 6.06 48.55 -3.80
C ARG B 344 4.63 48.13 -3.53
N ASN B 345 3.85 48.96 -2.84
CA ASN B 345 2.39 48.78 -2.81
C ASN B 345 1.94 48.36 -4.22
N THR B 346 0.98 47.44 -4.29
CA THR B 346 0.71 46.68 -5.54
C THR B 346 -0.78 46.70 -5.90
N VAL B 347 -1.01 46.79 -7.21
CA VAL B 347 -2.30 46.48 -7.88
C VAL B 347 -2.12 45.12 -8.56
N ALA B 348 -3.10 44.23 -8.36
CA ALA B 348 -3.06 42.83 -8.82
C ALA B 348 -4.07 42.67 -9.94
N PHE B 349 -3.61 42.25 -11.11
CA PHE B 349 -4.45 41.93 -12.30
C PHE B 349 -4.44 40.43 -12.48
N HIS B 350 -5.45 39.72 -11.92
CA HIS B 350 -5.58 38.25 -11.99
C HIS B 350 -6.46 37.79 -13.16
N PHE B 351 -6.10 36.66 -13.78
CA PHE B 351 -6.84 35.99 -14.87
C PHE B 351 -6.95 34.49 -14.59
N THR B 352 -8.16 34.05 -14.22
CA THR B 352 -8.60 32.63 -14.22
C THR B 352 -9.04 32.31 -15.65
N TRP B 353 -8.16 31.71 -16.46
CA TRP B 353 -8.47 31.35 -17.87
C TRP B 353 -9.27 30.05 -17.92
N LYS B 354 -9.90 29.76 -19.07
CA LYS B 354 -10.47 28.44 -19.43
C LYS B 354 -9.34 27.56 -19.91
N PRO B 355 -9.45 26.21 -19.79
CA PRO B 355 -8.27 25.34 -19.88
C PRO B 355 -7.75 25.05 -21.29
N ASP B 356 -7.43 26.08 -22.07
CA ASP B 356 -6.66 25.93 -23.34
C ASP B 356 -5.34 26.69 -23.18
N GLU B 357 -4.28 25.96 -22.84
CA GLU B 357 -2.91 26.50 -22.56
C GLU B 357 -2.31 27.12 -23.83
N ALA B 358 -2.43 26.45 -24.98
CA ALA B 358 -1.89 26.92 -26.27
C ALA B 358 -2.45 28.31 -26.58
N ALA B 359 -3.75 28.53 -26.32
CA ALA B 359 -4.50 29.77 -26.67
C ALA B 359 -4.22 30.88 -25.66
N VAL B 360 -4.13 30.54 -24.37
CA VAL B 360 -3.86 31.53 -23.29
C VAL B 360 -2.42 32.04 -23.47
N ARG B 361 -1.46 31.16 -23.79
CA ARG B 361 -0.04 31.54 -23.95
C ARG B 361 0.08 32.70 -24.93
N GLU B 362 -0.64 32.63 -26.06
CA GLU B 362 -0.66 33.68 -27.10
C GLU B 362 -1.22 34.97 -26.48
N VAL B 363 -2.37 34.92 -25.79
CA VAL B 363 -2.98 36.10 -25.09
C VAL B 363 -1.98 36.68 -24.06
N LEU B 364 -1.11 35.84 -23.48
CA LEU B 364 -0.18 36.30 -22.41
C LEU B 364 0.93 37.14 -23.04
N SER B 365 1.61 36.61 -24.07
CA SER B 365 2.61 37.35 -24.90
C SER B 365 2.16 38.80 -25.08
N LEU B 366 0.92 38.96 -25.57
CA LEU B 366 0.22 40.25 -25.73
C LEU B 366 0.15 40.97 -24.38
N MET B 367 -0.62 40.44 -23.42
CA MET B 367 -0.83 41.04 -22.07
C MET B 367 0.49 41.63 -21.55
N GLU B 368 1.54 40.81 -21.62
CA GLU B 368 2.91 41.14 -21.16
C GLU B 368 3.41 42.38 -21.93
N GLU B 369 3.28 42.38 -23.26
CA GLU B 369 3.68 43.49 -24.15
C GLU B 369 2.96 44.79 -23.75
N VAL B 370 1.64 44.77 -23.55
CA VAL B 370 0.85 46.02 -23.26
C VAL B 370 1.10 46.47 -21.81
N LEU B 371 1.43 45.55 -20.90
CA LEU B 371 1.63 45.92 -19.47
C LEU B 371 3.10 46.30 -19.24
N ALA B 372 4.01 45.93 -20.16
CA ALA B 372 5.49 46.13 -20.13
C ALA B 372 5.88 47.46 -19.48
N PRO B 373 5.32 48.61 -19.92
CA PRO B 373 5.62 49.91 -19.30
C PRO B 373 5.33 50.09 -17.79
N PHE B 374 4.57 49.18 -17.18
CA PHE B 374 4.20 49.24 -15.75
C PHE B 374 5.13 48.33 -14.91
N GLU B 375 6.17 47.77 -15.55
CA GLU B 375 7.20 46.90 -14.90
C GLU B 375 6.51 45.76 -14.15
N PRO B 376 5.65 44.97 -14.84
CA PRO B 376 4.77 44.02 -14.17
C PRO B 376 5.50 42.75 -13.72
N ARG B 377 5.37 42.37 -12.44
CA ARG B 377 5.93 41.08 -11.95
C ARG B 377 4.84 40.02 -11.99
N PRO B 378 5.07 38.87 -12.69
CA PRO B 378 4.14 37.75 -12.66
C PRO B 378 4.18 37.08 -11.29
N HIS B 379 3.02 36.58 -10.86
CA HIS B 379 2.85 35.55 -9.79
C HIS B 379 3.64 34.32 -10.22
N TRP B 380 4.44 33.79 -9.30
CA TRP B 380 5.48 32.73 -9.51
C TRP B 380 4.78 31.39 -9.75
N GLY B 381 3.62 31.21 -9.09
CA GLY B 381 2.75 30.02 -9.18
C GLY B 381 1.92 29.98 -10.46
N LYS B 382 1.50 31.14 -10.97
CA LYS B 382 0.59 31.29 -12.15
C LYS B 382 1.39 31.33 -13.47
N LEU B 383 0.71 31.29 -14.62
CA LEU B 383 1.37 31.24 -15.95
C LEU B 383 2.00 32.60 -16.27
N PHE B 384 3.07 32.60 -17.07
CA PHE B 384 3.70 33.78 -17.70
C PHE B 384 4.72 33.34 -18.77
N ALA B 385 5.17 34.27 -19.60
CA ALA B 385 6.21 34.04 -20.62
C ALA B 385 7.29 35.14 -20.57
N ILE B 386 7.18 36.11 -19.65
CA ILE B 386 8.17 37.21 -19.48
C ILE B 386 9.57 36.60 -19.39
N PRO B 387 10.48 36.82 -20.37
CA PRO B 387 11.76 36.10 -20.37
C PRO B 387 12.60 36.44 -19.14
N PRO B 388 13.69 35.68 -18.89
CA PRO B 388 14.49 35.87 -17.69
C PRO B 388 15.06 37.28 -17.61
N LYS B 389 15.87 37.68 -18.60
CA LYS B 389 16.58 38.98 -18.59
C LYS B 389 15.61 40.05 -18.04
N VAL B 390 14.41 40.14 -18.59
CA VAL B 390 13.42 41.22 -18.25
C VAL B 390 12.87 40.98 -16.84
N LEU B 391 12.49 39.73 -16.53
CA LEU B 391 11.87 39.40 -15.23
C LEU B 391 12.82 39.81 -14.10
N ARG B 392 14.12 39.48 -14.25
CA ARG B 392 15.17 39.65 -13.22
C ARG B 392 15.34 41.13 -12.92
N SER B 393 15.44 41.95 -13.97
CA SER B 393 15.61 43.43 -13.89
C SER B 393 14.46 44.08 -13.10
N ARG B 394 13.34 43.37 -12.92
CA ARG B 394 12.16 43.91 -12.17
C ARG B 394 12.29 43.55 -10.67
N TYR B 395 13.35 42.82 -10.31
CA TYR B 395 13.66 42.37 -8.92
C TYR B 395 15.07 42.88 -8.53
N ASP B 396 15.13 43.78 -7.53
CA ASP B 396 16.37 44.38 -6.98
C ASP B 396 17.24 43.26 -6.38
N ARG B 397 16.66 42.43 -5.51
CA ARG B 397 17.36 41.49 -4.60
C ARG B 397 17.47 40.09 -5.24
N ILE B 398 17.56 40.01 -6.57
CA ILE B 398 17.75 38.73 -7.31
C ILE B 398 19.19 38.23 -7.13
N GLY B 399 20.18 39.12 -7.14
CA GLY B 399 21.59 38.74 -6.90
C GLY B 399 21.77 38.22 -5.49
N ASP B 400 21.00 38.75 -4.53
CA ASP B 400 21.03 38.37 -3.10
C ASP B 400 20.42 36.97 -2.91
N PHE B 401 19.24 36.73 -3.47
CA PHE B 401 18.61 35.39 -3.44
C PHE B 401 19.57 34.39 -4.10
N ARG B 402 20.15 34.73 -5.24
CA ARG B 402 21.04 33.76 -5.96
C ARG B 402 22.20 33.33 -5.04
N ALA B 403 22.67 34.21 -4.15
CA ALA B 403 23.80 33.95 -3.22
C ALA B 403 23.34 32.98 -2.12
N LEU B 404 22.15 33.24 -1.56
CA LEU B 404 21.50 32.44 -0.48
C LEU B 404 21.26 31.01 -0.96
N ALA B 405 20.74 30.86 -2.18
CA ALA B 405 20.57 29.55 -2.83
C ALA B 405 21.93 28.84 -2.87
N ARG B 406 22.94 29.46 -3.48
CA ARG B 406 24.31 28.89 -3.59
C ARG B 406 24.86 28.57 -2.19
N GLU B 407 24.58 29.39 -1.18
CA GLU B 407 25.04 29.17 0.21
C GLU B 407 24.38 27.92 0.82
N LEU B 408 23.07 27.71 0.61
CA LEU B 408 22.27 26.62 1.24
C LEU B 408 22.03 25.45 0.26
N ASP B 409 22.55 25.48 -0.96
CA ASP B 409 22.30 24.39 -1.93
C ASP B 409 23.30 24.46 -3.09
N PRO B 410 24.62 24.49 -2.80
CA PRO B 410 25.64 24.62 -3.84
C PRO B 410 25.49 23.69 -5.04
N SER B 411 24.89 22.51 -4.83
CA SER B 411 24.79 21.45 -5.86
C SER B 411 23.57 21.73 -6.75
N GLY B 412 22.69 22.61 -6.30
CA GLY B 412 21.45 22.95 -7.01
C GLY B 412 20.41 21.85 -6.90
N LYS B 413 20.53 20.97 -5.91
CA LYS B 413 19.53 19.89 -5.59
C LYS B 413 18.09 20.39 -5.83
N PHE B 414 17.75 21.55 -5.24
CA PHE B 414 16.36 22.07 -5.18
C PHE B 414 16.12 23.01 -6.37
N ALA B 415 16.99 22.96 -7.38
CA ALA B 415 16.95 23.81 -8.59
C ALA B 415 16.56 22.97 -9.80
N ASN B 416 15.26 22.95 -10.11
CA ASN B 416 14.69 22.37 -11.36
C ASN B 416 14.92 23.33 -12.54
N ALA B 417 14.54 22.93 -13.75
CA ALA B 417 14.70 23.74 -14.99
C ALA B 417 14.00 25.10 -14.86
N PHE B 418 12.86 25.16 -14.15
CA PHE B 418 12.09 26.40 -13.91
C PHE B 418 12.95 27.40 -13.13
N VAL B 419 13.46 27.03 -11.96
CA VAL B 419 14.18 27.97 -11.05
C VAL B 419 15.56 28.25 -11.67
N ALA B 420 16.09 27.30 -12.45
CA ALA B 420 17.37 27.46 -13.19
C ALA B 420 17.22 28.61 -14.18
N HIS B 421 16.18 28.52 -15.02
CA HIS B 421 15.90 29.39 -16.20
C HIS B 421 15.45 30.80 -15.78
N HIS B 422 14.63 30.94 -14.72
CA HIS B 422 14.00 32.23 -14.31
C HIS B 422 14.85 33.01 -13.30
N VAL B 423 15.64 32.35 -12.44
CA VAL B 423 16.27 33.03 -11.28
C VAL B 423 17.78 32.73 -11.19
N LEU B 424 18.23 31.48 -11.33
CA LEU B 424 19.55 31.02 -10.78
C LEU B 424 20.65 30.98 -11.85
N ASP B 425 20.33 30.54 -13.08
CA ASP B 425 21.31 30.43 -14.21
C ASP B 425 21.84 31.82 -14.56
N ASP B 426 23.07 31.87 -15.09
CA ASP B 426 23.63 33.00 -15.88
C ASP B 426 23.69 32.52 -17.34
N SER C 5 -14.07 -21.81 -5.74
CA SER C 5 -13.39 -21.51 -4.41
C SER C 5 -12.77 -22.78 -3.81
N THR C 6 -13.60 -23.81 -3.62
CA THR C 6 -13.28 -25.10 -2.97
C THR C 6 -13.79 -26.27 -3.81
N ASN C 7 -13.24 -27.46 -3.58
CA ASN C 7 -13.85 -28.74 -4.07
C ASN C 7 -15.20 -28.95 -3.38
N TRP C 8 -16.08 -29.72 -4.03
CA TRP C 8 -17.47 -30.01 -3.61
C TRP C 8 -17.57 -30.25 -2.09
N ALA C 9 -16.59 -30.95 -1.52
CA ALA C 9 -16.57 -31.30 -0.09
C ALA C 9 -16.27 -30.03 0.72
N GLY C 10 -15.26 -29.28 0.29
CA GLY C 10 -14.78 -28.05 0.97
C GLY C 10 -13.58 -28.31 1.87
N ASN C 11 -12.89 -29.44 1.68
CA ASN C 11 -11.62 -29.77 2.41
C ASN C 11 -10.45 -29.19 1.60
N VAL C 12 -10.63 -28.97 0.31
CA VAL C 12 -9.59 -28.38 -0.57
C VAL C 12 -10.06 -26.97 -0.94
N VAL C 13 -9.35 -25.97 -0.41
CA VAL C 13 -9.42 -24.53 -0.82
C VAL C 13 -8.42 -24.33 -1.97
N TYR C 14 -8.92 -24.09 -3.17
CA TYR C 14 -8.11 -23.85 -4.40
C TYR C 14 -7.21 -22.62 -4.17
N ARG C 15 -5.89 -22.80 -4.34
CA ARG C 15 -4.86 -21.75 -4.14
C ARG C 15 -4.43 -21.20 -5.51
N ALA C 16 -5.34 -21.25 -6.50
CA ALA C 16 -5.16 -20.67 -7.86
C ALA C 16 -5.18 -19.14 -7.78
N SER C 17 -4.55 -18.50 -8.76
CA SER C 17 -4.59 -17.02 -8.95
C SER C 17 -5.88 -16.64 -9.67
N GLU C 18 -6.17 -17.27 -10.81
CA GLU C 18 -7.27 -16.93 -11.73
C GLU C 18 -8.22 -18.13 -11.85
N LEU C 19 -9.53 -17.89 -11.84
CA LEU C 19 -10.58 -18.88 -12.24
C LEU C 19 -11.21 -18.41 -13.56
N HIS C 20 -10.82 -19.01 -14.69
CA HIS C 20 -11.35 -18.73 -16.06
C HIS C 20 -12.55 -19.63 -16.34
N ARG C 21 -13.54 -19.13 -17.09
CA ARG C 21 -14.69 -19.90 -17.62
C ARG C 21 -14.84 -19.59 -19.11
N PRO C 22 -13.86 -19.94 -19.97
CA PRO C 22 -13.96 -19.65 -21.40
C PRO C 22 -15.35 -20.01 -21.95
N ALA C 23 -15.89 -19.19 -22.86
CA ALA C 23 -17.19 -19.37 -23.53
C ALA C 23 -17.00 -19.88 -24.97
N SER C 24 -15.77 -20.14 -25.36
CA SER C 24 -15.44 -20.66 -26.73
C SER C 24 -14.13 -21.47 -26.67
N LEU C 25 -13.96 -22.33 -27.67
CA LEU C 25 -12.71 -23.09 -27.88
C LEU C 25 -11.58 -22.08 -28.06
N ASP C 26 -11.83 -21.08 -28.90
CA ASP C 26 -10.84 -20.00 -29.22
C ASP C 26 -10.34 -19.40 -27.90
N GLU C 27 -11.27 -19.05 -27.01
CA GLU C 27 -10.96 -18.36 -25.73
C GLU C 27 -10.21 -19.32 -24.80
N LEU C 28 -10.57 -20.62 -24.78
CA LEU C 28 -9.85 -21.63 -23.97
C LEU C 28 -8.40 -21.66 -24.44
N ARG C 29 -8.23 -21.94 -25.74
CA ARG C 29 -6.90 -22.11 -26.39
C ARG C 29 -6.02 -20.92 -26.04
N ARG C 30 -6.61 -19.70 -25.99
CA ARG C 30 -5.93 -18.44 -25.58
C ARG C 30 -5.52 -18.55 -24.11
N VAL C 31 -6.45 -18.89 -23.20
CA VAL C 31 -6.17 -18.95 -21.74
C VAL C 31 -5.02 -19.94 -21.53
N VAL C 32 -5.08 -21.09 -22.17
CA VAL C 32 -4.08 -22.18 -22.01
C VAL C 32 -2.74 -21.65 -22.49
N ALA C 33 -2.66 -21.21 -23.75
CA ALA C 33 -1.43 -20.73 -24.41
C ALA C 33 -0.74 -19.61 -23.59
N ARG C 34 -1.48 -18.73 -22.92
CA ARG C 34 -0.89 -17.55 -22.21
C ARG C 34 -0.58 -17.90 -20.74
N SER C 35 -1.21 -18.94 -20.19
CA SER C 35 -1.04 -19.35 -18.77
C SER C 35 0.15 -20.30 -18.67
N PRO C 36 1.10 -20.06 -17.74
CA PRO C 36 2.28 -20.91 -17.61
C PRO C 36 1.95 -22.18 -16.79
N LYS C 37 0.94 -22.09 -15.93
CA LYS C 37 0.42 -23.22 -15.12
C LYS C 37 -1.10 -23.31 -15.26
N VAL C 38 -1.60 -24.49 -15.66
CA VAL C 38 -3.05 -24.77 -15.82
C VAL C 38 -3.41 -26.10 -15.13
N ARG C 39 -4.58 -26.14 -14.49
CA ARG C 39 -5.31 -27.38 -14.16
C ARG C 39 -6.78 -27.09 -14.52
N VAL C 40 -7.41 -27.98 -15.28
CA VAL C 40 -8.86 -27.88 -15.63
C VAL C 40 -9.65 -28.12 -14.34
N LEU C 41 -10.79 -27.44 -14.19
CA LEU C 41 -11.75 -27.73 -13.10
C LEU C 41 -12.97 -28.38 -13.76
N GLY C 42 -13.27 -29.63 -13.42
CA GLY C 42 -14.60 -30.22 -13.67
C GLY C 42 -15.58 -29.83 -12.57
N SER C 43 -16.21 -30.85 -12.00
CA SER C 43 -17.35 -30.75 -11.04
C SER C 43 -16.85 -30.54 -9.60
N GLY C 44 -15.54 -30.55 -9.37
CA GLY C 44 -14.96 -30.43 -8.01
C GLY C 44 -15.27 -31.62 -7.12
N HIS C 45 -15.58 -32.79 -7.70
CA HIS C 45 -15.93 -34.04 -6.95
C HIS C 45 -14.68 -34.91 -6.67
N SER C 46 -13.51 -34.27 -6.50
CA SER C 46 -12.26 -34.85 -5.94
C SER C 46 -12.13 -34.42 -4.47
N PHE C 47 -11.29 -35.12 -3.72
CA PHE C 47 -11.11 -34.94 -2.26
C PHE C 47 -9.63 -34.69 -1.92
N ASN C 48 -8.74 -34.96 -2.88
CA ASN C 48 -7.30 -34.64 -2.75
C ASN C 48 -7.00 -33.35 -3.56
N GLU C 49 -5.72 -32.96 -3.59
CA GLU C 49 -5.22 -31.71 -4.20
C GLU C 49 -4.82 -31.97 -5.67
N ILE C 50 -5.59 -32.81 -6.38
CA ILE C 50 -5.38 -33.17 -7.83
C ILE C 50 -5.78 -32.00 -8.73
N THR C 51 -6.86 -31.29 -8.38
CA THR C 51 -7.41 -30.15 -9.15
C THR C 51 -6.70 -28.85 -8.73
N ASP C 52 -6.00 -28.85 -7.59
CA ASP C 52 -5.35 -27.66 -6.99
C ASP C 52 -4.22 -27.16 -7.91
N THR C 53 -3.89 -25.88 -7.82
CA THR C 53 -2.85 -25.19 -8.65
C THR C 53 -2.64 -23.77 -8.13
N GLU C 54 -1.40 -23.25 -8.23
CA GLU C 54 -1.06 -21.82 -7.94
C GLU C 54 -1.23 -20.99 -9.21
N GLY C 55 -1.34 -21.65 -10.38
CA GLY C 55 -1.63 -21.05 -11.69
C GLY C 55 -3.12 -20.92 -11.98
N ALA C 56 -3.53 -21.39 -13.16
CA ALA C 56 -4.84 -21.05 -13.76
C ALA C 56 -5.78 -22.25 -13.69
N LEU C 57 -6.80 -22.16 -12.82
CA LEU C 57 -8.03 -22.99 -12.85
C LEU C 57 -8.94 -22.58 -14.01
N VAL C 58 -9.30 -23.54 -14.86
CA VAL C 58 -10.02 -23.31 -16.15
C VAL C 58 -11.26 -24.19 -16.19
N SER C 59 -12.45 -23.71 -15.82
CA SER C 59 -13.70 -24.49 -16.07
C SER C 59 -13.87 -24.62 -17.58
N LEU C 60 -14.66 -25.60 -18.05
CA LEU C 60 -15.06 -25.77 -19.46
C LEU C 60 -16.59 -25.84 -19.55
N GLU C 61 -17.31 -25.55 -18.46
CA GLU C 61 -18.79 -25.76 -18.39
C GLU C 61 -19.50 -24.68 -19.22
N ALA C 62 -18.77 -23.71 -19.77
CA ALA C 62 -19.34 -22.53 -20.47
C ALA C 62 -19.10 -22.63 -21.98
N LEU C 63 -18.49 -23.71 -22.47
CA LEU C 63 -18.35 -23.97 -23.93
C LEU C 63 -19.68 -24.49 -24.47
N PRO C 64 -19.83 -24.54 -25.81
CA PRO C 64 -20.98 -25.18 -26.44
C PRO C 64 -21.16 -26.56 -25.81
N PRO C 65 -22.35 -26.86 -25.21
CA PRO C 65 -22.63 -28.23 -24.76
C PRO C 65 -22.98 -29.17 -25.93
N GLU C 66 -22.04 -29.33 -26.88
CA GLU C 66 -22.15 -30.19 -28.09
C GLU C 66 -22.50 -31.63 -27.66
N VAL C 67 -23.40 -32.31 -28.39
CA VAL C 67 -23.66 -33.78 -28.28
C VAL C 67 -23.97 -34.29 -29.69
N GLU C 68 -22.94 -34.43 -30.54
CA GLU C 68 -23.06 -34.72 -32.00
C GLU C 68 -22.94 -36.22 -32.25
N ILE C 69 -24.09 -36.91 -32.40
CA ILE C 69 -24.22 -38.39 -32.60
C ILE C 69 -24.03 -38.76 -34.08
N ASP C 70 -23.29 -39.83 -34.35
CA ASP C 70 -23.10 -40.43 -35.70
C ASP C 70 -23.83 -41.78 -35.70
N ARG C 71 -25.02 -41.81 -36.31
CA ARG C 71 -25.90 -43.02 -36.39
C ARG C 71 -25.11 -44.20 -36.97
N ALA C 72 -24.27 -43.97 -37.98
CA ALA C 72 -23.49 -44.98 -38.73
C ALA C 72 -22.59 -45.77 -37.77
N THR C 73 -21.71 -45.08 -37.04
CA THR C 73 -20.66 -45.67 -36.14
C THR C 73 -21.22 -45.88 -34.72
N GLY C 74 -22.43 -45.40 -34.43
CA GLY C 74 -23.05 -45.49 -33.10
C GLY C 74 -22.19 -44.85 -32.02
N THR C 75 -21.59 -43.70 -32.33
CA THR C 75 -20.66 -42.94 -31.44
C THR C 75 -21.14 -41.50 -31.30
N ALA C 76 -20.93 -40.90 -30.12
CA ALA C 76 -21.27 -39.50 -29.78
C ALA C 76 -19.97 -38.73 -29.54
N ARG C 77 -19.91 -37.51 -30.08
CA ARG C 77 -18.86 -36.50 -29.78
C ARG C 77 -19.45 -35.53 -28.75
N VAL C 78 -18.86 -35.37 -27.57
CA VAL C 78 -19.51 -34.63 -26.45
C VAL C 78 -18.52 -33.64 -25.79
N ALA C 79 -19.03 -32.52 -25.30
CA ALA C 79 -18.23 -31.48 -24.61
C ALA C 79 -17.77 -32.05 -23.28
N ALA C 80 -16.46 -32.08 -23.08
CA ALA C 80 -15.77 -32.50 -21.84
C ALA C 80 -16.46 -31.91 -20.60
N GLY C 81 -16.95 -30.67 -20.66
CA GLY C 81 -17.46 -29.98 -19.47
C GLY C 81 -18.85 -30.46 -19.09
N LEU C 82 -19.51 -31.16 -20.02
CA LEU C 82 -20.86 -31.74 -19.83
C LEU C 82 -20.86 -32.63 -18.57
N ARG C 83 -21.99 -32.71 -17.87
CA ARG C 83 -22.12 -33.63 -16.73
C ARG C 83 -22.91 -34.87 -17.16
N TYR C 84 -22.76 -35.99 -16.44
CA TYR C 84 -23.40 -37.28 -16.77
C TYR C 84 -24.93 -37.10 -16.70
N GLY C 85 -25.44 -36.37 -15.71
CA GLY C 85 -26.86 -35.96 -15.64
C GLY C 85 -27.39 -35.49 -16.98
N GLU C 86 -26.87 -34.36 -17.48
CA GLU C 86 -27.26 -33.76 -18.78
C GLU C 86 -27.00 -34.78 -19.91
N LEU C 87 -25.74 -35.24 -20.09
CA LEU C 87 -25.30 -36.05 -21.26
C LEU C 87 -26.21 -37.27 -21.44
N SER C 88 -26.51 -37.96 -20.36
CA SER C 88 -27.43 -39.13 -20.35
C SER C 88 -28.79 -38.73 -20.95
N ALA C 89 -29.48 -37.77 -20.30
CA ALA C 89 -30.85 -37.32 -20.66
C ALA C 89 -30.94 -37.03 -22.17
N ARG C 90 -29.90 -36.45 -22.78
CA ARG C 90 -29.83 -36.14 -24.24
C ARG C 90 -29.48 -37.40 -25.04
N LEU C 91 -28.55 -38.22 -24.54
CA LEU C 91 -28.24 -39.53 -25.16
C LEU C 91 -29.52 -40.36 -25.20
N HIS C 92 -30.26 -40.41 -24.09
CA HIS C 92 -31.46 -41.25 -23.91
C HIS C 92 -32.52 -40.82 -24.91
N ALA C 93 -32.85 -39.54 -24.89
CA ALA C 93 -33.80 -38.87 -25.80
C ALA C 93 -33.59 -39.43 -27.21
N ALA C 94 -32.37 -39.37 -27.73
CA ALA C 94 -32.02 -39.83 -29.10
C ALA C 94 -32.12 -41.36 -29.20
N GLY C 95 -32.42 -42.04 -28.08
CA GLY C 95 -32.57 -43.50 -28.00
C GLY C 95 -31.22 -44.20 -27.98
N TYR C 96 -30.29 -43.68 -27.17
CA TYR C 96 -28.94 -44.26 -26.97
C TYR C 96 -28.67 -44.35 -25.46
N ALA C 97 -27.64 -45.12 -25.08
CA ALA C 97 -27.18 -45.26 -23.68
C ALA C 97 -25.67 -45.51 -23.63
N LEU C 98 -25.14 -45.25 -22.44
CA LEU C 98 -23.78 -45.64 -22.00
C LEU C 98 -23.88 -46.89 -21.13
N PRO C 99 -22.85 -47.77 -21.11
CA PRO C 99 -22.91 -49.03 -20.36
C PRO C 99 -23.02 -48.83 -18.84
N ASN C 100 -22.49 -47.75 -18.30
CA ASN C 100 -22.51 -47.56 -16.83
C ASN C 100 -22.41 -46.06 -16.50
N LEU C 101 -22.77 -45.72 -15.26
CA LEU C 101 -22.72 -44.35 -14.68
C LEU C 101 -22.28 -44.46 -13.22
N ALA C 102 -21.51 -43.47 -12.74
CA ALA C 102 -21.11 -43.32 -11.33
C ALA C 102 -22.36 -43.22 -10.44
N SER C 103 -22.15 -43.01 -9.13
CA SER C 103 -23.21 -43.01 -8.08
C SER C 103 -24.18 -41.84 -8.29
N LEU C 104 -23.68 -40.64 -8.63
CA LEU C 104 -24.59 -39.52 -9.01
C LEU C 104 -24.23 -39.01 -10.40
N PRO C 105 -25.20 -38.40 -11.10
CA PRO C 105 -25.00 -37.94 -12.48
C PRO C 105 -24.24 -36.60 -12.63
N HIS C 106 -24.30 -35.75 -11.59
CA HIS C 106 -23.79 -34.35 -11.59
C HIS C 106 -22.27 -34.35 -11.40
N ILE C 107 -21.58 -35.27 -12.08
CA ILE C 107 -20.09 -35.31 -12.15
C ILE C 107 -19.73 -35.08 -13.61
N CYS C 108 -18.67 -34.31 -13.81
CA CYS C 108 -18.14 -33.92 -15.14
C CYS C 108 -17.53 -35.15 -15.82
N VAL C 109 -17.93 -35.41 -17.07
CA VAL C 109 -17.50 -36.58 -17.91
C VAL C 109 -15.97 -36.69 -17.96
N ALA C 110 -15.27 -35.65 -18.39
CA ALA C 110 -13.78 -35.62 -18.50
C ALA C 110 -13.13 -35.64 -17.11
N GLY C 111 -13.83 -35.13 -16.06
CA GLY C 111 -13.37 -35.21 -14.66
C GLY C 111 -13.44 -36.64 -14.16
N ALA C 112 -14.58 -37.28 -14.40
CA ALA C 112 -14.82 -38.72 -14.13
C ALA C 112 -13.71 -39.57 -14.78
N CYS C 113 -13.61 -39.58 -16.11
CA CYS C 113 -12.64 -40.40 -16.89
C CYS C 113 -11.17 -40.10 -16.54
N ALA C 114 -10.84 -38.92 -16.02
CA ALA C 114 -9.43 -38.54 -15.77
C ALA C 114 -8.89 -39.28 -14.54
N THR C 115 -9.78 -39.72 -13.63
CA THR C 115 -9.45 -40.34 -12.33
C THR C 115 -9.81 -41.84 -12.30
N GLY C 116 -10.33 -42.39 -13.40
CA GLY C 116 -10.85 -43.77 -13.51
C GLY C 116 -12.12 -43.99 -12.70
N THR C 117 -13.11 -43.12 -12.85
CA THR C 117 -14.44 -43.24 -12.20
C THR C 117 -15.15 -44.46 -12.80
N HIS C 118 -16.08 -45.06 -12.06
CA HIS C 118 -16.69 -46.39 -12.37
C HIS C 118 -18.04 -46.53 -11.66
N GLY C 119 -18.83 -47.52 -12.10
CA GLY C 119 -20.01 -48.02 -11.37
C GLY C 119 -19.72 -49.42 -10.86
N SER C 120 -20.72 -50.31 -10.88
CA SER C 120 -20.52 -51.75 -10.59
C SER C 120 -20.96 -52.57 -11.81
N GLY C 121 -20.57 -53.85 -11.85
CA GLY C 121 -20.90 -54.78 -12.93
C GLY C 121 -19.68 -55.56 -13.38
N ASP C 122 -19.85 -56.87 -13.55
CA ASP C 122 -18.76 -57.84 -13.86
C ASP C 122 -18.28 -57.62 -15.29
N GLY C 123 -19.19 -57.32 -16.21
CA GLY C 123 -18.90 -57.24 -17.65
C GLY C 123 -18.92 -55.81 -18.17
N ILE C 124 -18.61 -54.82 -17.31
CA ILE C 124 -18.59 -53.37 -17.68
C ILE C 124 -17.43 -52.66 -16.98
N GLY C 125 -16.62 -51.94 -17.76
CA GLY C 125 -15.42 -51.22 -17.31
C GLY C 125 -15.76 -49.97 -16.53
N GLY C 126 -14.73 -49.23 -16.14
CA GLY C 126 -14.84 -47.84 -15.66
C GLY C 126 -15.31 -46.97 -16.80
N LEU C 127 -15.87 -45.80 -16.50
CA LEU C 127 -16.60 -44.98 -17.50
C LEU C 127 -15.64 -44.68 -18.67
N ALA C 128 -14.34 -44.52 -18.37
CA ALA C 128 -13.27 -44.17 -19.33
C ALA C 128 -13.15 -45.20 -20.48
N GLY C 129 -13.65 -46.41 -20.32
CA GLY C 129 -13.54 -47.44 -21.38
C GLY C 129 -14.46 -47.19 -22.57
N SER C 130 -15.57 -46.46 -22.35
CA SER C 130 -16.55 -46.06 -23.38
C SER C 130 -15.96 -44.99 -24.31
N VAL C 131 -14.83 -44.35 -23.97
CA VAL C 131 -14.17 -43.26 -24.75
C VAL C 131 -13.30 -43.85 -25.87
N THR C 132 -13.52 -43.49 -27.14
CA THR C 132 -12.75 -44.02 -28.30
C THR C 132 -11.77 -42.99 -28.88
N ALA C 133 -11.93 -41.70 -28.51
CA ALA C 133 -11.07 -40.56 -28.94
C ALA C 133 -11.21 -39.34 -28.00
N VAL C 134 -10.15 -38.54 -27.92
CA VAL C 134 -10.15 -37.20 -27.23
C VAL C 134 -9.54 -36.16 -28.17
N GLU C 135 -10.11 -34.95 -28.18
CA GLU C 135 -9.50 -33.70 -28.70
C GLU C 135 -9.16 -32.83 -27.50
N LEU C 136 -7.90 -32.44 -27.38
CA LEU C 136 -7.50 -31.61 -26.23
C LEU C 136 -6.66 -30.44 -26.74
N VAL C 137 -6.71 -29.35 -25.99
CA VAL C 137 -5.85 -28.18 -26.20
C VAL C 137 -4.54 -28.49 -25.47
N THR C 138 -3.44 -28.56 -26.21
CA THR C 138 -2.09 -28.81 -25.64
C THR C 138 -1.72 -27.59 -24.78
N ALA C 139 -0.59 -27.67 -24.09
CA ALA C 139 0.06 -26.55 -23.37
C ALA C 139 0.46 -25.43 -24.34
N ASP C 140 0.51 -25.71 -25.64
CA ASP C 140 0.83 -24.70 -26.68
C ASP C 140 -0.46 -23.98 -27.14
N GLY C 141 -1.61 -24.65 -27.00
CA GLY C 141 -2.93 -24.08 -27.27
C GLY C 141 -3.54 -24.67 -28.53
N ASP C 142 -2.77 -25.43 -29.32
CA ASP C 142 -3.29 -26.09 -30.54
C ASP C 142 -4.07 -27.34 -30.13
N LEU C 143 -4.96 -27.80 -31.02
CA LEU C 143 -5.78 -29.03 -30.83
C LEU C 143 -4.94 -30.24 -31.24
N VAL C 144 -4.97 -31.29 -30.41
CA VAL C 144 -4.50 -32.66 -30.76
C VAL C 144 -5.66 -33.61 -30.50
N THR C 145 -5.85 -34.52 -31.46
CA THR C 145 -6.75 -35.69 -31.41
C THR C 145 -5.90 -36.95 -31.22
N LEU C 146 -6.15 -37.66 -30.13
CA LEU C 146 -5.75 -39.08 -29.91
C LEU C 146 -7.03 -39.93 -29.91
N SER C 147 -7.06 -40.96 -30.75
CA SER C 147 -8.15 -41.95 -30.86
C SER C 147 -7.56 -43.37 -30.83
N ARG C 148 -8.33 -44.34 -30.32
CA ARG C 148 -7.88 -45.76 -30.30
C ARG C 148 -7.46 -46.19 -31.72
N ASP C 149 -8.27 -45.88 -32.75
CA ASP C 149 -8.08 -46.40 -34.12
C ASP C 149 -6.79 -45.85 -34.74
N ALA C 150 -6.54 -44.55 -34.55
CA ALA C 150 -5.45 -43.78 -35.22
C ALA C 150 -4.14 -43.91 -34.43
N ASP C 151 -4.21 -43.85 -33.10
CA ASP C 151 -3.03 -43.82 -32.19
C ASP C 151 -3.10 -44.99 -31.21
N PRO C 152 -2.99 -46.25 -31.69
CA PRO C 152 -3.06 -47.43 -30.81
C PRO C 152 -2.03 -47.39 -29.68
N ASP C 153 -0.79 -46.96 -29.99
CA ASP C 153 0.38 -46.93 -29.07
C ASP C 153 0.15 -45.93 -27.92
N ARG C 154 -0.58 -44.84 -28.18
CA ARG C 154 -0.64 -43.66 -27.28
C ARG C 154 -2.04 -43.51 -26.64
N PHE C 155 -3.11 -43.81 -27.38
CA PHE C 155 -4.49 -43.49 -26.92
C PHE C 155 -4.73 -43.99 -25.50
N PRO C 156 -4.30 -45.23 -25.14
CA PRO C 156 -4.59 -45.80 -23.81
C PRO C 156 -4.05 -44.99 -22.64
N GLY C 157 -2.99 -44.21 -22.89
CA GLY C 157 -2.41 -43.24 -21.93
C GLY C 157 -3.35 -42.06 -21.70
N ALA C 158 -4.05 -41.66 -22.77
CA ALA C 158 -4.68 -40.33 -22.97
C ALA C 158 -5.95 -40.14 -22.12
N VAL C 159 -6.78 -41.16 -21.90
CA VAL C 159 -8.13 -40.95 -21.29
C VAL C 159 -7.97 -40.77 -19.77
N VAL C 160 -7.53 -41.80 -19.05
CA VAL C 160 -7.34 -41.69 -17.57
C VAL C 160 -5.94 -41.10 -17.40
N SER C 161 -5.93 -39.76 -17.39
CA SER C 161 -4.74 -38.91 -17.68
C SER C 161 -4.41 -37.99 -16.48
N LEU C 162 -5.39 -37.74 -15.60
CA LEU C 162 -5.26 -36.84 -14.41
C LEU C 162 -5.21 -35.38 -14.89
N GLY C 163 -5.79 -35.09 -16.05
CA GLY C 163 -5.81 -33.77 -16.71
C GLY C 163 -4.42 -33.17 -16.89
N ALA C 164 -3.44 -34.02 -17.21
CA ALA C 164 -1.99 -33.72 -17.19
C ALA C 164 -1.42 -33.75 -18.61
N LEU C 165 -2.28 -33.95 -19.61
CA LEU C 165 -1.90 -33.93 -21.06
C LEU C 165 -2.29 -32.59 -21.70
N GLY C 166 -3.39 -32.01 -21.21
CA GLY C 166 -4.00 -30.78 -21.73
C GLY C 166 -5.43 -30.64 -21.28
N ALA C 167 -6.16 -29.70 -21.87
CA ALA C 167 -7.60 -29.49 -21.62
C ALA C 167 -8.37 -30.25 -22.69
N VAL C 168 -9.10 -31.29 -22.30
CA VAL C 168 -9.94 -32.11 -23.22
C VAL C 168 -11.21 -31.31 -23.49
N VAL C 169 -11.50 -31.00 -24.76
CA VAL C 169 -12.74 -30.24 -25.12
C VAL C 169 -13.83 -31.25 -25.49
N THR C 170 -13.54 -32.18 -26.40
CA THR C 170 -14.53 -33.16 -26.88
C THR C 170 -14.00 -34.59 -26.71
N MET C 171 -14.84 -35.47 -26.16
CA MET C 171 -14.62 -36.93 -26.01
C MET C 171 -15.60 -37.66 -26.92
N THR C 172 -15.12 -38.61 -27.73
CA THR C 172 -15.94 -39.54 -28.57
C THR C 172 -16.26 -40.82 -27.77
N LEU C 173 -17.53 -41.02 -27.41
CA LEU C 173 -18.00 -42.18 -26.60
C LEU C 173 -18.60 -43.24 -27.55
N ARG C 174 -18.34 -44.53 -27.30
CA ARG C 174 -19.09 -45.63 -27.98
C ARG C 174 -20.40 -45.84 -27.20
N LEU C 175 -21.51 -45.87 -27.93
CA LEU C 175 -22.90 -45.86 -27.38
C LEU C 175 -23.51 -47.24 -27.58
N GLU C 176 -24.51 -47.56 -26.75
CA GLU C 176 -25.38 -48.75 -26.95
C GLU C 176 -26.78 -48.23 -27.23
N PRO C 177 -27.67 -49.09 -27.79
CA PRO C 177 -29.12 -48.89 -27.70
C PRO C 177 -29.60 -48.58 -26.26
N ALA C 178 -30.45 -47.57 -26.13
CA ALA C 178 -31.10 -47.15 -24.87
C ALA C 178 -31.78 -48.37 -24.27
N PHE C 179 -31.54 -48.67 -22.99
CA PHE C 179 -32.11 -49.84 -22.30
C PHE C 179 -32.81 -49.37 -21.03
N GLN C 180 -33.75 -50.18 -20.55
CA GLN C 180 -34.47 -49.97 -19.26
C GLN C 180 -33.74 -50.81 -18.23
N VAL C 181 -33.81 -50.36 -16.97
CA VAL C 181 -33.14 -51.00 -15.81
C VAL C 181 -34.14 -50.95 -14.65
N ARG C 182 -34.30 -52.07 -13.94
CA ARG C 182 -34.99 -52.12 -12.64
C ARG C 182 -33.91 -52.40 -11.60
N GLN C 183 -34.08 -51.86 -10.39
CA GLN C 183 -33.14 -52.08 -9.27
C GLN C 183 -33.97 -52.39 -8.04
N ARG C 184 -33.41 -53.21 -7.15
CA ARG C 184 -34.02 -53.67 -5.88
C ARG C 184 -32.97 -53.62 -4.78
N VAL C 185 -33.40 -53.29 -3.57
CA VAL C 185 -32.55 -53.29 -2.33
C VAL C 185 -32.98 -54.48 -1.48
N TYR C 186 -32.03 -55.36 -1.19
CA TYR C 186 -32.12 -56.41 -0.14
C TYR C 186 -31.30 -55.90 1.03
N GLU C 187 -31.65 -56.29 2.25
CA GLU C 187 -31.07 -55.73 3.51
C GLU C 187 -30.55 -56.86 4.40
N ASN C 188 -29.39 -56.64 5.04
CA ASN C 188 -28.78 -57.54 6.05
C ASN C 188 -28.49 -58.91 5.41
N LEU C 189 -27.58 -58.96 4.44
CA LEU C 189 -26.92 -60.21 3.98
C LEU C 189 -25.89 -60.59 5.04
N PRO C 190 -25.73 -61.87 5.43
CA PRO C 190 -24.62 -62.28 6.28
C PRO C 190 -23.28 -62.19 5.55
N ALA C 191 -22.24 -61.67 6.20
CA ALA C 191 -20.92 -61.42 5.56
C ALA C 191 -20.25 -62.75 5.19
N GLU C 192 -20.48 -63.80 5.98
CA GLU C 192 -19.93 -65.15 5.71
C GLU C 192 -20.46 -65.63 4.34
N ALA C 193 -21.68 -65.22 3.97
CA ALA C 193 -22.27 -65.48 2.64
C ALA C 193 -21.23 -65.23 1.54
N LEU C 194 -20.45 -64.16 1.67
CA LEU C 194 -19.43 -63.74 0.66
C LEU C 194 -18.34 -64.83 0.54
N ASP C 195 -18.06 -65.55 1.63
CA ASP C 195 -16.86 -66.43 1.74
C ASP C 195 -16.80 -67.43 0.58
N ASP C 196 -17.97 -67.92 0.14
CA ASP C 196 -18.10 -68.94 -0.94
C ASP C 196 -18.96 -68.43 -2.11
N HIS C 197 -19.74 -67.35 -1.93
CA HIS C 197 -20.80 -66.91 -2.87
C HIS C 197 -20.63 -65.46 -3.36
N PHE C 198 -19.52 -64.76 -3.01
CA PHE C 198 -19.21 -63.40 -3.52
C PHE C 198 -19.51 -63.37 -5.02
N ASP C 199 -18.79 -64.19 -5.78
CA ASP C 199 -18.78 -64.16 -7.27
C ASP C 199 -20.20 -64.36 -7.79
N GLU C 200 -20.94 -65.35 -7.27
CA GLU C 200 -22.38 -65.61 -7.60
C GLU C 200 -23.21 -64.37 -7.31
N ILE C 201 -22.97 -63.64 -6.21
CA ILE C 201 -23.73 -62.40 -5.81
C ILE C 201 -23.49 -61.26 -6.82
N MET C 202 -22.22 -60.86 -7.01
CA MET C 202 -21.83 -59.67 -7.84
C MET C 202 -22.17 -59.92 -9.31
N ALA C 203 -22.43 -61.19 -9.69
CA ALA C 203 -22.89 -61.60 -11.03
C ALA C 203 -24.42 -61.72 -11.09
N SER C 204 -25.14 -61.49 -9.97
CA SER C 204 -26.61 -61.69 -9.84
C SER C 204 -27.38 -60.55 -10.53
N GLY C 205 -26.69 -59.48 -10.91
CA GLY C 205 -27.28 -58.28 -11.55
C GLY C 205 -26.32 -57.61 -12.51
N TYR C 206 -26.83 -56.70 -13.35
CA TYR C 206 -26.05 -55.90 -14.32
C TYR C 206 -24.96 -55.17 -13.56
N SER C 207 -25.39 -54.53 -12.46
CA SER C 207 -24.55 -53.83 -11.46
C SER C 207 -25.04 -54.28 -10.10
N VAL C 208 -24.11 -54.56 -9.19
CA VAL C 208 -24.46 -54.92 -7.79
C VAL C 208 -23.59 -54.07 -6.88
N SER C 209 -24.17 -53.48 -5.85
CA SER C 209 -23.42 -52.70 -4.83
C SER C 209 -23.69 -53.30 -3.46
N LEU C 210 -22.64 -53.49 -2.67
CA LEU C 210 -22.73 -53.97 -1.27
C LEU C 210 -22.40 -52.80 -0.38
N PHE C 211 -23.37 -52.34 0.41
CA PHE C 211 -23.15 -51.27 1.42
C PHE C 211 -23.03 -51.92 2.81
N THR C 212 -21.90 -51.68 3.50
CA THR C 212 -21.63 -52.08 4.91
C THR C 212 -21.19 -50.88 5.74
N ASP C 213 -21.66 -50.78 6.99
CA ASP C 213 -21.25 -49.75 7.97
C ASP C 213 -19.99 -50.22 8.72
N TRP C 214 -19.48 -51.42 8.39
CA TRP C 214 -18.32 -52.08 9.06
C TRP C 214 -18.55 -52.18 10.57
N ARG C 215 -19.82 -52.27 11.00
CA ARG C 215 -20.23 -52.66 12.37
C ARG C 215 -20.69 -54.12 12.28
N GLY C 216 -20.09 -55.01 13.07
CA GLY C 216 -20.33 -56.46 13.00
C GLY C 216 -19.92 -57.04 11.65
N ASP C 217 -20.59 -58.12 11.23
CA ASP C 217 -20.26 -58.93 10.02
C ASP C 217 -21.52 -59.12 9.19
N ARG C 218 -22.29 -58.04 9.00
CA ARG C 218 -23.43 -57.98 8.04
C ARG C 218 -23.05 -57.03 6.89
N ILE C 219 -23.75 -57.14 5.77
CA ILE C 219 -23.80 -56.12 4.69
C ILE C 219 -25.13 -55.39 4.91
N ARG C 220 -25.11 -54.22 5.56
CA ARG C 220 -26.28 -53.32 5.77
C ARG C 220 -27.26 -53.41 4.59
N GLN C 221 -26.79 -53.23 3.33
CA GLN C 221 -27.63 -53.14 2.11
C GLN C 221 -26.92 -53.64 0.84
N VAL C 222 -27.67 -54.38 0.02
CA VAL C 222 -27.24 -54.91 -1.32
C VAL C 222 -28.17 -54.38 -2.42
N TRP C 223 -27.65 -53.47 -3.25
CA TRP C 223 -28.37 -52.88 -4.40
C TRP C 223 -28.07 -53.73 -5.64
N VAL C 224 -29.10 -54.38 -6.19
CA VAL C 224 -29.00 -55.30 -7.35
C VAL C 224 -29.79 -54.67 -8.51
N LYS C 225 -29.07 -54.27 -9.55
CA LYS C 225 -29.61 -53.57 -10.74
C LYS C 225 -29.49 -54.52 -11.93
N GLU C 226 -30.62 -54.83 -12.56
CA GLU C 226 -30.76 -55.82 -13.66
C GLU C 226 -31.30 -55.11 -14.90
N ARG C 227 -30.67 -55.34 -16.06
CA ARG C 227 -31.24 -55.06 -17.41
C ARG C 227 -32.55 -55.86 -17.49
N VAL C 228 -33.56 -55.40 -18.26
CA VAL C 228 -34.89 -56.07 -18.31
C VAL C 228 -34.86 -57.19 -19.37
N PRO C 240 -34.01 -65.13 -6.68
CA PRO C 240 -32.97 -64.11 -6.52
C PRO C 240 -31.85 -64.54 -5.55
N VAL C 241 -30.61 -64.58 -6.05
CA VAL C 241 -29.41 -65.19 -5.38
C VAL C 241 -29.17 -64.57 -3.99
N VAL C 242 -29.36 -63.26 -3.83
CA VAL C 242 -29.05 -62.58 -2.53
C VAL C 242 -30.21 -62.86 -1.56
N ALA C 243 -31.43 -63.11 -2.09
CA ALA C 243 -32.66 -63.41 -1.31
C ALA C 243 -32.47 -64.75 -0.59
N ALA C 244 -32.25 -65.81 -1.37
CA ALA C 244 -31.83 -67.15 -0.90
C ALA C 244 -30.84 -66.98 0.25
N LEU C 245 -29.69 -66.34 0.00
CA LEU C 245 -28.62 -66.20 1.01
C LEU C 245 -29.15 -65.32 2.14
N PRO C 249 -35.57 -58.44 1.33
CA PRO C 249 -36.00 -57.29 0.51
C PRO C 249 -36.48 -56.15 1.41
N ALA C 250 -36.58 -54.92 0.88
CA ALA C 250 -36.80 -53.69 1.67
C ALA C 250 -38.29 -53.31 1.68
N PRO C 253 -38.38 -47.57 -0.27
CA PRO C 253 -37.15 -46.88 -0.69
C PRO C 253 -36.12 -46.75 0.45
N ARG C 254 -34.83 -46.64 0.11
CA ARG C 254 -33.71 -46.70 1.09
C ARG C 254 -32.50 -45.91 0.60
N HIS C 255 -31.82 -45.19 1.50
CA HIS C 255 -30.53 -44.48 1.26
C HIS C 255 -29.38 -45.33 1.80
N PRO C 256 -28.25 -45.47 1.06
CA PRO C 256 -27.07 -46.21 1.53
C PRO C 256 -26.50 -45.82 2.90
N VAL C 257 -26.70 -44.56 3.32
CA VAL C 257 -26.20 -43.99 4.60
C VAL C 257 -27.34 -43.94 5.62
N PRO C 258 -27.10 -44.36 6.89
CA PRO C 258 -28.06 -44.16 7.97
C PRO C 258 -28.31 -42.66 8.24
N GLY C 259 -29.58 -42.24 8.30
CA GLY C 259 -29.98 -40.87 8.71
C GLY C 259 -30.23 -39.94 7.53
N MET C 260 -29.84 -40.33 6.31
CA MET C 260 -30.01 -39.51 5.08
C MET C 260 -31.30 -39.94 4.36
N PRO C 261 -32.07 -38.99 3.78
CA PRO C 261 -33.38 -39.30 3.23
C PRO C 261 -33.33 -40.09 1.91
N ALA C 262 -34.15 -41.14 1.82
CA ALA C 262 -34.24 -42.04 0.65
C ALA C 262 -34.57 -41.22 -0.62
N ALA C 263 -35.39 -40.16 -0.50
CA ALA C 263 -35.92 -39.33 -1.62
C ALA C 263 -34.81 -38.86 -2.57
N ASN C 264 -33.59 -38.66 -2.04
CA ASN C 264 -32.37 -38.25 -2.80
C ASN C 264 -32.03 -39.29 -3.88
N CYS C 265 -32.41 -40.55 -3.67
CA CYS C 265 -31.90 -41.74 -4.41
C CYS C 265 -32.85 -42.15 -5.53
N THR C 266 -32.29 -42.69 -6.60
CA THR C 266 -33.01 -43.21 -7.78
C THR C 266 -34.15 -44.11 -7.29
N GLU C 267 -35.14 -44.38 -8.16
CA GLU C 267 -36.36 -45.15 -7.79
C GLU C 267 -36.04 -46.66 -7.79
N GLN C 268 -36.21 -47.28 -6.62
CA GLN C 268 -35.96 -48.73 -6.36
C GLN C 268 -37.29 -49.50 -6.41
N LEU C 269 -37.41 -50.58 -5.61
CA LEU C 269 -38.62 -51.44 -5.51
C LEU C 269 -38.99 -51.95 -6.92
N GLY C 270 -37.99 -52.48 -7.63
CA GLY C 270 -38.10 -53.23 -8.90
C GLY C 270 -38.86 -52.48 -10.00
N VAL C 271 -39.09 -51.18 -9.82
CA VAL C 271 -39.84 -50.32 -10.80
C VAL C 271 -38.95 -50.08 -12.02
N PRO C 272 -39.35 -50.54 -13.24
CA PRO C 272 -38.53 -50.33 -14.43
C PRO C 272 -38.45 -48.84 -14.81
N GLY C 273 -37.31 -48.44 -15.34
CA GLY C 273 -36.98 -47.04 -15.64
C GLY C 273 -35.82 -46.96 -16.63
N PRO C 274 -35.48 -45.75 -17.13
CA PRO C 274 -34.42 -45.62 -18.13
C PRO C 274 -33.06 -45.78 -17.44
N TRP C 275 -32.10 -46.41 -18.12
CA TRP C 275 -30.75 -46.73 -17.58
C TRP C 275 -30.24 -45.57 -16.71
N HIS C 276 -30.30 -44.33 -17.21
CA HIS C 276 -29.69 -43.13 -16.59
C HIS C 276 -30.44 -42.66 -15.34
N GLU C 277 -31.72 -43.00 -15.16
CA GLU C 277 -32.52 -42.67 -13.95
C GLU C 277 -32.41 -43.83 -12.94
N ARG C 278 -31.42 -44.72 -13.10
CA ARG C 278 -31.40 -46.06 -12.46
C ARG C 278 -29.99 -46.41 -11.96
N LEU C 279 -29.07 -46.59 -12.92
CA LEU C 279 -27.68 -47.05 -12.67
C LEU C 279 -27.03 -46.17 -11.60
N PRO C 280 -27.19 -44.84 -11.60
CA PRO C 280 -26.75 -44.02 -10.47
C PRO C 280 -27.64 -44.25 -9.25
N HIS C 281 -27.10 -44.06 -8.03
CA HIS C 281 -27.83 -44.18 -6.73
C HIS C 281 -28.68 -42.93 -6.48
N PHE C 282 -28.33 -41.79 -7.09
CA PHE C 282 -28.92 -40.46 -6.82
C PHE C 282 -29.64 -39.92 -8.06
N ARG C 283 -30.87 -39.42 -7.87
CA ARG C 283 -31.81 -39.04 -8.98
C ARG C 283 -31.31 -37.77 -9.66
N LEU C 284 -31.67 -37.59 -10.94
CA LEU C 284 -31.26 -36.45 -11.81
C LEU C 284 -31.49 -35.12 -11.09
N GLY C 285 -32.49 -35.04 -10.22
CA GLY C 285 -32.95 -33.78 -9.60
C GLY C 285 -32.17 -33.38 -8.35
N PHE C 286 -31.41 -34.28 -7.73
CA PHE C 286 -30.82 -34.08 -6.38
C PHE C 286 -30.07 -32.73 -6.34
N THR C 287 -28.90 -32.63 -6.98
CA THR C 287 -28.08 -31.37 -7.17
C THR C 287 -27.77 -30.72 -5.83
N PRO C 288 -26.94 -31.35 -4.96
CA PRO C 288 -26.72 -30.84 -3.60
C PRO C 288 -25.78 -29.60 -3.57
N SER C 290 -22.81 -28.37 -2.35
CA SER C 290 -21.68 -28.73 -1.44
C SER C 290 -21.97 -30.07 -0.75
N GLY C 291 -20.91 -30.70 -0.23
CA GLY C 291 -20.97 -32.00 0.47
C GLY C 291 -20.39 -31.89 1.87
N ASP C 292 -20.65 -32.93 2.69
CA ASP C 292 -20.19 -33.03 4.10
C ASP C 292 -19.63 -34.44 4.33
N GLU C 293 -18.55 -34.77 3.62
CA GLU C 293 -17.90 -36.11 3.69
C GLU C 293 -16.48 -36.05 3.10
N LEU C 294 -15.62 -37.00 3.47
CA LEU C 294 -14.36 -37.32 2.74
C LEU C 294 -14.55 -38.66 2.03
N GLN C 295 -13.65 -39.03 1.11
CA GLN C 295 -13.72 -40.30 0.33
C GLN C 295 -12.31 -40.87 0.13
N ALA C 296 -12.20 -42.21 0.26
CA ALA C 296 -11.11 -43.07 -0.26
C ALA C 296 -11.74 -44.33 -0.88
N GLU C 297 -11.11 -44.86 -1.94
CA GLU C 297 -11.53 -46.13 -2.59
C GLU C 297 -10.27 -46.86 -3.07
N TYR C 298 -10.19 -48.15 -2.74
CA TYR C 298 -9.07 -49.05 -3.10
C TYR C 298 -9.63 -50.14 -4.02
N LEU C 299 -8.87 -50.43 -5.07
CA LEU C 299 -9.28 -51.27 -6.21
C LEU C 299 -8.29 -52.43 -6.31
N LEU C 300 -8.76 -53.63 -5.97
CA LEU C 300 -7.95 -54.85 -5.77
C LEU C 300 -8.23 -55.82 -6.91
N PRO C 301 -7.31 -56.74 -7.25
CA PRO C 301 -7.64 -57.81 -8.20
C PRO C 301 -8.77 -58.64 -7.55
N ARG C 302 -9.76 -59.07 -8.34
CA ARG C 302 -11.09 -59.56 -7.85
C ARG C 302 -10.94 -60.82 -6.99
N ARG C 303 -9.87 -61.57 -7.20
CA ARG C 303 -9.64 -62.84 -6.48
C ARG C 303 -9.41 -62.58 -4.99
N HIS C 304 -8.89 -61.40 -4.61
CA HIS C 304 -8.59 -61.06 -3.18
C HIS C 304 -9.83 -60.47 -2.50
N ALA C 305 -11.00 -60.53 -3.13
CA ALA C 305 -12.27 -60.00 -2.58
C ALA C 305 -12.41 -60.40 -1.10
N VAL C 306 -12.51 -61.70 -0.87
CA VAL C 306 -12.85 -62.32 0.46
C VAL C 306 -11.68 -62.10 1.44
N ALA C 307 -10.44 -62.31 0.98
CA ALA C 307 -9.20 -62.16 1.78
C ALA C 307 -9.11 -60.73 2.30
N ALA C 308 -9.43 -59.76 1.44
CA ALA C 308 -9.37 -58.30 1.71
C ALA C 308 -10.54 -57.90 2.60
N PHE C 309 -11.74 -58.40 2.27
CA PHE C 309 -12.96 -58.18 3.09
C PHE C 309 -12.67 -58.60 4.53
N HIS C 310 -11.99 -59.74 4.73
CA HIS C 310 -11.65 -60.28 6.07
C HIS C 310 -10.51 -59.49 6.69
N ALA C 311 -9.52 -59.07 5.89
CA ALA C 311 -8.37 -58.24 6.32
C ALA C 311 -8.88 -56.88 6.85
N LEU C 312 -9.96 -56.36 6.25
CA LEU C 312 -10.60 -55.08 6.67
C LEU C 312 -11.50 -55.31 7.89
N ALA C 313 -12.32 -56.38 7.89
CA ALA C 313 -13.18 -56.78 9.02
C ALA C 313 -12.38 -56.84 10.32
N GLY C 314 -11.06 -57.00 10.22
CA GLY C 314 -10.10 -57.11 11.35
C GLY C 314 -9.74 -55.77 11.96
N ILE C 315 -9.97 -54.67 11.23
CA ILE C 315 -9.76 -53.26 11.70
C ILE C 315 -11.06 -52.48 11.49
N ALA C 316 -12.19 -53.17 11.52
CA ALA C 316 -13.54 -52.59 11.34
C ALA C 316 -13.88 -51.76 12.58
N ASP C 317 -13.09 -51.87 13.64
CA ASP C 317 -13.23 -51.10 14.91
C ASP C 317 -12.76 -49.66 14.67
N ARG C 318 -11.68 -49.49 13.89
CA ARG C 318 -11.06 -48.18 13.56
C ARG C 318 -11.88 -47.45 12.48
N ILE C 319 -12.53 -48.21 11.59
CA ILE C 319 -13.27 -47.72 10.38
C ILE C 319 -14.66 -47.21 10.80
N ALA C 320 -15.56 -48.09 11.25
CA ALA C 320 -17.00 -47.82 11.50
C ALA C 320 -17.26 -46.52 12.26
N PRO C 321 -16.40 -46.10 13.23
CA PRO C 321 -16.57 -44.83 13.95
C PRO C 321 -16.63 -43.59 13.03
N VAL C 322 -15.58 -43.39 12.23
CA VAL C 322 -15.39 -42.24 11.31
C VAL C 322 -15.93 -42.61 9.91
N LEU C 323 -17.04 -43.35 9.82
CA LEU C 323 -17.62 -43.80 8.52
C LEU C 323 -19.12 -43.47 8.47
N HIS C 324 -19.55 -42.90 7.35
CA HIS C 324 -20.96 -42.89 6.88
C HIS C 324 -21.30 -44.31 6.39
N ILE C 325 -20.82 -44.70 5.21
CA ILE C 325 -21.03 -46.05 4.59
C ILE C 325 -19.81 -46.42 3.74
N SER C 326 -19.56 -47.72 3.58
CA SER C 326 -18.60 -48.28 2.60
C SER C 326 -19.38 -48.98 1.49
N GLU C 327 -18.87 -48.97 0.25
CA GLU C 327 -19.50 -49.60 -0.94
C GLU C 327 -18.48 -50.54 -1.56
N ILE C 328 -18.85 -51.80 -1.75
CA ILE C 328 -18.01 -52.82 -2.46
C ILE C 328 -18.67 -53.10 -3.80
N ARG C 329 -17.91 -52.95 -4.88
CA ARG C 329 -18.43 -53.12 -6.26
C ARG C 329 -17.40 -53.92 -7.05
N THR C 330 -17.79 -54.39 -8.23
CA THR C 330 -16.88 -55.07 -9.19
C THR C 330 -16.72 -54.21 -10.45
N VAL C 331 -15.58 -54.34 -11.12
CA VAL C 331 -15.27 -53.59 -12.38
C VAL C 331 -14.44 -54.49 -13.30
N ALA C 332 -14.84 -54.58 -14.56
CA ALA C 332 -14.08 -55.27 -15.64
C ALA C 332 -12.67 -54.68 -15.76
N ALA C 333 -11.74 -55.45 -16.31
CA ALA C 333 -10.40 -54.98 -16.71
C ALA C 333 -10.52 -54.08 -17.94
N ASP C 334 -9.62 -53.09 -18.08
CA ASP C 334 -9.42 -52.29 -19.32
C ASP C 334 -7.91 -52.30 -19.63
N ASP C 335 -7.45 -51.65 -20.71
CA ASP C 335 -6.00 -51.59 -21.06
C ASP C 335 -5.47 -50.15 -20.93
N LEU C 336 -6.07 -49.37 -20.01
CA LEU C 336 -5.82 -47.92 -19.86
C LEU C 336 -4.76 -47.71 -18.76
N TRP C 337 -3.64 -47.08 -19.14
CA TRP C 337 -2.33 -47.14 -18.44
C TRP C 337 -2.47 -46.84 -16.95
N LEU C 338 -3.17 -45.78 -16.56
CA LEU C 338 -3.34 -45.40 -15.13
C LEU C 338 -4.79 -45.63 -14.70
N SER C 339 -5.51 -46.48 -15.43
CA SER C 339 -6.82 -46.99 -14.95
C SER C 339 -6.54 -47.87 -13.75
N PRO C 340 -7.22 -47.65 -12.59
CA PRO C 340 -7.19 -48.64 -11.50
C PRO C 340 -7.47 -50.09 -11.97
N PHE C 341 -8.12 -50.26 -13.13
CA PHE C 341 -8.54 -51.57 -13.69
C PHE C 341 -7.61 -51.96 -14.83
N HIS C 342 -6.36 -51.50 -14.82
CA HIS C 342 -5.36 -51.84 -15.87
C HIS C 342 -5.03 -53.33 -15.74
N GLY C 343 -5.38 -54.11 -16.76
CA GLY C 343 -5.04 -55.53 -16.92
C GLY C 343 -5.60 -56.46 -15.84
N ARG C 344 -6.65 -56.09 -15.10
CA ARG C 344 -7.23 -56.98 -14.05
C ARG C 344 -8.71 -56.64 -13.74
N ASN C 345 -9.59 -57.64 -13.83
CA ASN C 345 -10.95 -57.55 -13.24
C ASN C 345 -10.73 -57.10 -11.80
N THR C 346 -11.71 -56.44 -11.19
CA THR C 346 -11.40 -55.65 -9.98
C THR C 346 -12.54 -55.69 -8.97
N VAL C 347 -12.16 -55.57 -7.71
CA VAL C 347 -13.13 -55.44 -6.59
C VAL C 347 -12.81 -54.08 -5.93
N ALA C 348 -13.86 -53.28 -5.79
CA ALA C 348 -13.79 -51.90 -5.29
C ALA C 348 -14.23 -51.90 -3.84
N PHE C 349 -13.37 -51.40 -2.96
CA PHE C 349 -13.66 -51.11 -1.55
C PHE C 349 -13.70 -49.60 -1.38
N HIS C 350 -14.91 -49.02 -1.45
CA HIS C 350 -15.15 -47.55 -1.34
C HIS C 350 -15.58 -47.21 0.08
N PHE C 351 -15.05 -46.09 0.60
CA PHE C 351 -15.40 -45.49 1.92
C PHE C 351 -15.81 -44.01 1.74
N THR C 352 -17.08 -43.72 2.03
CA THR C 352 -17.61 -42.37 2.34
C THR C 352 -17.36 -42.04 3.83
N TRP C 353 -16.27 -41.36 4.16
CA TRP C 353 -15.90 -41.03 5.57
C TRP C 353 -16.66 -39.81 6.07
N LYS C 354 -16.69 -39.61 7.39
CA LYS C 354 -17.19 -38.38 8.07
C LYS C 354 -16.12 -37.30 7.92
N PRO C 355 -16.48 -35.98 7.91
CA PRO C 355 -15.52 -34.92 7.60
C PRO C 355 -14.56 -34.56 8.75
N ASP C 356 -13.57 -35.42 9.00
CA ASP C 356 -12.44 -35.19 9.94
C ASP C 356 -11.19 -35.76 9.28
N GLU C 357 -10.58 -35.03 8.35
CA GLU C 357 -9.44 -35.53 7.54
C GLU C 357 -8.39 -36.16 8.47
N ALA C 358 -8.05 -35.48 9.57
CA ALA C 358 -7.02 -35.90 10.54
C ALA C 358 -7.28 -37.34 10.97
N ALA C 359 -8.52 -37.64 11.36
CA ALA C 359 -8.96 -38.97 11.87
C ALA C 359 -8.89 -40.02 10.75
N VAL C 360 -9.34 -39.66 9.54
CA VAL C 360 -9.39 -40.56 8.35
C VAL C 360 -7.96 -40.90 7.92
N ARG C 361 -7.05 -39.92 7.89
CA ARG C 361 -5.65 -40.11 7.42
C ARG C 361 -4.93 -41.13 8.31
N GLU C 362 -5.31 -41.23 9.60
CA GLU C 362 -4.82 -42.31 10.51
C GLU C 362 -5.33 -43.64 9.95
N VAL C 363 -6.64 -43.79 9.73
CA VAL C 363 -7.33 -45.06 9.33
C VAL C 363 -6.80 -45.55 7.98
N LEU C 364 -6.37 -44.63 7.09
CA LEU C 364 -5.93 -44.96 5.71
C LEU C 364 -4.52 -45.55 5.73
N SER C 365 -3.59 -45.02 6.52
CA SER C 365 -2.24 -45.60 6.72
C SER C 365 -2.34 -47.08 7.15
N LEU C 366 -3.30 -47.37 8.02
CA LEU C 366 -3.62 -48.73 8.54
C LEU C 366 -4.24 -49.57 7.43
N MET C 367 -5.36 -49.12 6.85
CA MET C 367 -6.08 -49.79 5.73
C MET C 367 -5.11 -50.12 4.58
N GLU C 368 -4.15 -49.23 4.30
CA GLU C 368 -3.20 -49.36 3.16
C GLU C 368 -2.16 -50.42 3.49
N GLU C 369 -1.95 -50.67 4.78
CA GLU C 369 -1.02 -51.69 5.31
C GLU C 369 -1.71 -53.06 5.25
N VAL C 370 -2.97 -53.15 5.69
CA VAL C 370 -3.71 -54.45 5.78
C VAL C 370 -4.01 -54.95 4.35
N LEU C 371 -4.17 -54.05 3.38
CA LEU C 371 -4.53 -54.40 1.97
C LEU C 371 -3.25 -54.59 1.12
N ALA C 372 -2.08 -54.19 1.62
CA ALA C 372 -0.78 -54.17 0.90
C ALA C 372 -0.52 -55.46 0.14
N PRO C 373 -0.73 -56.66 0.75
CA PRO C 373 -0.48 -57.92 0.04
C PRO C 373 -1.34 -58.09 -1.24
N PHE C 374 -2.51 -57.45 -1.30
CA PHE C 374 -3.47 -57.51 -2.42
C PHE C 374 -3.18 -56.43 -3.48
N GLU C 375 -2.02 -55.77 -3.39
CA GLU C 375 -1.49 -54.80 -4.38
C GLU C 375 -2.56 -53.76 -4.73
N PRO C 376 -3.07 -52.99 -3.74
CA PRO C 376 -4.19 -52.08 -3.99
C PRO C 376 -3.80 -50.84 -4.80
N ARG C 377 -4.68 -50.41 -5.72
CA ARG C 377 -4.60 -49.10 -6.43
C ARG C 377 -5.61 -48.17 -5.81
N PRO C 378 -5.23 -46.93 -5.39
CA PRO C 378 -6.20 -45.97 -4.87
C PRO C 378 -6.94 -45.29 -6.02
N HIS C 379 -8.19 -44.88 -5.77
CA HIS C 379 -8.98 -44.00 -6.67
C HIS C 379 -8.26 -42.64 -6.75
N TRP C 380 -7.82 -42.26 -7.95
CA TRP C 380 -7.02 -41.05 -8.18
C TRP C 380 -7.73 -39.81 -7.66
N GLY C 381 -9.06 -39.86 -7.60
CA GLY C 381 -9.96 -38.75 -7.21
C GLY C 381 -10.24 -38.71 -5.72
N LYS C 382 -10.05 -39.81 -4.98
CA LYS C 382 -10.38 -39.90 -3.53
C LYS C 382 -9.08 -39.99 -2.72
N LEU C 383 -9.15 -39.85 -1.39
CA LEU C 383 -7.95 -39.73 -0.51
C LEU C 383 -7.12 -41.02 -0.59
N PHE C 384 -5.81 -40.90 -0.35
CA PHE C 384 -4.88 -42.04 -0.11
C PHE C 384 -3.50 -41.53 0.32
N ALA C 385 -2.79 -42.34 1.09
CA ALA C 385 -1.45 -42.03 1.65
C ALA C 385 -0.39 -42.96 1.04
N ILE C 386 -0.75 -43.71 -0.01
CA ILE C 386 0.16 -44.73 -0.62
C ILE C 386 1.37 -44.01 -1.21
N PRO C 387 2.58 -44.21 -0.65
CA PRO C 387 3.79 -43.59 -1.20
C PRO C 387 3.97 -43.81 -2.70
N PRO C 388 4.60 -42.85 -3.41
CA PRO C 388 4.83 -42.95 -4.84
C PRO C 388 5.57 -44.21 -5.33
N LYS C 389 6.75 -44.55 -4.79
CA LYS C 389 7.59 -45.65 -5.33
C LYS C 389 6.75 -46.94 -5.44
N VAL C 390 5.92 -47.20 -4.42
CA VAL C 390 5.04 -48.42 -4.28
C VAL C 390 3.86 -48.30 -5.25
N LEU C 391 3.14 -47.18 -5.19
CA LEU C 391 1.99 -46.86 -6.09
C LEU C 391 2.41 -47.04 -7.56
N ARG C 392 3.59 -46.56 -7.93
CA ARG C 392 4.11 -46.60 -9.33
C ARG C 392 4.40 -48.03 -9.76
N SER C 393 4.92 -48.86 -8.87
CA SER C 393 5.20 -50.30 -9.09
C SER C 393 3.91 -51.06 -9.45
N ARG C 394 2.76 -50.61 -8.94
CA ARG C 394 1.44 -51.29 -9.07
C ARG C 394 0.76 -50.96 -10.43
N TYR C 395 1.39 -50.11 -11.25
CA TYR C 395 1.01 -49.85 -12.67
C TYR C 395 2.20 -50.21 -13.55
N ASP C 396 2.06 -51.20 -14.42
CA ASP C 396 3.15 -51.60 -15.34
C ASP C 396 3.48 -50.40 -16.25
N ARG C 397 2.47 -49.71 -16.81
CA ARG C 397 2.67 -48.80 -17.97
C ARG C 397 2.98 -47.36 -17.54
N ILE C 398 3.13 -47.08 -16.24
CA ILE C 398 3.36 -45.68 -15.74
C ILE C 398 4.53 -45.05 -16.50
N GLY C 399 5.56 -45.82 -16.83
CA GLY C 399 6.76 -45.33 -17.57
C GLY C 399 6.38 -44.76 -18.92
N ASP C 400 5.37 -45.37 -19.57
CA ASP C 400 4.83 -44.94 -20.89
C ASP C 400 3.92 -43.70 -20.76
N PHE C 401 3.15 -43.55 -19.67
CA PHE C 401 2.32 -42.35 -19.41
C PHE C 401 3.23 -41.14 -19.13
N ARG C 402 4.37 -41.40 -18.51
CA ARG C 402 5.38 -40.35 -18.21
C ARG C 402 6.04 -39.92 -19.51
N ALA C 403 6.20 -40.82 -20.48
CA ALA C 403 6.78 -40.54 -21.82
C ALA C 403 5.80 -39.77 -22.70
N LEU C 404 4.48 -39.98 -22.50
CA LEU C 404 3.39 -39.28 -23.22
C LEU C 404 3.26 -37.85 -22.67
N ALA C 405 3.15 -37.69 -21.35
CA ALA C 405 3.04 -36.38 -20.68
C ALA C 405 4.19 -35.45 -21.10
N ARG C 406 5.41 -35.97 -21.20
CA ARG C 406 6.62 -35.19 -21.60
C ARG C 406 6.52 -34.87 -23.10
N GLU C 407 5.91 -35.78 -23.87
CA GLU C 407 5.66 -35.62 -25.32
C GLU C 407 4.64 -34.49 -25.53
N LEU C 408 3.54 -34.47 -24.77
CA LEU C 408 2.40 -33.51 -24.97
C LEU C 408 2.55 -32.24 -24.11
N ASP C 409 3.44 -32.23 -23.11
CA ASP C 409 3.53 -31.12 -22.12
C ASP C 409 4.94 -31.04 -21.55
N PRO C 410 6.03 -30.91 -22.36
CA PRO C 410 7.38 -30.85 -21.81
C PRO C 410 7.52 -29.89 -20.62
N SER C 411 6.89 -28.72 -20.64
CA SER C 411 7.09 -27.70 -19.59
C SER C 411 6.31 -28.09 -18.34
N GLY C 412 5.47 -29.11 -18.43
CA GLY C 412 4.59 -29.54 -17.33
C GLY C 412 3.61 -28.44 -16.92
N LYS C 413 3.08 -27.70 -17.89
CA LYS C 413 2.03 -26.67 -17.67
C LYS C 413 0.84 -27.31 -16.92
N PHE C 414 0.50 -28.55 -17.25
CA PHE C 414 -0.71 -29.25 -16.75
C PHE C 414 -0.35 -30.15 -15.55
N ALA C 415 0.90 -30.13 -15.11
CA ALA C 415 1.40 -30.97 -14.01
C ALA C 415 1.46 -30.12 -12.74
N ASN C 416 0.54 -30.34 -11.80
CA ASN C 416 0.58 -29.67 -10.47
C ASN C 416 1.45 -30.52 -9.52
N ALA C 417 1.56 -30.09 -8.26
CA ALA C 417 2.28 -30.81 -7.17
C ALA C 417 1.80 -32.27 -7.13
N PHE C 418 0.48 -32.46 -7.10
CA PHE C 418 -0.14 -33.81 -7.06
C PHE C 418 0.46 -34.70 -8.17
N VAL C 419 0.24 -34.37 -9.44
CA VAL C 419 0.67 -35.23 -10.59
C VAL C 419 2.20 -35.41 -10.58
N ALA C 420 2.97 -34.42 -10.11
CA ALA C 420 4.46 -34.47 -10.07
C ALA C 420 4.90 -35.49 -9.02
N HIS C 421 4.48 -35.28 -7.78
CA HIS C 421 4.72 -36.18 -6.61
C HIS C 421 4.38 -37.61 -7.02
N HIS C 422 3.14 -37.86 -7.45
CA HIS C 422 2.55 -39.22 -7.58
C HIS C 422 3.06 -39.91 -8.84
N VAL C 423 3.21 -39.21 -9.96
CA VAL C 423 3.31 -39.88 -11.29
C VAL C 423 4.55 -39.47 -12.08
N LEU C 424 4.92 -38.19 -12.08
CA LEU C 424 5.81 -37.61 -13.13
C LEU C 424 7.23 -37.34 -12.63
N ASP C 425 7.41 -36.83 -11.40
CA ASP C 425 8.73 -36.48 -10.82
C ASP C 425 9.57 -37.73 -10.55
N ASP C 426 10.88 -37.65 -10.80
CA ASP C 426 11.87 -38.70 -10.46
C ASP C 426 12.38 -38.43 -9.04
N ASN D 7 50.10 1.70 19.79
CA ASN D 7 49.31 2.13 18.58
C ASN D 7 50.24 2.40 17.39
N TRP D 8 49.82 1.97 16.19
CA TRP D 8 50.65 1.87 14.95
C TRP D 8 51.52 3.13 14.74
N ALA D 9 51.02 4.29 15.19
CA ALA D 9 51.77 5.57 15.24
C ALA D 9 52.87 5.43 16.30
N GLY D 10 52.48 4.98 17.49
CA GLY D 10 53.36 4.83 18.66
C GLY D 10 53.30 6.07 19.53
N ASN D 11 52.32 6.96 19.33
CA ASN D 11 52.16 8.16 20.20
C ASN D 11 51.34 7.80 21.44
N VAL D 12 50.72 6.61 21.45
CA VAL D 12 49.88 6.09 22.57
C VAL D 12 50.49 4.78 23.06
N VAL D 13 51.01 4.79 24.30
CA VAL D 13 51.52 3.58 25.02
C VAL D 13 50.37 3.04 25.90
N TYR D 14 49.85 1.87 25.51
CA TYR D 14 48.68 1.23 26.16
C TYR D 14 49.05 0.94 27.61
N ARG D 15 48.33 1.51 28.59
CA ARG D 15 48.64 1.36 30.04
C ARG D 15 47.91 0.13 30.62
N ALA D 16 47.64 -0.86 29.78
CA ALA D 16 46.91 -2.10 30.14
C ALA D 16 47.82 -3.03 30.94
N SER D 17 47.26 -3.66 31.97
CA SER D 17 47.89 -4.76 32.75
C SER D 17 48.10 -5.99 31.85
N GLU D 18 47.08 -6.42 31.12
CA GLU D 18 47.07 -7.72 30.37
C GLU D 18 46.72 -7.46 28.89
N LEU D 19 47.37 -8.16 27.96
CA LEU D 19 47.01 -8.21 26.51
C LEU D 19 46.60 -9.64 26.14
N HIS D 20 45.30 -9.94 26.12
CA HIS D 20 44.77 -11.27 25.70
C HIS D 20 44.63 -11.33 24.18
N ARG D 21 44.87 -12.51 23.60
CA ARG D 21 44.63 -12.81 22.16
C ARG D 21 43.91 -14.15 22.07
N PRO D 22 42.68 -14.28 22.60
CA PRO D 22 41.91 -15.52 22.49
C PRO D 22 42.01 -16.12 21.09
N ALA D 23 42.10 -17.45 20.98
CA ALA D 23 42.14 -18.20 19.69
C ALA D 23 40.80 -18.91 19.43
N SER D 24 39.81 -18.78 20.31
CA SER D 24 38.44 -19.32 20.14
C SER D 24 37.40 -18.35 20.70
N LEU D 25 36.21 -18.29 20.08
CA LEU D 25 35.06 -17.52 20.63
C LEU D 25 34.95 -17.83 22.13
N ASP D 26 34.87 -19.14 22.46
CA ASP D 26 34.79 -19.67 23.84
C ASP D 26 35.84 -18.98 24.72
N GLU D 27 37.10 -18.92 24.25
CA GLU D 27 38.23 -18.33 25.02
C GLU D 27 37.98 -16.83 25.22
N LEU D 28 37.59 -16.14 24.16
CA LEU D 28 37.23 -14.69 24.18
C LEU D 28 36.13 -14.46 25.22
N ARG D 29 35.05 -15.24 25.14
CA ARG D 29 33.88 -15.14 26.06
C ARG D 29 34.35 -15.22 27.51
N ARG D 30 35.29 -16.12 27.78
CA ARG D 30 35.85 -16.33 29.14
C ARG D 30 36.55 -15.05 29.57
N VAL D 31 37.52 -14.58 28.77
CA VAL D 31 38.41 -13.42 29.08
C VAL D 31 37.54 -12.22 29.45
N VAL D 32 36.47 -12.00 28.66
CA VAL D 32 35.56 -10.84 28.81
C VAL D 32 34.84 -10.96 30.15
N ALA D 33 34.22 -12.12 30.39
CA ALA D 33 33.50 -12.45 31.63
C ALA D 33 34.38 -12.17 32.86
N ARG D 34 35.62 -12.68 32.85
CA ARG D 34 36.53 -12.67 34.03
C ARG D 34 37.17 -11.29 34.26
N SER D 35 37.36 -10.50 33.20
CA SER D 35 38.03 -9.17 33.22
C SER D 35 37.03 -8.09 33.63
N PRO D 36 37.27 -7.28 34.69
CA PRO D 36 36.28 -6.29 35.13
C PRO D 36 36.27 -5.03 34.23
N LYS D 37 37.36 -4.82 33.48
CA LYS D 37 37.55 -3.71 32.51
C LYS D 37 38.17 -4.29 31.24
N VAL D 38 37.49 -4.10 30.11
CA VAL D 38 37.97 -4.53 28.76
C VAL D 38 37.96 -3.32 27.82
N ARG D 39 38.88 -3.32 26.86
CA ARG D 39 38.77 -2.57 25.59
C ARG D 39 39.29 -3.49 24.50
N VAL D 40 38.60 -3.60 23.37
CA VAL D 40 39.07 -4.47 22.26
C VAL D 40 40.21 -3.75 21.52
N LEU D 41 41.18 -4.50 21.00
CA LEU D 41 42.27 -3.97 20.16
C LEU D 41 42.15 -4.56 18.75
N GLY D 42 41.93 -3.70 17.75
CA GLY D 42 41.95 -4.07 16.32
C GLY D 42 43.38 -4.10 15.85
N SER D 43 43.61 -3.60 14.62
CA SER D 43 44.89 -2.93 14.26
C SER D 43 44.94 -1.67 15.13
N GLY D 44 46.08 -1.00 15.26
CA GLY D 44 46.22 0.11 16.22
C GLY D 44 46.17 1.47 15.53
N HIS D 45 45.35 1.58 14.49
CA HIS D 45 45.34 2.73 13.54
C HIS D 45 44.57 3.92 14.12
N SER D 46 44.28 3.95 15.43
CA SER D 46 43.81 5.17 16.14
C SER D 46 45.02 6.05 16.45
N PHE D 47 44.77 7.27 16.92
CA PHE D 47 45.82 8.25 17.28
C PHE D 47 45.54 8.84 18.67
N ASN D 48 44.43 8.46 19.29
CA ASN D 48 43.96 9.07 20.56
C ASN D 48 43.89 7.97 21.61
N GLU D 49 43.32 8.30 22.76
CA GLU D 49 43.32 7.49 24.02
C GLU D 49 42.11 6.55 24.05
N ILE D 50 41.58 6.17 22.88
CA ILE D 50 40.28 5.44 22.70
C ILE D 50 40.47 3.95 23.00
N THR D 51 41.57 3.35 22.51
CA THR D 51 41.87 1.91 22.67
C THR D 51 42.59 1.66 24.00
N ASP D 52 42.98 2.73 24.71
CA ASP D 52 43.74 2.68 25.98
C ASP D 52 42.84 2.27 27.16
N THR D 53 43.39 1.51 28.12
CA THR D 53 42.71 1.06 29.38
C THR D 53 43.77 0.60 30.39
N GLU D 54 43.44 0.63 31.70
CA GLU D 54 44.29 0.11 32.80
C GLU D 54 44.00 -1.37 33.04
N GLY D 55 42.90 -1.90 32.48
CA GLY D 55 42.52 -3.32 32.59
C GLY D 55 43.00 -4.12 31.41
N ALA D 56 42.09 -4.82 30.72
CA ALA D 56 42.40 -5.90 29.75
C ALA D 56 42.20 -5.40 28.32
N LEU D 57 43.29 -5.28 27.57
CA LEU D 57 43.30 -5.29 26.08
C LEU D 57 42.98 -6.71 25.62
N VAL D 58 42.14 -6.84 24.61
CA VAL D 58 41.69 -8.15 24.03
C VAL D 58 41.74 -8.04 22.50
N SER D 59 42.77 -8.55 21.85
CA SER D 59 42.75 -8.68 20.37
C SER D 59 41.76 -9.80 20.00
N LEU D 60 41.36 -9.87 18.73
CA LEU D 60 40.49 -10.95 18.20
C LEU D 60 41.15 -11.51 16.95
N GLU D 61 42.45 -11.26 16.76
CA GLU D 61 43.12 -11.54 15.45
C GLU D 61 43.27 -13.06 15.33
N ALA D 62 43.36 -13.75 16.48
CA ALA D 62 43.67 -15.20 16.59
C ALA D 62 42.41 -16.04 16.39
N LEU D 63 41.21 -15.44 16.40
CA LEU D 63 39.91 -16.17 16.26
C LEU D 63 39.80 -16.75 14.85
N PRO D 64 38.97 -17.80 14.66
CA PRO D 64 38.72 -18.34 13.32
C PRO D 64 38.29 -17.18 12.43
N PRO D 65 38.94 -16.98 11.27
CA PRO D 65 38.57 -15.92 10.33
C PRO D 65 37.38 -16.32 9.46
N GLU D 66 36.22 -16.56 10.09
CA GLU D 66 34.94 -16.97 9.43
C GLU D 66 34.54 -15.90 8.41
N VAL D 67 34.08 -16.33 7.24
CA VAL D 67 33.63 -15.46 6.10
C VAL D 67 32.55 -16.20 5.32
N GLU D 68 31.32 -16.23 5.86
CA GLU D 68 30.20 -17.07 5.38
C GLU D 68 29.32 -16.26 4.45
N ILE D 69 29.56 -16.39 3.12
CA ILE D 69 28.84 -15.65 2.04
C ILE D 69 27.50 -16.35 1.75
N ASP D 70 26.37 -15.71 2.08
CA ASP D 70 24.98 -16.24 1.95
C ASP D 70 24.38 -15.74 0.62
N ARG D 71 24.57 -16.48 -0.47
CA ARG D 71 24.22 -16.08 -1.87
C ARG D 71 22.80 -15.49 -1.93
N ALA D 72 21.84 -16.05 -1.18
CA ALA D 72 20.38 -15.74 -1.26
C ALA D 72 20.09 -14.27 -0.91
N THR D 73 20.54 -13.84 0.28
CA THR D 73 20.35 -12.46 0.81
C THR D 73 21.46 -11.56 0.26
N GLY D 74 22.50 -12.15 -0.35
CA GLY D 74 23.71 -11.46 -0.85
C GLY D 74 24.41 -10.70 0.27
N THR D 75 24.62 -11.36 1.41
CA THR D 75 25.29 -10.81 2.63
C THR D 75 26.41 -11.76 3.06
N ALA D 76 27.39 -11.26 3.80
CA ALA D 76 28.48 -12.07 4.38
C ALA D 76 28.51 -11.83 5.90
N ARG D 77 28.97 -12.87 6.58
CA ARG D 77 29.13 -12.93 8.05
C ARG D 77 30.64 -13.04 8.28
N VAL D 78 31.27 -12.08 8.94
CA VAL D 78 32.77 -11.99 8.95
C VAL D 78 33.28 -11.73 10.36
N ALA D 79 34.48 -12.21 10.66
CA ALA D 79 35.13 -12.03 11.98
C ALA D 79 35.56 -10.57 12.13
N ALA D 80 35.07 -9.94 13.21
CA ALA D 80 35.36 -8.54 13.61
C ALA D 80 36.86 -8.26 13.59
N GLY D 81 37.70 -9.27 13.83
CA GLY D 81 39.17 -9.14 13.91
C GLY D 81 39.79 -9.11 12.54
N LEU D 82 39.09 -9.66 11.56
CA LEU D 82 39.51 -9.65 10.13
C LEU D 82 39.86 -8.22 9.70
N ARG D 83 40.90 -8.04 8.89
CA ARG D 83 41.30 -6.73 8.27
C ARG D 83 40.71 -6.65 6.86
N TYR D 84 40.54 -5.43 6.33
CA TYR D 84 39.81 -5.20 5.04
C TYR D 84 40.62 -5.78 3.89
N GLY D 85 41.96 -5.73 3.95
CA GLY D 85 42.86 -6.39 2.98
C GLY D 85 42.49 -7.86 2.81
N GLU D 86 42.63 -8.63 3.88
CA GLU D 86 42.31 -10.08 3.94
C GLU D 86 40.84 -10.31 3.53
N LEU D 87 39.89 -9.67 4.21
CA LEU D 87 38.42 -9.86 4.00
C LEU D 87 38.11 -9.67 2.51
N SER D 88 38.65 -8.59 1.93
CA SER D 88 38.43 -8.21 0.52
C SER D 88 38.84 -9.36 -0.40
N ALA D 89 40.10 -9.81 -0.27
CA ALA D 89 40.71 -10.84 -1.13
C ALA D 89 39.77 -12.03 -1.22
N ARG D 90 39.25 -12.46 -0.08
CA ARG D 90 38.32 -13.62 0.04
C ARG D 90 36.98 -13.25 -0.64
N LEU D 91 36.39 -12.11 -0.26
CA LEU D 91 35.12 -11.60 -0.85
C LEU D 91 35.23 -11.56 -2.38
N HIS D 92 36.40 -11.14 -2.90
CA HIS D 92 36.66 -10.95 -4.36
C HIS D 92 36.75 -12.29 -5.07
N ALA D 93 37.50 -13.24 -4.50
CA ALA D 93 37.71 -14.61 -5.04
C ALA D 93 36.36 -15.33 -5.24
N ALA D 94 35.39 -15.08 -4.35
CA ALA D 94 34.01 -15.59 -4.43
C ALA D 94 33.16 -14.75 -5.39
N GLY D 95 33.71 -13.64 -5.89
CA GLY D 95 33.07 -12.74 -6.87
C GLY D 95 32.14 -11.74 -6.20
N TYR D 96 32.47 -11.29 -4.98
CA TYR D 96 31.74 -10.23 -4.24
C TYR D 96 32.66 -9.04 -3.94
N ALA D 97 32.07 -7.88 -3.65
CA ALA D 97 32.76 -6.61 -3.31
C ALA D 97 31.97 -5.85 -2.25
N LEU D 98 32.66 -4.95 -1.54
CA LEU D 98 32.01 -3.90 -0.70
C LEU D 98 31.95 -2.61 -1.52
N PRO D 99 30.99 -1.69 -1.22
CA PRO D 99 30.91 -0.40 -1.92
C PRO D 99 32.26 0.34 -1.88
N ASN D 100 32.86 0.51 -0.70
CA ASN D 100 34.06 1.35 -0.46
C ASN D 100 35.04 0.71 0.53
N LEU D 101 36.30 1.16 0.49
CA LEU D 101 37.37 0.80 1.46
C LEU D 101 38.13 2.07 1.84
N ALA D 102 38.63 2.16 3.08
CA ALA D 102 39.50 3.25 3.58
C ALA D 102 40.84 3.27 2.81
N SER D 103 41.72 4.23 3.12
CA SER D 103 42.92 4.51 2.29
C SER D 103 43.84 3.27 2.26
N LEU D 104 44.04 2.58 3.40
CA LEU D 104 44.84 1.32 3.44
C LEU D 104 43.98 0.16 3.95
N PRO D 105 44.13 -1.05 3.36
CA PRO D 105 43.24 -2.17 3.67
C PRO D 105 43.57 -2.83 5.01
N HIS D 106 44.81 -2.62 5.48
CA HIS D 106 45.39 -3.29 6.66
C HIS D 106 44.82 -2.61 7.91
N ILE D 107 43.50 -2.40 7.90
CA ILE D 107 42.72 -1.72 8.98
C ILE D 107 41.58 -2.66 9.39
N CYS D 108 41.44 -2.91 10.70
CA CYS D 108 40.53 -3.93 11.26
C CYS D 108 39.08 -3.48 11.04
N VAL D 109 38.22 -4.40 10.57
CA VAL D 109 36.83 -4.11 10.14
C VAL D 109 36.01 -3.54 11.30
N ALA D 110 36.11 -4.08 12.52
CA ALA D 110 35.28 -3.64 13.66
C ALA D 110 35.89 -2.37 14.25
N GLY D 111 37.22 -2.24 14.17
CA GLY D 111 37.96 -1.03 14.59
C GLY D 111 37.59 0.15 13.70
N ALA D 112 37.49 -0.09 12.38
CA ALA D 112 37.13 0.89 11.32
C ALA D 112 35.71 1.43 11.56
N CYS D 113 34.71 0.53 11.56
CA CYS D 113 33.27 0.80 11.75
C CYS D 113 33.01 1.44 13.11
N ALA D 114 33.81 1.18 14.13
CA ALA D 114 33.56 1.71 15.49
C ALA D 114 33.76 3.22 15.52
N THR D 115 34.59 3.77 14.62
CA THR D 115 35.07 5.19 14.70
C THR D 115 34.46 6.06 13.58
N GLY D 116 33.83 5.44 12.59
CA GLY D 116 33.23 6.13 11.43
C GLY D 116 34.23 6.24 10.31
N THR D 117 35.04 5.20 10.13
CA THR D 117 35.97 5.08 8.97
C THR D 117 35.13 5.14 7.67
N HIS D 118 35.72 5.70 6.61
CA HIS D 118 35.01 6.09 5.36
C HIS D 118 36.01 6.22 4.21
N GLY D 119 35.57 6.02 2.97
CA GLY D 119 36.35 6.37 1.77
C GLY D 119 35.97 7.75 1.27
N SER D 120 35.93 7.93 -0.06
CA SER D 120 35.32 9.09 -0.80
C SER D 120 34.28 8.58 -1.81
N GLY D 121 33.30 9.40 -2.16
CA GLY D 121 32.19 9.03 -3.05
C GLY D 121 30.91 9.76 -2.67
N ASP D 122 30.26 10.36 -3.66
CA ASP D 122 29.10 11.28 -3.44
C ASP D 122 27.93 10.45 -2.88
N GLY D 123 27.64 9.30 -3.51
CA GLY D 123 26.54 8.38 -3.11
C GLY D 123 27.04 7.16 -2.35
N ILE D 124 28.07 7.33 -1.52
CA ILE D 124 28.74 6.25 -0.75
C ILE D 124 28.86 6.69 0.72
N GLY D 125 28.49 5.80 1.64
CA GLY D 125 28.52 6.03 3.08
C GLY D 125 29.88 5.67 3.69
N GLY D 126 30.01 5.89 5.00
CA GLY D 126 31.06 5.29 5.82
C GLY D 126 30.95 3.78 5.73
N LEU D 127 32.02 3.05 6.03
CA LEU D 127 32.10 1.58 5.85
C LEU D 127 31.03 0.89 6.74
N ALA D 128 30.67 1.52 7.87
CA ALA D 128 29.70 1.04 8.88
C ALA D 128 28.29 0.93 8.29
N GLY D 129 27.98 1.65 7.22
CA GLY D 129 26.66 1.56 6.56
C GLY D 129 26.44 0.20 5.91
N SER D 130 27.52 -0.44 5.47
CA SER D 130 27.46 -1.77 4.81
C SER D 130 27.04 -2.84 5.83
N VAL D 131 27.08 -2.50 7.12
CA VAL D 131 26.74 -3.41 8.25
C VAL D 131 25.21 -3.46 8.43
N THR D 132 24.64 -4.67 8.44
CA THR D 132 23.18 -4.96 8.60
C THR D 132 22.87 -5.56 9.99
N ALA D 133 23.87 -6.21 10.63
CA ALA D 133 23.78 -6.90 11.94
C ALA D 133 25.16 -7.07 12.61
N VAL D 134 25.21 -7.04 13.94
CA VAL D 134 26.42 -7.40 14.73
C VAL D 134 26.08 -8.55 15.68
N GLU D 135 26.99 -9.53 15.84
CA GLU D 135 27.05 -10.44 17.02
C GLU D 135 28.18 -9.96 17.92
N LEU D 136 27.90 -9.69 19.20
CA LEU D 136 28.96 -9.25 20.13
C LEU D 136 28.82 -9.98 21.47
N VAL D 137 29.97 -10.31 22.06
CA VAL D 137 30.08 -10.84 23.44
C VAL D 137 29.80 -9.67 24.36
N THR D 138 28.79 -9.77 25.21
CA THR D 138 28.49 -8.74 26.24
C THR D 138 29.56 -8.79 27.33
N ALA D 139 29.42 -7.92 28.33
CA ALA D 139 30.26 -7.85 29.53
C ALA D 139 30.09 -9.15 30.32
N ASP D 140 28.94 -9.81 30.17
CA ASP D 140 28.57 -11.03 30.94
C ASP D 140 29.22 -12.26 30.29
N GLY D 141 29.54 -12.21 29.01
CA GLY D 141 30.18 -13.33 28.29
C GLY D 141 29.23 -14.07 27.36
N ASP D 142 27.97 -13.63 27.24
CA ASP D 142 27.00 -14.25 26.29
C ASP D 142 26.93 -13.45 24.99
N LEU D 143 26.50 -14.10 23.91
CA LEU D 143 26.30 -13.46 22.59
C LEU D 143 24.93 -12.76 22.55
N VAL D 144 24.94 -11.51 22.07
CA VAL D 144 23.75 -10.73 21.64
C VAL D 144 23.91 -10.44 20.15
N THR D 145 22.83 -10.62 19.37
CA THR D 145 22.72 -10.20 17.95
C THR D 145 21.78 -9.00 17.89
N LEU D 146 22.27 -7.89 17.35
CA LEU D 146 21.52 -6.66 16.94
C LEU D 146 21.61 -6.58 15.42
N SER D 147 20.45 -6.55 14.76
CA SER D 147 20.33 -6.41 13.28
C SER D 147 19.34 -5.30 12.93
N ARG D 148 19.45 -4.71 11.74
CA ARG D 148 18.51 -3.65 11.29
C ARG D 148 17.09 -4.23 11.27
N ASP D 149 16.95 -5.43 10.67
CA ASP D 149 15.66 -6.13 10.42
C ASP D 149 14.94 -6.40 11.76
N ALA D 150 15.66 -6.93 12.76
CA ALA D 150 15.12 -7.43 14.04
C ALA D 150 15.05 -6.32 15.09
N ASP D 151 15.98 -5.37 15.04
CA ASP D 151 16.13 -4.28 16.05
C ASP D 151 16.21 -2.97 15.30
N PRO D 152 15.09 -2.48 14.75
CA PRO D 152 15.06 -1.14 14.18
C PRO D 152 15.55 -0.12 15.22
N ASP D 153 14.89 -0.07 16.39
CA ASP D 153 15.09 1.00 17.40
C ASP D 153 16.57 1.10 17.80
N ARG D 154 17.28 -0.01 17.92
CA ARG D 154 18.56 -0.07 18.67
C ARG D 154 19.75 -0.22 17.71
N PHE D 155 19.59 -0.93 16.58
CA PHE D 155 20.71 -1.32 15.68
C PHE D 155 21.58 -0.14 15.26
N PRO D 156 21.02 1.07 15.02
CA PRO D 156 21.81 2.24 14.59
C PRO D 156 22.84 2.82 15.58
N GLY D 157 22.65 2.61 16.89
CA GLY D 157 23.68 2.92 17.92
C GLY D 157 24.81 1.88 17.98
N ALA D 158 24.64 0.70 17.39
CA ALA D 158 25.41 -0.53 17.68
C ALA D 158 26.71 -0.63 16.86
N VAL D 159 26.75 -0.09 15.64
CA VAL D 159 27.87 -0.38 14.70
C VAL D 159 29.03 0.58 15.02
N VAL D 160 28.76 1.88 14.92
CA VAL D 160 29.72 2.98 15.27
C VAL D 160 29.55 3.24 16.76
N SER D 161 30.25 2.42 17.54
CA SER D 161 29.95 2.13 18.97
C SER D 161 31.12 2.52 19.88
N LEU D 162 32.31 2.73 19.29
CA LEU D 162 33.58 2.98 20.02
C LEU D 162 33.89 1.76 20.90
N GLY D 163 33.51 0.56 20.46
CA GLY D 163 33.71 -0.70 21.20
C GLY D 163 33.33 -0.56 22.67
N ALA D 164 32.17 0.07 22.95
CA ALA D 164 31.70 0.46 24.31
C ALA D 164 30.42 -0.30 24.68
N LEU D 165 30.00 -1.24 23.82
CA LEU D 165 28.76 -2.06 23.96
C LEU D 165 29.10 -3.51 24.32
N GLY D 166 30.30 -3.93 23.89
CA GLY D 166 30.84 -5.30 23.99
C GLY D 166 31.87 -5.52 22.91
N ALA D 167 32.52 -6.68 22.92
CA ALA D 167 33.47 -7.10 21.87
C ALA D 167 32.69 -7.75 20.75
N VAL D 168 32.64 -7.09 19.60
CA VAL D 168 31.98 -7.59 18.36
C VAL D 168 32.84 -8.71 17.79
N VAL D 169 32.25 -9.88 17.53
CA VAL D 169 32.95 -11.12 17.04
C VAL D 169 32.67 -11.27 15.53
N THR D 170 31.41 -11.13 15.10
CA THR D 170 30.99 -11.31 13.67
C THR D 170 30.02 -10.18 13.29
N MET D 171 30.28 -9.57 12.12
CA MET D 171 29.48 -8.48 11.53
C MET D 171 28.93 -8.97 10.18
N THR D 172 27.64 -8.74 9.94
CA THR D 172 26.96 -9.09 8.68
C THR D 172 27.04 -7.87 7.75
N LEU D 173 27.68 -8.02 6.60
CA LEU D 173 27.87 -6.95 5.58
C LEU D 173 26.94 -7.24 4.39
N ARG D 174 26.23 -6.22 3.87
CA ARG D 174 25.56 -6.26 2.54
C ARG D 174 26.66 -6.11 1.47
N LEU D 175 26.65 -7.01 0.48
CA LEU D 175 27.67 -7.08 -0.59
C LEU D 175 27.08 -6.50 -1.87
N GLU D 176 27.96 -6.25 -2.84
CA GLU D 176 27.62 -5.97 -4.25
C GLU D 176 28.29 -7.04 -5.09
N PRO D 177 27.90 -7.17 -6.38
CA PRO D 177 28.75 -7.88 -7.34
C PRO D 177 30.16 -7.26 -7.35
N ALA D 178 31.21 -8.09 -7.38
CA ALA D 178 32.62 -7.71 -7.61
C ALA D 178 32.73 -6.90 -8.91
N PHE D 179 33.48 -5.80 -8.88
CA PHE D 179 33.59 -4.84 -10.01
C PHE D 179 35.06 -4.44 -10.17
N GLN D 180 35.41 -4.14 -11.41
CA GLN D 180 36.70 -3.53 -11.80
C GLN D 180 36.61 -2.02 -11.54
N VAL D 181 37.76 -1.37 -11.37
CA VAL D 181 37.90 0.09 -11.12
C VAL D 181 39.20 0.54 -11.78
N ARG D 182 39.16 1.67 -12.49
CA ARG D 182 40.39 2.35 -12.99
C ARG D 182 40.62 3.59 -12.13
N GLN D 183 41.87 4.03 -12.08
CA GLN D 183 42.31 5.12 -11.18
C GLN D 183 43.37 5.97 -11.88
N ARG D 184 43.10 7.27 -12.01
CA ARG D 184 44.00 8.31 -12.61
C ARG D 184 44.25 9.43 -11.60
N VAL D 185 45.53 9.76 -11.40
CA VAL D 185 46.02 10.94 -10.61
C VAL D 185 46.29 12.10 -11.57
N TYR D 186 45.69 13.25 -11.32
CA TYR D 186 46.01 14.53 -12.00
C TYR D 186 46.78 15.39 -11.00
N GLU D 187 47.75 16.16 -11.50
CA GLU D 187 48.62 17.05 -10.67
C GLU D 187 48.18 18.51 -10.84
N ASN D 188 48.30 19.27 -9.75
CA ASN D 188 48.24 20.75 -9.78
C ASN D 188 46.92 21.17 -10.40
N LEU D 189 45.82 20.96 -9.68
CA LEU D 189 44.55 21.68 -9.96
C LEU D 189 44.62 23.03 -9.24
N PRO D 190 44.18 24.15 -9.86
CA PRO D 190 44.03 25.42 -9.13
C PRO D 190 43.01 25.36 -7.99
N ALA D 191 43.39 25.85 -6.81
CA ALA D 191 42.56 25.97 -5.59
C ALA D 191 41.28 26.77 -5.87
N GLU D 192 41.33 27.71 -6.82
CA GLU D 192 40.18 28.57 -7.20
C GLU D 192 39.09 27.68 -7.84
N ALA D 193 39.52 26.67 -8.62
CA ALA D 193 38.63 25.75 -9.38
C ALA D 193 37.59 25.09 -8.47
N LEU D 194 37.82 25.05 -7.14
CA LEU D 194 36.87 24.50 -6.15
C LEU D 194 35.73 25.49 -5.86
N ASP D 195 35.97 26.80 -6.01
CA ASP D 195 34.98 27.82 -5.58
C ASP D 195 33.71 27.69 -6.43
N ASP D 196 33.84 27.23 -7.68
CA ASP D 196 32.73 27.08 -8.66
C ASP D 196 32.51 25.60 -9.00
N HIS D 197 33.55 24.75 -8.96
CA HIS D 197 33.53 23.36 -9.51
C HIS D 197 33.83 22.30 -8.43
N PHE D 198 33.56 22.56 -7.14
CA PHE D 198 33.75 21.53 -6.08
C PHE D 198 32.90 20.31 -6.43
N ASP D 199 31.58 20.53 -6.48
CA ASP D 199 30.55 19.49 -6.69
C ASP D 199 30.85 18.74 -7.99
N GLU D 200 31.23 19.45 -9.06
CA GLU D 200 31.48 18.84 -10.39
C GLU D 200 32.70 17.92 -10.33
N ILE D 201 33.69 18.26 -9.48
CA ILE D 201 34.99 17.52 -9.38
C ILE D 201 34.77 16.25 -8.56
N MET D 202 34.24 16.40 -7.34
CA MET D 202 33.99 15.28 -6.41
C MET D 202 33.03 14.26 -7.06
N ALA D 203 32.24 14.68 -8.06
CA ALA D 203 31.28 13.83 -8.80
C ALA D 203 31.88 13.30 -10.11
N SER D 204 33.16 13.57 -10.38
CA SER D 204 33.83 13.22 -11.67
C SER D 204 34.33 11.77 -11.62
N GLY D 205 34.09 11.08 -10.52
CA GLY D 205 34.43 9.64 -10.33
C GLY D 205 33.46 8.93 -9.38
N TYR D 206 33.73 7.64 -9.13
CA TYR D 206 33.07 6.82 -8.08
C TYR D 206 33.53 7.33 -6.70
N SER D 207 34.85 7.41 -6.52
CA SER D 207 35.55 7.98 -5.35
C SER D 207 36.56 8.98 -5.89
N VAL D 208 36.60 10.18 -5.33
CA VAL D 208 37.60 11.21 -5.68
C VAL D 208 38.19 11.76 -4.39
N SER D 209 39.51 12.00 -4.41
CA SER D 209 40.30 12.55 -3.28
C SER D 209 41.02 13.82 -3.74
N LEU D 210 40.98 14.87 -2.93
CA LEU D 210 41.80 16.09 -3.13
C LEU D 210 42.94 16.12 -2.11
N PHE D 211 44.18 16.01 -2.59
CA PHE D 211 45.42 16.13 -1.78
C PHE D 211 46.02 17.52 -1.97
N THR D 212 46.17 18.30 -0.89
CA THR D 212 46.82 19.64 -0.86
C THR D 212 47.87 19.66 0.27
N ASP D 213 49.06 20.22 -0.01
CA ASP D 213 50.14 20.44 0.99
C ASP D 213 49.91 21.77 1.73
N TRP D 214 48.79 22.46 1.47
CA TRP D 214 48.41 23.77 2.05
C TRP D 214 49.56 24.78 1.95
N ARG D 215 50.41 24.57 0.94
CA ARG D 215 51.41 25.57 0.46
C ARG D 215 50.86 26.22 -0.83
N GLY D 216 50.71 27.55 -0.82
CA GLY D 216 50.24 28.35 -1.97
C GLY D 216 48.77 28.14 -2.26
N ASP D 217 48.41 28.19 -3.55
CA ASP D 217 47.02 28.06 -4.05
C ASP D 217 46.97 26.96 -5.12
N ARG D 218 47.45 25.75 -4.78
CA ARG D 218 47.37 24.56 -5.67
C ARG D 218 47.00 23.29 -4.88
N ILE D 219 46.03 22.54 -5.39
CA ILE D 219 45.74 21.12 -5.01
C ILE D 219 46.84 20.26 -5.68
N ARG D 220 47.87 19.88 -4.90
CA ARG D 220 49.06 19.08 -5.31
C ARG D 220 48.65 17.98 -6.29
N GLN D 221 47.70 17.13 -5.86
CA GLN D 221 47.21 15.93 -6.60
C GLN D 221 45.69 15.80 -6.42
N VAL D 222 45.03 15.27 -7.44
CA VAL D 222 43.60 14.85 -7.38
C VAL D 222 43.49 13.45 -7.97
N TRP D 223 43.13 12.47 -7.12
CA TRP D 223 42.97 11.04 -7.50
C TRP D 223 41.50 10.83 -7.87
N VAL D 224 41.26 10.42 -9.11
CA VAL D 224 39.89 10.21 -9.65
C VAL D 224 39.75 8.74 -9.98
N LYS D 225 38.92 8.03 -9.20
CA LYS D 225 38.66 6.56 -9.27
C LYS D 225 37.25 6.32 -9.82
N GLU D 226 37.17 5.58 -10.92
CA GLU D 226 35.92 5.37 -11.69
C GLU D 226 35.58 3.89 -11.62
N ARG D 227 34.29 3.55 -11.55
CA ARG D 227 33.78 2.19 -11.80
C ARG D 227 33.86 1.94 -13.32
N VAL D 228 34.02 0.69 -13.76
CA VAL D 228 34.07 0.31 -15.21
C VAL D 228 32.64 0.20 -15.78
N PRO D 240 34.07 13.84 -16.60
CA PRO D 240 35.45 14.30 -16.51
C PRO D 240 35.46 15.83 -16.43
N VAL D 241 36.20 16.40 -15.47
CA VAL D 241 36.25 17.87 -15.26
C VAL D 241 37.68 18.34 -14.95
N VAL D 242 38.47 17.59 -14.19
CA VAL D 242 39.68 18.17 -13.55
C VAL D 242 40.76 18.43 -14.61
N ALA D 243 40.82 17.60 -15.67
CA ALA D 243 41.76 17.74 -16.81
C ALA D 243 41.56 19.11 -17.47
N ALA D 244 40.30 19.43 -17.77
CA ALA D 244 39.82 20.68 -18.40
C ALA D 244 40.04 21.88 -17.46
N LEU D 245 39.95 21.71 -16.13
CA LEU D 245 40.06 22.81 -15.15
C LEU D 245 41.54 23.13 -14.83
N GLY D 246 42.49 22.51 -15.55
CA GLY D 246 43.90 22.96 -15.55
C GLY D 246 44.88 21.99 -14.90
N ALA D 247 44.41 20.89 -14.31
CA ALA D 247 45.30 19.87 -13.71
C ALA D 247 45.82 18.96 -14.84
N THR D 248 47.11 18.62 -14.80
CA THR D 248 47.79 17.81 -15.85
C THR D 248 47.79 16.34 -15.41
N PRO D 249 47.58 15.36 -16.33
CA PRO D 249 47.74 13.95 -15.99
C PRO D 249 49.18 13.62 -15.58
N ALA D 250 49.37 12.72 -14.60
CA ALA D 250 50.70 12.30 -14.09
C ALA D 250 51.36 11.38 -15.10
N ASP D 251 52.68 11.50 -15.31
CA ASP D 251 53.42 10.66 -16.29
C ASP D 251 53.51 9.24 -15.71
N GLY D 252 53.87 9.11 -14.41
CA GLY D 252 54.10 7.82 -13.74
C GLY D 252 53.51 7.73 -12.33
N PRO D 253 53.53 6.52 -11.71
CA PRO D 253 53.01 6.29 -10.35
C PRO D 253 53.28 7.42 -9.35
N ARG D 254 52.32 7.68 -8.45
CA ARG D 254 52.38 8.82 -7.49
C ARG D 254 51.98 8.36 -6.08
N HIS D 255 52.47 9.09 -5.07
CA HIS D 255 52.15 8.93 -3.63
C HIS D 255 51.65 10.27 -3.10
N PRO D 256 50.48 10.28 -2.40
CA PRO D 256 49.89 11.52 -1.88
C PRO D 256 50.81 12.48 -1.09
N VAL D 257 51.86 11.96 -0.45
CA VAL D 257 52.82 12.74 0.41
C VAL D 257 54.13 12.93 -0.36
N PRO D 258 54.71 14.16 -0.36
CA PRO D 258 55.99 14.40 -1.04
C PRO D 258 57.08 13.49 -0.46
N GLY D 259 57.91 12.89 -1.32
CA GLY D 259 59.14 12.18 -0.93
C GLY D 259 58.92 10.70 -0.68
N MET D 260 57.72 10.29 -0.22
CA MET D 260 57.38 8.86 0.06
C MET D 260 57.22 8.13 -1.28
N PRO D 261 57.59 6.84 -1.37
CA PRO D 261 57.65 6.14 -2.65
C PRO D 261 56.30 5.70 -3.24
N ALA D 262 56.11 5.88 -4.55
CA ALA D 262 54.89 5.53 -5.31
C ALA D 262 54.63 4.01 -5.27
N ALA D 263 55.66 3.21 -4.99
CA ALA D 263 55.56 1.73 -4.93
C ALA D 263 54.48 1.30 -3.92
N ASN D 264 54.35 2.02 -2.80
CA ASN D 264 53.43 1.72 -1.64
C ASN D 264 51.95 1.79 -2.06
N CYS D 265 51.65 2.46 -3.18
CA CYS D 265 50.27 2.87 -3.56
C CYS D 265 49.68 1.97 -4.64
N THR D 266 48.37 1.73 -4.53
CA THR D 266 47.55 0.99 -5.52
C THR D 266 47.92 1.45 -6.93
N GLU D 267 47.77 0.57 -7.92
CA GLU D 267 48.15 0.85 -9.34
C GLU D 267 47.23 1.95 -9.91
N GLN D 268 47.86 2.98 -10.50
CA GLN D 268 47.22 4.20 -11.09
C GLN D 268 47.32 4.13 -12.62
N LEU D 269 47.40 5.29 -13.31
CA LEU D 269 47.58 5.39 -14.79
C LEU D 269 46.40 4.73 -15.53
N GLY D 270 45.22 4.69 -14.90
CA GLY D 270 43.95 4.28 -15.53
C GLY D 270 43.91 2.81 -15.86
N VAL D 271 44.84 2.00 -15.33
CA VAL D 271 44.91 0.52 -15.55
C VAL D 271 43.76 -0.10 -14.77
N PRO D 272 42.72 -0.67 -15.44
CA PRO D 272 41.57 -1.20 -14.70
C PRO D 272 42.09 -2.30 -13.76
N GLY D 273 41.48 -2.43 -12.58
CA GLY D 273 41.85 -3.47 -11.61
C GLY D 273 40.67 -3.87 -10.72
N PRO D 274 40.81 -4.95 -9.92
CA PRO D 274 39.77 -5.33 -8.97
C PRO D 274 39.64 -4.25 -7.88
N TRP D 275 38.39 -3.90 -7.56
CA TRP D 275 37.96 -2.85 -6.60
C TRP D 275 38.89 -2.79 -5.38
N HIS D 276 39.22 -3.92 -4.78
CA HIS D 276 39.98 -3.99 -3.51
C HIS D 276 41.45 -3.63 -3.75
N GLU D 277 41.90 -3.62 -5.00
CA GLU D 277 43.29 -3.23 -5.40
C GLU D 277 43.28 -1.81 -5.99
N ARG D 278 42.20 -1.05 -5.81
CA ARG D 278 42.00 0.28 -6.46
C ARG D 278 41.41 1.29 -5.48
N LEU D 279 40.31 0.97 -4.79
CA LEU D 279 39.60 1.92 -3.91
C LEU D 279 40.50 2.42 -2.77
N PRO D 280 41.33 1.58 -2.12
CA PRO D 280 42.34 2.08 -1.18
C PRO D 280 43.51 2.72 -1.94
N HIS D 281 44.26 3.61 -1.28
CA HIS D 281 45.45 4.29 -1.84
C HIS D 281 46.69 3.37 -1.78
N PHE D 282 46.72 2.42 -0.82
CA PHE D 282 47.92 1.61 -0.45
C PHE D 282 47.70 0.11 -0.66
N GLU D 293 53.74 9.54 11.67
CA GLU D 293 52.56 10.41 11.34
C GLU D 293 51.50 10.46 12.47
N LEU D 294 50.94 11.64 12.73
CA LEU D 294 49.67 11.83 13.47
C LEU D 294 48.54 12.15 12.48
N GLN D 295 47.29 12.07 12.94
CA GLN D 295 46.08 12.25 12.09
C GLN D 295 44.96 12.92 12.89
N ALA D 296 44.35 13.92 12.26
CA ALA D 296 43.04 14.51 12.58
C ALA D 296 42.21 14.55 11.29
N GLU D 297 40.89 14.45 11.42
CA GLU D 297 39.91 14.67 10.33
C GLU D 297 38.70 15.33 10.95
N TYR D 298 38.21 16.36 10.28
CA TYR D 298 36.96 17.07 10.62
C TYR D 298 35.98 16.83 9.46
N LEU D 299 34.75 16.51 9.86
CA LEU D 299 33.68 16.10 8.93
C LEU D 299 32.52 17.09 9.08
N LEU D 300 32.23 17.78 7.96
CA LEU D 300 31.43 19.03 7.85
C LEU D 300 30.23 18.76 6.94
N PRO D 301 29.08 19.46 7.16
CA PRO D 301 28.00 19.46 6.17
C PRO D 301 28.58 19.84 4.80
N ARG D 302 28.15 19.19 3.71
CA ARG D 302 28.86 19.22 2.40
C ARG D 302 28.85 20.65 1.82
N ARG D 303 27.84 21.44 2.18
CA ARG D 303 27.56 22.81 1.67
C ARG D 303 28.64 23.80 2.14
N HIS D 304 29.32 23.49 3.23
CA HIS D 304 30.40 24.34 3.80
C HIS D 304 31.76 23.99 3.17
N ALA D 305 31.81 23.08 2.18
CA ALA D 305 33.08 22.61 1.54
C ALA D 305 33.95 23.80 1.17
N VAL D 306 33.42 24.74 0.37
CA VAL D 306 34.18 25.92 -0.14
C VAL D 306 34.43 26.90 1.02
N ALA D 307 33.38 27.29 1.76
CA ALA D 307 33.50 28.21 2.92
C ALA D 307 34.64 27.73 3.82
N ALA D 308 34.60 26.46 4.20
CA ALA D 308 35.63 25.80 5.04
C ALA D 308 36.98 25.89 4.34
N PHE D 309 37.05 25.43 3.09
CA PHE D 309 38.33 25.34 2.33
C PHE D 309 39.03 26.70 2.37
N HIS D 310 38.27 27.81 2.36
CA HIS D 310 38.80 29.20 2.53
C HIS D 310 39.23 29.38 4.01
N ALA D 311 38.34 29.24 4.99
CA ALA D 311 38.68 29.35 6.43
C ALA D 311 40.03 28.67 6.73
N LEU D 312 40.33 27.52 6.09
CA LEU D 312 41.59 26.73 6.29
C LEU D 312 42.75 27.38 5.55
N ALA D 313 42.56 27.85 4.31
CA ALA D 313 43.56 28.64 3.55
C ALA D 313 43.98 29.85 4.41
N GLY D 314 43.04 30.39 5.21
CA GLY D 314 43.21 31.56 6.08
C GLY D 314 44.08 31.30 7.30
N ILE D 315 44.52 30.04 7.49
CA ILE D 315 45.54 29.63 8.51
C ILE D 315 46.48 28.56 7.90
N ALA D 316 46.68 28.57 6.57
CA ALA D 316 47.50 27.59 5.81
C ALA D 316 48.98 27.70 6.20
N ASP D 317 49.39 28.83 6.78
CA ASP D 317 50.79 29.10 7.21
C ASP D 317 51.13 28.29 8.47
N ARG D 318 50.16 28.02 9.37
CA ARG D 318 50.34 27.17 10.57
C ARG D 318 50.20 25.68 10.23
N ILE D 319 49.39 25.33 9.24
CA ILE D 319 49.14 23.92 8.83
C ILE D 319 50.40 23.38 8.13
N ALA D 320 50.74 23.91 6.95
CA ALA D 320 51.75 23.38 5.99
C ALA D 320 53.06 23.02 6.66
N PRO D 321 53.58 23.82 7.64
CA PRO D 321 54.83 23.49 8.32
C PRO D 321 54.88 22.09 8.94
N VAL D 322 53.79 21.67 9.59
CA VAL D 322 53.71 20.41 10.41
C VAL D 322 52.88 19.35 9.69
N LEU D 323 52.75 19.41 8.35
CA LEU D 323 51.82 18.57 7.54
C LEU D 323 52.58 17.77 6.49
N HIS D 324 52.22 16.48 6.35
CA HIS D 324 52.64 15.56 5.26
C HIS D 324 51.80 15.84 4.01
N ILE D 325 50.47 15.86 4.21
CA ILE D 325 49.41 16.06 3.18
C ILE D 325 48.05 16.15 3.88
N SER D 326 47.11 16.89 3.29
CA SER D 326 45.69 16.98 3.72
C SER D 326 44.83 16.33 2.63
N GLU D 327 43.77 15.59 3.02
CA GLU D 327 42.89 14.85 2.07
C GLU D 327 41.43 15.29 2.24
N ILE D 328 40.87 15.84 1.16
CA ILE D 328 39.46 16.27 1.09
C ILE D 328 38.67 15.21 0.32
N ARG D 329 37.59 14.74 0.96
CA ARG D 329 36.72 13.68 0.41
C ARG D 329 35.27 14.01 0.77
N THR D 330 34.36 13.32 0.08
CA THR D 330 32.89 13.41 0.28
C THR D 330 32.37 12.05 0.76
N VAL D 331 31.38 12.07 1.64
CA VAL D 331 30.75 10.84 2.21
C VAL D 331 29.27 11.12 2.40
N ALA D 332 28.43 10.18 1.95
CA ALA D 332 26.95 10.22 2.04
C ALA D 332 26.49 10.09 3.50
N ALA D 333 25.37 10.71 3.84
CA ALA D 333 24.74 10.65 5.19
C ALA D 333 24.27 9.22 5.48
N ASP D 334 24.24 8.89 6.78
CA ASP D 334 23.66 7.64 7.33
C ASP D 334 22.80 8.01 8.54
N ASP D 335 22.27 7.02 9.27
CA ASP D 335 21.38 7.20 10.45
C ASP D 335 22.00 6.56 11.71
N LEU D 336 23.31 6.31 11.69
CA LEU D 336 24.07 5.66 12.78
C LEU D 336 24.50 6.71 13.80
N TRP D 337 24.02 6.58 15.04
CA TRP D 337 23.84 7.70 16.01
C TRP D 337 25.13 8.49 16.23
N LEU D 338 26.29 7.83 16.33
CA LEU D 338 27.61 8.50 16.52
C LEU D 338 28.48 8.36 15.26
N SER D 339 27.89 8.08 14.09
CA SER D 339 28.61 8.27 12.81
C SER D 339 28.87 9.77 12.68
N PRO D 340 30.07 10.18 12.22
CA PRO D 340 30.27 11.55 11.76
C PRO D 340 29.34 11.96 10.61
N PHE D 341 28.76 11.00 9.87
CA PHE D 341 27.87 11.28 8.71
C PHE D 341 26.40 11.19 9.13
N HIS D 342 26.10 11.28 10.43
CA HIS D 342 24.71 11.12 10.96
C HIS D 342 23.82 12.24 10.45
N GLY D 343 22.91 11.90 9.52
CA GLY D 343 21.87 12.82 8.99
C GLY D 343 22.44 14.08 8.36
N ARG D 344 23.53 13.97 7.58
CA ARG D 344 24.03 15.05 6.70
C ARG D 344 25.10 14.55 5.73
N ASN D 345 24.91 14.71 4.42
CA ASN D 345 25.98 14.42 3.44
C ASN D 345 27.21 15.16 3.96
N THR D 346 28.42 14.73 3.60
CA THR D 346 29.62 15.22 4.30
C THR D 346 30.78 15.50 3.33
N VAL D 347 31.50 16.56 3.69
CA VAL D 347 32.83 16.92 3.16
C VAL D 347 33.85 16.59 4.27
N ALA D 348 34.78 15.69 3.95
CA ALA D 348 35.87 15.26 4.87
C ALA D 348 37.09 16.16 4.64
N PHE D 349 37.61 16.75 5.73
CA PHE D 349 38.90 17.47 5.78
C PHE D 349 39.87 16.71 6.68
N HIS D 350 40.78 15.97 6.05
CA HIS D 350 41.78 15.11 6.72
C HIS D 350 43.16 15.76 6.68
N PHE D 351 43.97 15.48 7.71
CA PHE D 351 45.31 16.04 7.93
C PHE D 351 46.22 14.98 8.53
N THR D 352 46.97 14.28 7.66
CA THR D 352 48.15 13.46 8.01
C THR D 352 49.28 14.41 8.42
N TRP D 353 49.52 14.55 9.72
CA TRP D 353 50.52 15.46 10.33
C TRP D 353 51.91 14.80 10.43
N LYS D 354 52.95 15.61 10.64
CA LYS D 354 54.32 15.15 11.03
C LYS D 354 54.33 14.88 12.54
N PRO D 355 55.04 13.82 13.01
CA PRO D 355 54.75 13.23 14.31
C PRO D 355 55.18 14.07 15.53
N ASP D 356 54.71 15.32 15.64
CA ASP D 356 55.13 16.28 16.71
C ASP D 356 53.88 16.69 17.51
N GLU D 357 53.38 15.81 18.38
CA GLU D 357 52.02 15.91 18.96
C GLU D 357 51.82 17.28 19.61
N ALA D 358 52.85 17.82 20.29
CA ALA D 358 52.79 19.11 21.04
C ALA D 358 52.48 20.26 20.07
N ALA D 359 53.13 20.24 18.90
CA ALA D 359 52.98 21.22 17.79
C ALA D 359 51.59 21.10 17.16
N VAL D 360 51.20 19.88 16.75
CA VAL D 360 49.89 19.55 16.11
C VAL D 360 48.73 20.01 17.02
N ARG D 361 48.83 19.85 18.35
CA ARG D 361 47.74 20.18 19.32
C ARG D 361 47.46 21.68 19.31
N GLU D 362 48.49 22.51 19.04
CA GLU D 362 48.36 24.00 18.89
C GLU D 362 47.54 24.28 17.63
N VAL D 363 47.94 23.69 16.50
CA VAL D 363 47.33 23.82 15.14
C VAL D 363 45.84 23.41 15.23
N LEU D 364 45.55 22.26 15.82
CA LEU D 364 44.16 21.72 15.95
C LEU D 364 43.31 22.70 16.78
N SER D 365 43.77 23.18 17.93
CA SER D 365 43.01 24.17 18.74
C SER D 365 42.57 25.37 17.87
N LEU D 366 43.43 25.89 16.98
CA LEU D 366 43.10 27.01 16.04
C LEU D 366 42.16 26.51 14.94
N MET D 367 42.46 25.35 14.34
CA MET D 367 41.64 24.69 13.28
C MET D 367 40.19 24.53 13.75
N GLU D 368 40.00 23.98 14.96
CA GLU D 368 38.67 23.76 15.59
C GLU D 368 37.97 25.10 15.81
N GLU D 369 38.71 26.19 15.99
CA GLU D 369 38.12 27.54 16.14
C GLU D 369 37.66 28.04 14.77
N VAL D 370 38.51 27.94 13.72
CA VAL D 370 38.15 28.46 12.35
C VAL D 370 36.99 27.61 11.79
N LEU D 371 36.92 26.31 12.12
CA LEU D 371 35.91 25.39 11.53
C LEU D 371 34.64 25.36 12.39
N ALA D 372 34.63 25.96 13.59
CA ALA D 372 33.52 25.91 14.56
C ALA D 372 32.19 26.27 13.91
N PRO D 373 32.08 27.35 13.11
CA PRO D 373 30.79 27.74 12.52
C PRO D 373 30.17 26.65 11.64
N PHE D 374 30.99 25.79 11.02
CA PHE D 374 30.55 24.69 10.13
C PHE D 374 30.12 23.44 10.94
N GLU D 375 29.91 23.59 12.26
CA GLU D 375 29.50 22.54 13.24
C GLU D 375 30.23 21.22 12.97
N PRO D 376 31.57 21.18 12.95
CA PRO D 376 32.32 20.02 12.49
C PRO D 376 32.31 18.89 13.52
N ARG D 377 32.29 17.66 13.01
CA ARG D 377 32.48 16.45 13.84
C ARG D 377 33.88 15.94 13.59
N PRO D 378 34.60 15.53 14.66
CA PRO D 378 35.91 14.91 14.55
C PRO D 378 35.79 13.42 14.22
N HIS D 379 36.69 12.92 13.38
CA HIS D 379 36.94 11.47 13.23
C HIS D 379 37.28 10.93 14.61
N TRP D 380 36.47 10.01 15.12
CA TRP D 380 36.54 9.44 16.50
C TRP D 380 37.91 8.81 16.76
N GLY D 381 38.52 8.24 15.71
CA GLY D 381 39.77 7.46 15.77
C GLY D 381 41.01 8.27 15.46
N LYS D 382 40.83 9.56 15.13
CA LYS D 382 41.95 10.51 14.89
C LYS D 382 41.92 11.58 15.99
N LEU D 383 42.95 12.44 16.01
CA LEU D 383 43.17 13.43 17.09
C LEU D 383 42.10 14.50 17.02
N PHE D 384 41.87 15.17 18.14
CA PHE D 384 40.97 16.36 18.26
C PHE D 384 40.97 16.82 19.71
N ALA D 385 40.59 18.07 19.95
CA ALA D 385 40.52 18.70 21.29
C ALA D 385 39.15 19.38 21.50
N ILE D 386 38.13 18.96 20.75
CA ILE D 386 36.78 19.59 20.88
C ILE D 386 36.23 19.12 22.21
N PRO D 387 35.97 20.04 23.16
CA PRO D 387 35.41 19.66 24.46
C PRO D 387 34.12 18.88 24.34
N PRO D 388 33.80 18.00 25.31
CA PRO D 388 32.57 17.20 25.32
C PRO D 388 31.28 18.02 25.14
N LYS D 389 31.03 18.98 26.02
CA LYS D 389 29.77 19.76 26.03
C LYS D 389 29.38 20.11 24.58
N VAL D 390 30.37 20.53 23.78
CA VAL D 390 30.23 20.98 22.36
C VAL D 390 30.01 19.76 21.46
N LEU D 391 30.89 18.76 21.57
CA LEU D 391 30.93 17.53 20.72
C LEU D 391 29.61 16.77 20.84
N ARG D 392 29.01 16.77 22.03
CA ARG D 392 27.73 16.06 22.32
C ARG D 392 26.55 16.81 21.67
N SER D 393 26.63 18.13 21.58
CA SER D 393 25.57 18.98 20.99
C SER D 393 25.57 18.86 19.46
N ARG D 394 26.66 18.34 18.87
CA ARG D 394 26.77 18.13 17.41
C ARG D 394 26.31 16.71 17.03
N TYR D 395 25.79 15.95 17.98
CA TYR D 395 25.22 14.58 17.79
C TYR D 395 23.82 14.57 18.42
N ASP D 396 22.78 14.48 17.57
CA ASP D 396 21.36 14.54 18.02
C ASP D 396 21.08 13.33 18.93
N ARG D 397 21.61 12.14 18.57
CA ARG D 397 21.24 10.82 19.15
C ARG D 397 22.33 10.29 20.09
N ILE D 398 22.95 11.16 20.90
CA ILE D 398 23.97 10.79 21.94
C ILE D 398 23.25 10.13 23.13
N GLY D 399 22.15 10.74 23.61
CA GLY D 399 21.35 10.26 24.76
C GLY D 399 20.83 8.84 24.54
N ASP D 400 20.41 8.54 23.32
CA ASP D 400 20.00 7.17 22.90
C ASP D 400 21.22 6.25 22.95
N PHE D 401 22.40 6.69 22.53
CA PHE D 401 23.59 5.80 22.53
C PHE D 401 24.05 5.59 23.98
N ARG D 402 23.90 6.61 24.81
CA ARG D 402 24.25 6.51 26.25
C ARG D 402 23.33 5.49 26.94
N ALA D 403 22.04 5.43 26.59
CA ALA D 403 21.07 4.49 27.19
C ALA D 403 21.25 3.04 26.68
N LEU D 404 21.86 2.85 25.51
CA LEU D 404 22.16 1.52 24.91
C LEU D 404 23.40 0.91 25.56
N ALA D 405 24.43 1.71 25.84
CA ALA D 405 25.64 1.24 26.58
C ALA D 405 25.22 0.83 27.99
N ARG D 406 24.38 1.60 28.68
CA ARG D 406 23.92 1.27 30.08
C ARG D 406 22.99 0.03 30.06
N GLU D 407 22.35 -0.25 28.92
CA GLU D 407 21.48 -1.44 28.70
C GLU D 407 22.35 -2.68 28.44
N LEU D 408 23.45 -2.55 27.68
CA LEU D 408 24.29 -3.72 27.29
C LEU D 408 25.52 -3.90 28.18
N ASP D 409 25.79 -2.97 29.11
CA ASP D 409 27.07 -2.92 29.87
C ASP D 409 26.89 -2.04 31.10
N PRO D 410 25.86 -2.26 31.95
CA PRO D 410 25.60 -1.38 33.10
C PRO D 410 26.81 -1.21 34.03
N SER D 411 27.75 -2.17 34.06
CA SER D 411 28.96 -2.12 34.92
C SER D 411 29.97 -1.14 34.31
N GLY D 412 29.87 -0.90 33.01
CA GLY D 412 30.84 -0.07 32.27
C GLY D 412 32.14 -0.82 32.11
N LYS D 413 32.04 -2.11 31.80
CA LYS D 413 33.22 -2.94 31.48
C LYS D 413 33.97 -2.24 30.35
N PHE D 414 33.26 -1.94 29.25
CA PHE D 414 33.85 -1.51 27.95
C PHE D 414 34.00 0.02 27.90
N ALA D 415 33.69 0.70 29.00
CA ALA D 415 33.87 2.17 29.19
C ALA D 415 35.28 2.41 29.77
N ASN D 416 36.20 2.92 28.95
CA ASN D 416 37.51 3.50 29.38
C ASN D 416 37.34 5.01 29.65
N ALA D 417 38.44 5.76 29.82
CA ALA D 417 38.45 7.21 30.14
C ALA D 417 37.95 7.99 28.91
N PHE D 418 38.43 7.61 27.73
CA PHE D 418 38.04 8.19 26.42
C PHE D 418 36.51 8.27 26.29
N VAL D 419 35.85 7.10 26.28
CA VAL D 419 34.38 6.95 26.02
C VAL D 419 33.61 7.51 27.22
N ALA D 420 34.14 7.41 28.44
CA ALA D 420 33.54 8.07 29.64
C ALA D 420 33.53 9.59 29.44
N HIS D 421 34.70 10.20 29.24
CA HIS D 421 34.89 11.66 29.00
C HIS D 421 33.89 12.13 27.93
N HIS D 422 34.07 11.67 26.69
CA HIS D 422 33.49 12.24 25.44
C HIS D 422 31.99 11.95 25.28
N VAL D 423 31.51 10.77 25.68
CA VAL D 423 30.16 10.25 25.28
C VAL D 423 29.28 9.89 26.50
N LEU D 424 29.80 9.22 27.53
CA LEU D 424 28.98 8.56 28.58
C LEU D 424 28.85 9.42 29.84
N ASP D 425 29.95 9.91 30.42
CA ASP D 425 29.95 10.65 31.72
C ASP D 425 28.97 11.82 31.64
N ASP D 426 28.40 12.24 32.77
CA ASP D 426 27.41 13.36 32.86
C ASP D 426 28.14 14.65 33.25
#